data_9JPS
#
_entry.id   9JPS
#
_cell.length_a   1.00
_cell.length_b   1.00
_cell.length_c   1.00
_cell.angle_alpha   90.00
_cell.angle_beta   90.00
_cell.angle_gamma   90.00
#
_symmetry.space_group_name_H-M   'P 1'
#
_entity_poly.entity_id   1
_entity_poly.type   'polypeptide(L)'
_entity_poly.pdbx_seq_one_letter_code
;MSPILGYWKIKGLVQPTRLLLEYLEEKYEEHLYERDEGDKWRNKKFELGLEFPNLPYYIDGDVKLTQSMAIIRYIADKHN
MLGGCPKERAEISMLEGAVLDIRYGVSRIAYSKDFETLKVDFLSKLPEMLKMFEDRLCHKTYLNGDHVTHPDFMLYDALD
VVLYMDPMCLDAFPKLVCFKKRIEAIPQIDKYLKSSKYIAWPLQGWQATFGGGDHPPKSDLEVLFQGPLGSGGGGGMALV
TVPTATTRLRNFCVFSSVKPLDFCDQYSSPCSSDATVDDGWFVCEYHASRFFKMEKLALAIPDGTGNNYYRTVGKSLVDD
KAEGIERILIPSQNNYETVLNLSLLGPAERLVFYMIYDNKEKQNEICQQLRMYERFRPEVVEELYNSTLRVLALTNPDAY
CAQTNTNESRSFGLSVEDDLAFNVLPTFIQNLIRKCVAPESLTIGTEDLQLRNANTCRITSEGLLASVRLYNSVQPKYLY
GVNENRLQIRNVLQFQGNANALQQKLSRYELYQINIPLFLGKQIISTGR
;
_entity_poly.pdbx_strand_id   A,B,C,D,E,F,G,H
#
# COMPACT_ATOMS: atom_id res chain seq x y z
N LEU A 249 54.13 -26.62 -24.53
CA LEU A 249 54.79 -25.32 -24.61
C LEU A 249 54.49 -24.49 -23.36
N ARG A 250 55.52 -24.22 -22.56
CA ARG A 250 55.36 -23.38 -21.38
C ARG A 250 54.97 -21.96 -21.78
N ASN A 251 55.61 -21.42 -22.82
CA ASN A 251 55.32 -20.08 -23.32
C ASN A 251 54.77 -20.20 -24.74
N PHE A 252 53.60 -19.62 -24.96
CA PHE A 252 52.91 -19.70 -26.24
C PHE A 252 53.17 -18.49 -27.14
N CYS A 253 53.88 -17.48 -26.64
CA CYS A 253 54.14 -16.29 -27.44
C CYS A 253 55.09 -16.63 -28.59
N VAL A 254 54.75 -16.16 -29.79
CA VAL A 254 55.61 -16.42 -30.94
C VAL A 254 56.91 -15.64 -30.83
N PHE A 255 56.90 -14.49 -30.17
CA PHE A 255 58.09 -13.68 -29.96
C PHE A 255 58.87 -14.09 -28.72
N SER A 256 58.42 -15.12 -28.01
CA SER A 256 59.12 -15.55 -26.80
C SER A 256 60.51 -16.08 -27.13
N SER A 257 60.65 -16.79 -28.24
CA SER A 257 61.95 -17.36 -28.62
C SER A 257 62.95 -16.32 -29.06
N VAL A 258 62.54 -15.06 -29.24
CA VAL A 258 63.45 -14.01 -29.68
C VAL A 258 64.43 -13.70 -28.55
N LYS A 259 65.71 -13.87 -28.81
CA LYS A 259 66.77 -13.59 -27.86
C LYS A 259 67.87 -12.83 -28.59
N PRO A 260 68.68 -12.04 -27.88
CA PRO A 260 69.83 -11.41 -28.52
C PRO A 260 70.77 -12.45 -29.11
N LEU A 261 71.19 -12.22 -30.35
CA LEU A 261 71.99 -13.20 -31.07
C LEU A 261 73.47 -13.13 -30.72
N ASP A 262 73.89 -12.16 -29.93
CA ASP A 262 75.28 -12.09 -29.48
C ASP A 262 75.52 -13.09 -28.35
N PHE A 263 76.74 -13.10 -27.82
CA PHE A 263 77.10 -14.00 -26.74
C PHE A 263 76.56 -13.43 -25.43
N CYS A 264 75.32 -13.78 -25.11
CA CYS A 264 74.67 -13.35 -23.89
C CYS A 264 74.63 -14.51 -22.90
N ASP A 265 75.22 -14.30 -21.72
CA ASP A 265 75.22 -15.36 -20.71
C ASP A 265 73.82 -15.65 -20.19
N GLN A 266 73.03 -14.60 -19.93
CA GLN A 266 71.68 -14.76 -19.43
C GLN A 266 70.76 -13.76 -20.11
N TYR A 267 69.49 -14.12 -20.22
CA TYR A 267 68.49 -13.26 -20.83
C TYR A 267 67.12 -13.64 -20.28
N SER A 268 66.30 -12.62 -20.00
CA SER A 268 64.94 -12.82 -19.53
C SER A 268 63.96 -12.33 -20.59
N SER A 269 63.04 -13.20 -20.98
CA SER A 269 62.07 -12.84 -22.00
C SER A 269 61.13 -11.76 -21.48
N PRO A 270 60.83 -10.74 -22.29
CA PRO A 270 59.93 -9.67 -21.85
C PRO A 270 58.45 -10.03 -21.93
N CYS A 271 58.11 -11.29 -22.15
CA CYS A 271 56.71 -11.71 -22.23
C CYS A 271 56.02 -11.51 -20.89
N SER A 272 54.73 -11.16 -20.97
CA SER A 272 53.94 -10.93 -19.77
C SER A 272 53.62 -12.26 -19.08
N SER A 273 53.03 -12.14 -17.88
CA SER A 273 52.68 -13.31 -17.10
C SER A 273 51.56 -14.13 -17.74
N ASP A 274 50.83 -13.56 -18.69
CA ASP A 274 49.74 -14.25 -19.36
C ASP A 274 50.20 -15.04 -20.59
N ALA A 275 51.50 -15.06 -20.88
CA ALA A 275 52.01 -15.79 -22.03
C ALA A 275 51.95 -17.29 -21.85
N THR A 276 51.68 -17.78 -20.64
CA THR A 276 51.67 -19.21 -20.37
C THR A 276 50.35 -19.89 -20.71
N VAL A 277 49.30 -19.12 -21.01
CA VAL A 277 47.99 -19.70 -21.33
C VAL A 277 47.86 -19.81 -22.85
N ASP A 278 47.10 -20.81 -23.28
CA ASP A 278 46.89 -21.07 -24.71
C ASP A 278 45.51 -20.53 -25.07
N ASP A 279 45.44 -19.22 -25.31
CA ASP A 279 44.19 -18.56 -25.67
C ASP A 279 43.99 -18.45 -27.18
N GLY A 280 44.91 -18.98 -27.98
CA GLY A 280 44.82 -18.91 -29.42
C GLY A 280 45.49 -17.72 -30.05
N TRP A 281 45.80 -16.68 -29.27
CA TRP A 281 46.52 -15.53 -29.81
C TRP A 281 47.94 -15.91 -30.22
N PHE A 282 48.60 -16.75 -29.42
CA PHE A 282 50.01 -17.10 -29.59
C PHE A 282 50.92 -15.88 -29.51
N VAL A 283 50.41 -14.78 -28.94
CA VAL A 283 51.18 -13.58 -28.65
C VAL A 283 50.81 -13.12 -27.26
N CYS A 284 51.83 -12.80 -26.45
CA CYS A 284 51.55 -12.30 -25.11
C CYS A 284 50.95 -10.90 -25.18
N GLU A 285 50.31 -10.50 -24.08
CA GLU A 285 49.67 -9.19 -24.04
C GLU A 285 50.68 -8.07 -24.24
N TYR A 286 51.89 -8.24 -23.69
CA TYR A 286 52.93 -7.23 -23.87
C TYR A 286 53.30 -7.09 -25.34
N HIS A 287 53.53 -8.20 -26.04
CA HIS A 287 53.90 -8.13 -27.44
C HIS A 287 52.72 -7.67 -28.30
N ALA A 288 51.50 -8.08 -27.94
CA ALA A 288 50.33 -7.63 -28.68
C ALA A 288 50.16 -6.12 -28.57
N SER A 289 50.38 -5.56 -27.38
CA SER A 289 50.31 -4.12 -27.21
C SER A 289 51.47 -3.41 -27.90
N ARG A 290 52.66 -4.01 -27.87
CA ARG A 290 53.84 -3.35 -28.43
C ARG A 290 53.77 -3.30 -29.96
N PHE A 291 53.35 -4.40 -30.59
CA PHE A 291 53.33 -4.51 -32.04
C PHE A 291 51.96 -4.20 -32.64
N PHE A 292 50.92 -4.90 -32.19
CA PHE A 292 49.59 -4.77 -32.77
C PHE A 292 48.71 -3.78 -32.02
N LYS A 293 49.22 -3.16 -30.95
CA LYS A 293 48.50 -2.14 -30.20
C LYS A 293 47.14 -2.66 -29.68
N MET A 294 47.14 -3.88 -29.16
CA MET A 294 45.95 -4.48 -28.59
C MET A 294 46.24 -5.04 -27.21
N GLU A 295 45.23 -5.03 -26.36
CA GLU A 295 45.26 -5.74 -25.09
C GLU A 295 44.21 -6.84 -25.13
N LYS A 296 44.26 -7.72 -24.14
CA LYS A 296 43.40 -8.91 -24.10
C LYS A 296 42.24 -8.70 -23.13
N LEU A 297 41.04 -9.12 -23.56
CA LEU A 297 39.86 -9.07 -22.73
C LEU A 297 39.11 -10.38 -22.84
N ALA A 298 38.34 -10.71 -21.80
CA ALA A 298 37.54 -11.92 -21.77
C ALA A 298 36.06 -11.57 -21.97
N LEU A 299 35.36 -12.40 -22.72
CA LEU A 299 33.96 -12.20 -23.04
C LEU A 299 33.19 -13.45 -22.64
N ALA A 300 32.34 -13.32 -21.62
CA ALA A 300 31.61 -14.46 -21.07
C ALA A 300 30.20 -14.51 -21.67
N ILE A 301 29.87 -15.63 -22.28
CA ILE A 301 28.54 -15.88 -22.85
C ILE A 301 27.83 -16.87 -21.92
N PRO A 302 26.78 -16.46 -21.23
CA PRO A 302 26.06 -17.40 -20.35
C PRO A 302 24.99 -18.18 -21.10
N ASP A 303 24.97 -19.50 -20.92
CA ASP A 303 23.97 -20.33 -21.58
C ASP A 303 22.60 -20.23 -20.90
N GLY A 304 22.59 -20.03 -19.57
CA GLY A 304 21.36 -19.98 -18.80
C GLY A 304 21.29 -20.97 -17.66
N THR A 305 22.29 -21.84 -17.51
CA THR A 305 22.32 -22.79 -16.41
C THR A 305 23.47 -22.53 -15.43
N GLY A 306 24.34 -21.57 -15.71
CA GLY A 306 25.44 -21.27 -14.84
C GLY A 306 26.79 -21.29 -15.53
N ASN A 307 26.95 -22.22 -16.49
CA ASN A 307 28.19 -22.32 -17.23
C ASN A 307 28.36 -21.12 -18.15
N ASN A 308 29.60 -20.64 -18.25
CA ASN A 308 29.93 -19.49 -19.08
C ASN A 308 30.97 -19.88 -20.11
N TYR A 309 30.69 -19.58 -21.38
CA TYR A 309 31.64 -19.80 -22.46
C TYR A 309 32.49 -18.56 -22.61
N TYR A 310 33.78 -18.68 -22.37
CA TYR A 310 34.70 -17.54 -22.41
C TYR A 310 35.37 -17.47 -23.77
N ARG A 311 35.32 -16.30 -24.39
CA ARG A 311 35.96 -16.04 -25.67
C ARG A 311 36.88 -14.84 -25.53
N THR A 312 38.12 -14.98 -26.00
CA THR A 312 39.06 -13.88 -25.96
C THR A 312 38.69 -12.82 -27.00
N VAL A 313 39.03 -11.57 -26.69
CA VAL A 313 38.71 -10.46 -27.58
C VAL A 313 39.81 -9.41 -27.44
N GLY A 314 40.05 -8.65 -28.51
CA GLY A 314 41.06 -7.62 -28.50
C GLY A 314 40.48 -6.26 -28.15
N LYS A 315 41.15 -5.57 -27.23
CA LYS A 315 40.81 -4.21 -26.86
C LYS A 315 41.80 -3.27 -27.54
N SER A 316 41.28 -2.33 -28.32
CA SER A 316 42.13 -1.43 -29.10
C SER A 316 42.77 -0.37 -28.20
N LEU A 317 44.07 -0.16 -28.40
CA LEU A 317 44.81 0.88 -27.69
C LEU A 317 44.99 2.14 -28.54
N VAL A 318 44.35 2.19 -29.70
CA VAL A 318 44.49 3.34 -30.59
C VAL A 318 43.60 4.46 -30.09
N ASP A 319 44.19 5.63 -29.88
CA ASP A 319 43.44 6.79 -29.42
C ASP A 319 42.67 7.42 -30.59
N ASP A 320 41.66 8.23 -30.24
CA ASP A 320 40.87 8.90 -31.26
C ASP A 320 41.69 9.93 -32.02
N LYS A 321 42.75 10.47 -31.41
CA LYS A 321 43.59 11.46 -32.08
C LYS A 321 44.49 10.81 -33.13
N ALA A 322 44.74 9.51 -33.04
CA ALA A 322 45.58 8.84 -34.01
C ALA A 322 44.93 8.84 -35.39
N GLU A 323 45.76 9.00 -36.42
CA GLU A 323 45.27 9.09 -37.79
C GLU A 323 46.18 8.30 -38.72
N GLY A 324 45.58 7.78 -39.79
CA GLY A 324 46.37 7.11 -40.81
C GLY A 324 47.01 5.82 -40.31
N ILE A 325 48.32 5.71 -40.50
CA ILE A 325 49.04 4.49 -40.16
C ILE A 325 48.95 4.20 -38.67
N GLU A 326 48.76 5.23 -37.84
CA GLU A 326 48.62 5.03 -36.40
C GLU A 326 47.35 4.27 -36.04
N ARG A 327 46.38 4.19 -36.96
CA ARG A 327 45.13 3.48 -36.71
C ARG A 327 45.17 2.03 -37.14
N ILE A 328 46.29 1.57 -37.71
CA ILE A 328 46.40 0.20 -38.19
C ILE A 328 46.71 -0.70 -37.00
N LEU A 329 45.75 -1.54 -36.61
CA LEU A 329 45.97 -2.45 -35.50
C LEU A 329 46.84 -3.62 -35.90
N ILE A 330 46.41 -4.39 -36.90
CA ILE A 330 47.17 -5.53 -37.41
C ILE A 330 47.53 -5.21 -38.86
N PRO A 331 48.79 -4.91 -39.16
CA PRO A 331 49.16 -4.65 -40.56
C PRO A 331 49.04 -5.91 -41.40
N SER A 332 48.63 -5.72 -42.65
CA SER A 332 48.53 -6.82 -43.59
C SER A 332 49.89 -7.08 -44.24
N GLN A 333 49.96 -8.15 -45.02
CA GLN A 333 51.20 -8.49 -45.71
C GLN A 333 51.61 -7.46 -46.74
N ASN A 334 50.72 -6.54 -47.11
CA ASN A 334 51.06 -5.53 -48.10
C ASN A 334 52.01 -4.48 -47.55
N ASN A 335 51.76 -4.01 -46.32
CA ASN A 335 52.51 -2.90 -45.76
C ASN A 335 52.87 -3.16 -44.30
N TYR A 336 53.21 -4.41 -43.97
CA TYR A 336 53.60 -4.71 -42.58
C TYR A 336 54.99 -4.18 -42.26
N GLU A 337 55.88 -4.11 -43.25
CA GLU A 337 57.23 -3.64 -43.00
C GLU A 337 57.23 -2.19 -42.50
N THR A 338 56.44 -1.33 -43.13
CA THR A 338 56.42 0.07 -42.73
C THR A 338 55.69 0.27 -41.41
N VAL A 339 54.60 -0.49 -41.19
CA VAL A 339 53.82 -0.33 -39.97
C VAL A 339 54.62 -0.80 -38.76
N LEU A 340 55.24 -1.97 -38.87
CA LEU A 340 55.98 -2.54 -37.76
C LEU A 340 57.42 -2.06 -37.66
N ASN A 341 57.88 -1.27 -38.63
CA ASN A 341 59.26 -0.78 -38.69
C ASN A 341 60.25 -1.94 -38.62
N LEU A 342 60.13 -2.84 -39.60
CA LEU A 342 60.94 -4.04 -39.62
C LEU A 342 62.42 -3.72 -39.80
N SER A 343 62.73 -2.69 -40.59
CA SER A 343 64.13 -2.35 -40.84
C SER A 343 64.83 -1.95 -39.56
N LEU A 344 64.16 -1.18 -38.70
CA LEU A 344 64.76 -0.77 -37.44
C LEU A 344 64.80 -1.92 -36.44
N LEU A 345 63.88 -2.88 -36.55
CA LEU A 345 63.82 -3.98 -35.60
C LEU A 345 65.05 -4.87 -35.72
N GLY A 346 65.33 -5.60 -34.63
CA GLY A 346 66.46 -6.49 -34.59
C GLY A 346 66.29 -7.66 -35.53
N PRO A 347 67.40 -8.34 -35.85
CA PRO A 347 67.32 -9.45 -36.82
C PRO A 347 66.41 -10.58 -36.37
N ALA A 348 66.36 -10.89 -35.07
CA ALA A 348 65.51 -11.97 -34.60
C ALA A 348 64.04 -11.63 -34.78
N GLU A 349 63.64 -10.42 -34.34
CA GLU A 349 62.25 -10.00 -34.51
C GLU A 349 61.91 -9.87 -35.99
N ARG A 350 62.85 -9.38 -36.80
CA ARG A 350 62.60 -9.26 -38.24
C ARG A 350 62.37 -10.63 -38.87
N LEU A 351 63.19 -11.62 -38.50
CA LEU A 351 63.02 -12.96 -39.05
C LEU A 351 61.70 -13.57 -38.57
N VAL A 352 61.35 -13.36 -37.30
CA VAL A 352 60.08 -13.89 -36.79
C VAL A 352 58.91 -13.29 -37.54
N PHE A 353 58.94 -11.98 -37.77
CA PHE A 353 57.86 -11.33 -38.51
C PHE A 353 57.81 -11.79 -39.95
N TYR A 354 58.98 -12.04 -40.56
CA TYR A 354 59.02 -12.55 -41.93
C TYR A 354 58.40 -13.93 -42.01
N MET A 355 58.69 -14.80 -41.04
CA MET A 355 58.06 -16.11 -41.01
C MET A 355 56.57 -16.03 -40.74
N ILE A 356 56.15 -15.07 -39.92
CA ILE A 356 54.73 -14.92 -39.60
C ILE A 356 53.95 -14.52 -40.85
N TYR A 357 54.48 -13.61 -41.65
CA TYR A 357 53.80 -13.12 -42.84
C TYR A 357 54.12 -13.96 -44.08
N ASP A 358 54.90 -15.02 -43.94
CA ASP A 358 55.15 -15.99 -45.01
C ASP A 358 55.79 -15.32 -46.23
N ASN A 359 56.99 -14.79 -46.03
CA ASN A 359 57.79 -14.20 -47.11
C ASN A 359 59.05 -15.05 -47.24
N LYS A 360 58.97 -16.08 -48.09
CA LYS A 360 60.00 -17.12 -48.13
C LYS A 360 61.36 -16.54 -48.50
N GLU A 361 61.41 -15.67 -49.51
CA GLU A 361 62.69 -15.13 -49.94
C GLU A 361 63.33 -14.30 -48.84
N LYS A 362 62.54 -13.51 -48.11
CA LYS A 362 63.09 -12.71 -47.03
C LYS A 362 63.58 -13.58 -45.88
N GLN A 363 62.83 -14.64 -45.54
CA GLN A 363 63.30 -15.56 -44.51
C GLN A 363 64.63 -16.19 -44.91
N ASN A 364 64.74 -16.65 -46.16
CA ASN A 364 65.99 -17.26 -46.62
C ASN A 364 67.13 -16.26 -46.57
N GLU A 365 66.88 -15.02 -47.00
CA GLU A 365 67.93 -14.00 -46.98
C GLU A 365 68.38 -13.70 -45.55
N ILE A 366 67.43 -13.53 -44.63
CA ILE A 366 67.79 -13.25 -43.24
C ILE A 366 68.57 -14.41 -42.64
N CYS A 367 68.19 -15.65 -42.97
CA CYS A 367 68.91 -16.80 -42.45
C CYS A 367 70.35 -16.84 -42.99
N GLN A 368 70.50 -16.64 -44.30
CA GLN A 368 71.84 -16.70 -44.89
C GLN A 368 72.72 -15.54 -44.46
N GLN A 369 72.11 -14.42 -44.03
CA GLN A 369 72.92 -13.34 -43.44
C GLN A 369 73.13 -13.50 -41.94
N LEU A 370 72.36 -14.35 -41.26
CA LEU A 370 72.59 -14.63 -39.85
C LEU A 370 73.42 -15.90 -39.60
N ARG A 371 73.88 -16.56 -40.66
CA ARG A 371 74.80 -17.68 -40.47
C ARG A 371 76.00 -17.31 -39.61
N MET A 372 76.56 -16.11 -39.80
CA MET A 372 77.79 -15.75 -39.09
C MET A 372 77.59 -15.74 -37.58
N TYR A 373 76.41 -15.33 -37.11
CA TYR A 373 76.15 -15.28 -35.67
C TYR A 373 76.12 -16.68 -35.06
N GLU A 374 76.11 -17.74 -35.86
CA GLU A 374 76.25 -19.08 -35.31
C GLU A 374 77.58 -19.28 -34.63
N ARG A 375 78.57 -18.41 -34.90
CA ARG A 375 79.85 -18.51 -34.21
C ARG A 375 79.70 -18.25 -32.71
N PHE A 376 78.92 -17.23 -32.36
CA PHE A 376 78.77 -16.88 -30.94
C PHE A 376 77.98 -17.95 -30.19
N ARG A 377 76.83 -18.36 -30.73
CA ARG A 377 76.02 -19.42 -30.15
C ARG A 377 75.55 -20.31 -31.30
N PRO A 378 75.69 -21.64 -31.17
CA PRO A 378 75.25 -22.53 -32.25
C PRO A 378 73.74 -22.68 -32.38
N GLU A 379 72.95 -21.87 -31.66
CA GLU A 379 71.49 -21.94 -31.72
C GLU A 379 70.90 -20.54 -31.84
N VAL A 380 71.63 -19.62 -32.46
CA VAL A 380 71.11 -18.26 -32.64
C VAL A 380 69.91 -18.26 -33.58
N VAL A 381 69.98 -19.04 -34.66
CA VAL A 381 68.91 -19.06 -35.65
C VAL A 381 68.23 -20.41 -35.78
N GLU A 382 68.88 -21.50 -35.38
CA GLU A 382 68.28 -22.83 -35.55
C GLU A 382 67.10 -23.03 -34.61
N GLU A 383 67.36 -22.99 -33.30
CA GLU A 383 66.29 -23.25 -32.34
C GLU A 383 65.20 -22.19 -32.42
N LEU A 384 65.56 -20.93 -32.71
CA LEU A 384 64.55 -19.91 -32.92
C LEU A 384 63.64 -20.26 -34.09
N TYR A 385 64.24 -20.71 -35.19
CA TYR A 385 63.45 -21.11 -36.36
C TYR A 385 62.52 -22.28 -36.02
N ASN A 386 63.06 -23.30 -35.35
CA ASN A 386 62.23 -24.46 -35.01
C ASN A 386 61.09 -24.08 -34.08
N SER A 387 61.37 -23.27 -33.06
CA SER A 387 60.33 -22.88 -32.11
C SER A 387 59.26 -22.04 -32.79
N THR A 388 59.66 -21.07 -33.62
CA THR A 388 58.68 -20.24 -34.30
C THR A 388 57.85 -21.05 -35.27
N LEU A 389 58.48 -21.97 -36.00
CA LEU A 389 57.72 -22.81 -36.93
C LEU A 389 56.74 -23.71 -36.20
N ARG A 390 57.15 -24.29 -35.06
CA ARG A 390 56.25 -25.16 -34.32
C ARG A 390 55.13 -24.38 -33.66
N VAL A 391 55.38 -23.11 -33.30
CA VAL A 391 54.30 -22.27 -32.78
C VAL A 391 53.32 -21.92 -33.89
N LEU A 392 53.83 -21.57 -35.07
CA LEU A 392 52.96 -21.23 -36.19
C LEU A 392 52.17 -22.43 -36.67
N ALA A 393 52.72 -23.64 -36.52
CA ALA A 393 52.06 -24.86 -37.00
C ALA A 393 50.74 -25.14 -36.30
N LEU A 394 50.48 -24.54 -35.14
CA LEU A 394 49.20 -24.73 -34.47
C LEU A 394 48.10 -23.84 -35.04
N THR A 395 48.43 -22.88 -35.90
CA THR A 395 47.45 -21.96 -36.45
C THR A 395 46.84 -22.43 -37.77
N ASN A 396 47.38 -23.49 -38.37
CA ASN A 396 46.85 -23.95 -39.64
C ASN A 396 45.51 -24.65 -39.44
N PRO A 397 44.59 -24.54 -40.41
CA PRO A 397 43.28 -25.20 -40.35
C PRO A 397 43.39 -26.73 -40.39
N ASN A 407 32.89 -26.22 -36.67
CA ASN A 407 31.49 -25.81 -36.54
C ASN A 407 31.35 -24.30 -36.64
N GLU A 408 32.43 -23.59 -36.34
CA GLU A 408 32.41 -22.14 -36.38
C GLU A 408 32.30 -21.63 -37.82
N SER A 409 31.48 -20.60 -38.01
CA SER A 409 31.31 -19.94 -39.30
C SER A 409 31.43 -18.44 -39.05
N ARG A 410 32.56 -17.86 -39.41
CA ARG A 410 32.87 -16.46 -39.09
C ARG A 410 32.90 -15.64 -40.36
N SER A 411 32.09 -14.58 -40.39
CA SER A 411 32.11 -13.59 -41.46
C SER A 411 32.58 -12.27 -40.88
N PHE A 412 33.52 -11.62 -41.57
CA PHE A 412 34.18 -10.43 -41.06
C PHE A 412 33.70 -9.16 -41.75
N GLY A 413 32.45 -9.14 -42.20
CA GLY A 413 31.90 -7.94 -42.81
C GLY A 413 30.56 -8.14 -43.48
N LEU A 414 29.88 -7.05 -43.77
CA LEU A 414 28.61 -7.10 -44.50
C LEU A 414 28.79 -7.16 -46.01
N SER A 415 30.03 -7.05 -46.50
CA SER A 415 30.31 -7.08 -47.92
C SER A 415 31.40 -8.11 -48.21
N VAL A 416 31.43 -8.58 -49.46
CA VAL A 416 32.42 -9.55 -49.88
C VAL A 416 33.83 -8.99 -49.83
N GLU A 417 33.97 -7.66 -49.88
CA GLU A 417 35.30 -7.04 -49.85
C GLU A 417 36.03 -7.36 -48.56
N ASP A 418 35.34 -7.26 -47.43
CA ASP A 418 35.97 -7.57 -46.14
C ASP A 418 36.39 -9.04 -46.09
N ASP A 419 35.53 -9.94 -46.57
CA ASP A 419 35.86 -11.36 -46.55
C ASP A 419 37.07 -11.67 -47.42
N LEU A 420 37.14 -11.08 -48.61
CA LEU A 420 38.26 -11.35 -49.50
C LEU A 420 39.54 -10.72 -48.97
N ALA A 421 39.43 -9.57 -48.29
CA ALA A 421 40.60 -8.96 -47.67
C ALA A 421 41.11 -9.82 -46.52
N PHE A 422 40.20 -10.42 -45.76
CA PHE A 422 40.61 -11.29 -44.66
C PHE A 422 41.20 -12.59 -45.18
N ASN A 423 40.69 -13.09 -46.31
CA ASN A 423 41.14 -14.38 -46.83
C ASN A 423 42.60 -14.34 -47.26
N VAL A 424 43.03 -13.25 -47.91
CA VAL A 424 44.39 -13.17 -48.44
C VAL A 424 45.44 -13.00 -47.36
N LEU A 425 45.03 -12.73 -46.12
CA LEU A 425 45.99 -12.53 -45.04
C LEU A 425 46.67 -13.85 -44.67
N PRO A 426 47.85 -13.79 -44.07
CA PRO A 426 48.54 -15.02 -43.66
C PRO A 426 47.75 -15.77 -42.60
N THR A 427 48.07 -17.07 -42.48
CA THR A 427 47.32 -17.94 -41.58
C THR A 427 47.47 -17.50 -40.12
N PHE A 428 48.67 -17.08 -39.72
CA PHE A 428 48.85 -16.58 -38.36
C PHE A 428 48.08 -15.29 -38.14
N ILE A 429 48.14 -14.38 -39.12
CA ILE A 429 47.38 -13.14 -39.02
C ILE A 429 45.88 -13.42 -39.00
N GLN A 430 45.44 -14.39 -39.81
CA GLN A 430 44.03 -14.76 -39.83
C GLN A 430 43.59 -15.32 -38.47
N ASN A 431 44.41 -16.18 -37.88
CA ASN A 431 44.09 -16.73 -36.56
C ASN A 431 44.05 -15.63 -35.50
N LEU A 432 45.02 -14.70 -35.55
CA LEU A 432 45.03 -13.61 -34.58
C LEU A 432 43.80 -12.72 -34.72
N ILE A 433 43.41 -12.43 -35.96
CA ILE A 433 42.22 -11.61 -36.17
C ILE A 433 40.96 -12.34 -35.69
N ARG A 434 40.86 -13.64 -35.99
CA ARG A 434 39.70 -14.40 -35.56
C ARG A 434 39.60 -14.46 -34.04
N LYS A 435 40.73 -14.60 -33.36
CA LYS A 435 40.72 -14.68 -31.90
C LYS A 435 40.52 -13.31 -31.25
N CYS A 436 41.00 -12.23 -31.88
CA CYS A 436 40.96 -10.92 -31.25
C CYS A 436 39.71 -10.12 -31.59
N VAL A 437 39.06 -10.41 -32.70
CA VAL A 437 37.88 -9.67 -33.13
C VAL A 437 36.64 -10.45 -32.74
N ALA A 438 35.81 -9.87 -31.88
CA ALA A 438 34.56 -10.49 -31.47
C ALA A 438 33.47 -10.20 -32.49
N PRO A 439 32.47 -11.09 -32.62
CA PRO A 439 31.39 -10.85 -33.57
C PRO A 439 30.43 -9.78 -33.08
N GLU A 440 29.89 -9.03 -34.05
CA GLU A 440 28.85 -8.05 -33.72
C GLU A 440 27.60 -8.74 -33.19
N SER A 441 27.20 -9.84 -33.82
CA SER A 441 26.00 -10.57 -33.43
C SER A 441 26.31 -12.07 -33.52
N LEU A 442 26.56 -12.68 -32.37
CA LEU A 442 26.82 -14.12 -32.34
C LEU A 442 25.53 -14.88 -32.63
N THR A 443 25.68 -16.10 -33.13
CA THR A 443 24.55 -16.98 -33.40
C THR A 443 24.88 -18.33 -32.76
N ILE A 444 24.40 -18.56 -31.55
CA ILE A 444 24.74 -19.74 -30.77
C ILE A 444 23.50 -20.62 -30.66
N GLY A 445 23.70 -21.92 -30.84
CA GLY A 445 22.60 -22.86 -30.84
C GLY A 445 21.58 -22.53 -31.92
N THR A 446 20.42 -22.04 -31.50
CA THR A 446 19.39 -21.59 -32.42
C THR A 446 18.96 -20.16 -32.18
N GLU A 447 19.73 -19.39 -31.39
CA GLU A 447 19.36 -18.03 -31.06
C GLU A 447 20.53 -17.08 -31.30
N ASP A 448 20.17 -15.83 -31.63
CA ASP A 448 21.14 -14.79 -31.93
C ASP A 448 21.33 -13.90 -30.70
N LEU A 449 22.59 -13.61 -30.38
CA LEU A 449 22.95 -12.75 -29.26
C LEU A 449 23.66 -11.53 -29.85
N GLN A 450 22.99 -10.39 -29.85
CA GLN A 450 23.55 -9.17 -30.45
C GLN A 450 24.46 -8.51 -29.41
N LEU A 451 25.76 -8.80 -29.53
CA LEU A 451 26.73 -8.23 -28.60
C LEU A 451 26.82 -6.72 -28.76
N ARG A 452 26.85 -6.24 -30.00
CA ARG A 452 26.85 -4.81 -30.28
C ARG A 452 26.11 -4.56 -31.59
N ASN A 453 25.53 -3.37 -31.71
CA ASN A 453 24.74 -3.02 -32.87
C ASN A 453 25.56 -2.41 -34.01
N ALA A 454 26.79 -1.99 -33.75
CA ALA A 454 27.65 -1.40 -34.77
C ALA A 454 29.05 -1.97 -34.66
N ASN A 455 29.73 -2.04 -35.80
CA ASN A 455 31.09 -2.53 -35.84
C ASN A 455 32.06 -1.52 -35.20
N THR A 456 33.20 -2.03 -34.77
CA THR A 456 34.23 -1.22 -34.16
C THR A 456 35.57 -1.28 -34.89
N CYS A 457 35.87 -2.39 -35.58
CA CYS A 457 37.10 -2.53 -36.33
C CYS A 457 36.74 -2.98 -37.74
N ARG A 458 37.63 -2.65 -38.68
CA ARG A 458 37.41 -2.97 -40.09
C ARG A 458 38.61 -3.75 -40.62
N ILE A 459 38.37 -4.51 -41.69
CA ILE A 459 39.40 -5.30 -42.34
C ILE A 459 39.45 -4.89 -43.80
N THR A 460 40.56 -4.30 -44.22
CA THR A 460 40.77 -3.90 -45.61
C THR A 460 42.13 -4.40 -46.09
N SER A 461 42.55 -3.94 -47.28
CA SER A 461 43.85 -4.34 -47.80
C SER A 461 44.99 -3.89 -46.88
N GLU A 462 44.79 -2.82 -46.11
CA GLU A 462 45.81 -2.37 -45.17
C GLU A 462 45.89 -3.29 -43.95
N GLY A 463 44.90 -4.16 -43.74
CA GLY A 463 44.88 -5.04 -42.59
C GLY A 463 43.68 -4.77 -41.70
N LEU A 464 43.85 -5.02 -40.41
CA LEU A 464 42.82 -4.76 -39.41
C LEU A 464 43.08 -3.39 -38.80
N LEU A 465 42.11 -2.49 -38.96
CA LEU A 465 42.21 -1.11 -38.50
C LEU A 465 41.07 -0.78 -37.56
N ALA A 466 41.30 0.25 -36.72
CA ALA A 466 40.25 0.82 -35.89
C ALA A 466 39.68 2.03 -36.64
N SER A 467 38.80 1.73 -37.60
CA SER A 467 38.30 2.75 -38.51
C SER A 467 37.50 3.83 -37.77
N VAL A 468 36.63 3.42 -36.85
CA VAL A 468 35.79 4.37 -36.15
C VAL A 468 36.61 5.18 -35.17
N ARG A 469 36.31 6.48 -35.06
CA ARG A 469 37.04 7.38 -34.18
C ARG A 469 36.44 7.41 -32.78
N LEU A 470 36.27 6.23 -32.19
CA LEU A 470 35.75 6.15 -30.83
C LEU A 470 36.79 6.64 -29.83
N TYR A 471 36.30 7.27 -28.76
CA TYR A 471 37.19 7.79 -27.72
C TYR A 471 37.74 6.64 -26.87
N ASN A 472 39.05 6.62 -26.71
CA ASN A 472 39.72 5.60 -25.92
C ASN A 472 40.15 6.21 -24.58
N SER A 473 39.57 5.70 -23.49
CA SER A 473 39.87 6.16 -22.14
C SER A 473 40.54 5.05 -21.33
N VAL A 474 41.40 4.27 -21.96
CA VAL A 474 42.10 3.17 -21.32
C VAL A 474 43.56 3.55 -21.14
N GLN A 475 44.11 3.23 -19.97
CA GLN A 475 45.52 3.47 -19.68
C GLN A 475 46.29 2.19 -19.99
N PRO A 476 47.17 2.19 -20.99
CA PRO A 476 47.93 0.96 -21.29
C PRO A 476 48.78 0.53 -20.12
N LYS A 477 48.84 -0.78 -19.91
CA LYS A 477 49.65 -1.34 -18.83
C LYS A 477 51.09 -1.60 -19.23
N TYR A 478 51.44 -1.40 -20.50
CA TYR A 478 52.82 -1.52 -20.95
C TYR A 478 53.32 -0.33 -21.75
N LEU A 479 52.46 0.34 -22.52
CA LEU A 479 52.84 1.53 -23.27
C LEU A 479 52.51 2.78 -22.47
N TYR A 480 53.10 2.86 -21.28
CA TYR A 480 52.85 3.96 -20.36
C TYR A 480 54.07 4.83 -20.07
N GLY A 481 55.28 4.31 -20.27
CA GLY A 481 56.46 5.09 -19.98
C GLY A 481 56.64 6.24 -20.96
N VAL A 482 57.13 7.37 -20.44
CA VAL A 482 57.41 8.55 -21.24
C VAL A 482 58.76 9.13 -20.82
N ASN A 483 59.33 9.94 -21.70
CA ASN A 483 60.61 10.60 -21.42
C ASN A 483 60.33 11.75 -20.45
N GLU A 484 60.44 11.46 -19.15
CA GLU A 484 60.16 12.47 -18.13
C GLU A 484 61.25 13.54 -18.07
N ASN A 485 62.47 13.20 -18.50
CA ASN A 485 63.60 14.10 -18.31
C ASN A 485 63.44 15.37 -19.14
N ARG A 486 63.14 15.23 -20.44
CA ARG A 486 63.08 16.45 -21.25
C ARG A 486 61.72 17.11 -21.12
N LEU A 487 61.54 18.18 -21.91
CA LEU A 487 60.35 19.02 -21.85
C LEU A 487 59.54 18.90 -23.13
N GLN A 488 58.22 18.89 -22.99
CA GLN A 488 57.29 18.83 -24.11
C GLN A 488 56.19 19.87 -23.92
N ILE A 489 55.64 20.34 -25.03
CA ILE A 489 54.63 21.38 -25.05
C ILE A 489 53.39 20.87 -25.77
N ARG A 490 52.23 21.02 -25.13
CA ARG A 490 50.96 20.66 -25.74
C ARG A 490 49.86 21.49 -25.11
N ASN A 491 48.73 21.59 -25.81
CA ASN A 491 47.56 22.35 -25.37
C ASN A 491 46.49 21.34 -24.96
N VAL A 492 46.48 20.97 -23.68
CA VAL A 492 45.52 20.01 -23.14
C VAL A 492 44.25 20.73 -22.70
N LEU A 493 43.19 19.97 -22.47
CA LEU A 493 41.96 20.49 -21.90
C LEU A 493 42.04 20.42 -20.38
N GLN A 494 41.49 21.43 -19.71
CA GLN A 494 41.59 21.53 -18.26
C GLN A 494 40.22 21.77 -17.65
N PHE A 495 40.01 21.19 -16.47
CA PHE A 495 38.84 21.44 -15.65
C PHE A 495 39.25 22.20 -14.39
N GLN A 496 38.24 22.61 -13.62
CA GLN A 496 38.49 23.42 -12.44
C GLN A 496 39.13 22.59 -11.33
N GLY A 497 38.59 21.41 -11.06
CA GLY A 497 39.07 20.58 -9.98
C GLY A 497 38.22 20.71 -8.73
N ASN A 498 36.94 21.04 -8.92
CA ASN A 498 35.98 21.17 -7.83
C ASN A 498 35.06 19.96 -7.81
N ALA A 499 34.83 19.43 -6.60
CA ALA A 499 34.01 18.23 -6.47
C ALA A 499 32.58 18.48 -6.95
N ASN A 500 32.00 19.63 -6.58
CA ASN A 500 30.65 19.93 -7.03
C ASN A 500 30.59 20.18 -8.52
N ALA A 501 31.59 20.88 -9.07
CA ALA A 501 31.59 21.18 -10.49
C ALA A 501 31.81 19.92 -11.33
N LEU A 502 32.76 19.08 -10.93
CA LEU A 502 33.09 17.87 -11.67
C LEU A 502 32.22 16.67 -11.28
N GLN A 503 31.30 16.85 -10.33
CA GLN A 503 30.43 15.77 -9.86
C GLN A 503 31.25 14.57 -9.38
N GLN A 504 32.31 14.85 -8.61
CA GLN A 504 33.16 13.78 -8.09
C GLN A 504 32.41 12.85 -7.15
N LYS A 505 31.31 13.33 -6.56
CA LYS A 505 30.51 12.48 -5.67
C LYS A 505 29.89 11.29 -6.39
N LEU A 506 29.87 11.32 -7.72
CA LEU A 506 29.38 10.19 -8.50
C LEU A 506 30.45 9.12 -8.73
N SER A 507 31.67 9.35 -8.25
CA SER A 507 32.74 8.37 -8.44
C SER A 507 32.47 7.07 -7.68
N ARG A 508 31.67 7.11 -6.61
CA ARG A 508 31.34 5.91 -5.88
C ARG A 508 30.45 4.96 -6.67
N TYR A 509 29.78 5.45 -7.70
CA TYR A 509 28.93 4.60 -8.53
C TYR A 509 29.81 3.69 -9.39
N GLU A 510 29.19 2.62 -9.91
CA GLU A 510 29.91 1.70 -10.78
C GLU A 510 30.34 2.43 -12.05
N LEU A 511 31.61 2.25 -12.42
CA LEU A 511 32.20 2.99 -13.53
C LEU A 511 31.99 2.24 -14.84
N TYR A 512 31.50 2.95 -15.85
CA TYR A 512 31.38 2.40 -17.20
C TYR A 512 32.68 2.73 -17.94
N GLN A 513 33.53 1.73 -18.10
CA GLN A 513 34.83 1.94 -18.74
C GLN A 513 34.64 2.24 -20.21
N ILE A 514 35.28 3.32 -20.67
CA ILE A 514 35.20 3.71 -22.09
C ILE A 514 36.35 2.98 -22.79
N ASN A 515 36.09 1.74 -23.15
CA ASN A 515 37.04 0.91 -23.87
C ASN A 515 36.63 0.79 -25.33
N ILE A 516 37.54 0.24 -26.13
CA ILE A 516 37.27 0.01 -27.54
C ILE A 516 37.56 -1.45 -27.85
N PRO A 517 36.67 -2.37 -27.50
CA PRO A 517 36.84 -3.76 -27.93
C PRO A 517 36.55 -3.91 -29.40
N LEU A 518 37.22 -4.88 -30.03
CA LEU A 518 37.08 -5.10 -31.47
C LEU A 518 35.85 -5.95 -31.73
N PHE A 519 34.83 -5.34 -32.33
CA PHE A 519 33.60 -6.02 -32.70
C PHE A 519 33.37 -5.83 -34.19
N LEU A 520 33.22 -6.92 -34.92
CA LEU A 520 33.05 -6.86 -36.37
C LEU A 520 32.49 -8.18 -36.87
N GLY A 521 31.52 -8.09 -37.78
CA GLY A 521 31.00 -9.27 -38.46
C GLY A 521 30.13 -10.13 -37.56
N LYS A 522 29.89 -11.35 -38.06
CA LYS A 522 29.02 -12.31 -37.40
C LYS A 522 29.77 -13.62 -37.20
N GLN A 523 29.38 -14.34 -36.14
CA GLN A 523 29.90 -15.66 -35.87
C GLN A 523 28.74 -16.62 -35.67
N ILE A 524 28.92 -17.86 -36.12
CA ILE A 524 27.91 -18.90 -35.98
C ILE A 524 28.56 -20.10 -35.30
N ILE A 525 28.04 -20.49 -34.15
CA ILE A 525 28.52 -21.65 -33.41
C ILE A 525 27.32 -22.59 -33.26
N SER A 526 27.34 -23.70 -33.99
CA SER A 526 26.26 -24.67 -33.96
C SER A 526 26.87 -26.06 -33.98
N THR A 527 26.56 -26.86 -32.96
CA THR A 527 27.09 -28.21 -32.85
C THR A 527 26.32 -29.03 -31.83
N LEU B 249 17.94 18.23 1.63
CA LEU B 249 17.22 16.98 1.52
C LEU B 249 18.15 15.78 1.76
N ARG B 250 17.92 15.06 2.86
CA ARG B 250 18.70 13.87 3.13
C ARG B 250 18.46 12.80 2.07
N ASN B 251 17.21 12.61 1.66
CA ASN B 251 16.84 11.65 0.64
C ASN B 251 16.28 12.39 -0.56
N PHE B 252 16.87 12.16 -1.74
CA PHE B 252 16.48 12.85 -2.96
C PHE B 252 15.49 12.06 -3.81
N CYS B 253 15.16 10.83 -3.41
CA CYS B 253 14.22 10.03 -4.19
C CYS B 253 12.82 10.62 -4.10
N VAL B 254 12.16 10.72 -5.26
CA VAL B 254 10.80 11.26 -5.28
C VAL B 254 9.83 10.30 -4.62
N PHE B 255 10.10 9.00 -4.68
CA PHE B 255 9.27 7.99 -4.04
C PHE B 255 9.63 7.75 -2.59
N SER B 256 10.62 8.48 -2.05
CA SER B 256 11.02 8.27 -0.66
C SER B 256 9.90 8.64 0.30
N SER B 257 9.15 9.70 -0.01
CA SER B 257 8.08 10.16 0.86
C SER B 257 6.88 9.22 0.87
N VAL B 258 6.84 8.23 -0.01
CA VAL B 258 5.72 7.30 -0.06
C VAL B 258 5.76 6.41 1.18
N LYS B 259 4.69 6.45 1.97
CA LYS B 259 4.53 5.64 3.17
C LYS B 259 3.13 5.07 3.18
N PRO B 260 2.93 3.94 3.86
CA PRO B 260 1.56 3.43 4.01
C PRO B 260 0.67 4.44 4.70
N LEU B 261 -0.52 4.65 4.14
CA LEU B 261 -1.42 5.68 4.63
C LEU B 261 -2.24 5.24 5.83
N ASP B 262 -2.16 3.98 6.23
CA ASP B 262 -2.85 3.52 7.42
C ASP B 262 -2.06 3.94 8.67
N PHE B 263 -2.57 3.54 9.84
CA PHE B 263 -1.93 3.87 11.11
C PHE B 263 -0.75 2.93 11.32
N CYS B 264 0.40 3.33 10.81
CA CYS B 264 1.64 2.56 10.94
C CYS B 264 2.54 3.23 11.97
N ASP B 265 2.90 2.49 13.01
CA ASP B 265 3.76 3.04 14.05
C ASP B 265 5.16 3.34 13.52
N GLN B 266 5.72 2.43 12.73
CA GLN B 266 7.04 2.60 12.17
C GLN B 266 7.06 2.11 10.72
N TYR B 267 7.95 2.70 9.93
CA TYR B 267 8.11 2.31 8.54
C TYR B 267 9.51 2.67 8.08
N SER B 268 10.11 1.78 7.29
CA SER B 268 11.43 1.99 6.72
C SER B 268 11.32 2.13 5.21
N SER B 269 11.85 3.23 4.68
CA SER B 269 11.77 3.46 3.25
C SER B 269 12.62 2.42 2.50
N PRO B 270 12.10 1.86 1.40
CA PRO B 270 12.87 0.88 0.63
C PRO B 270 13.92 1.48 -0.29
N CYS B 271 14.22 2.77 -0.15
CA CYS B 271 15.21 3.41 -1.00
C CYS B 271 16.60 2.83 -0.75
N SER B 272 17.40 2.75 -1.81
CA SER B 272 18.74 2.20 -1.71
C SER B 272 19.66 3.18 -0.99
N SER B 273 20.88 2.70 -0.71
CA SER B 273 21.86 3.52 0.00
C SER B 273 22.35 4.70 -0.84
N ASP B 274 22.11 4.68 -2.15
CA ASP B 274 22.55 5.75 -3.04
C ASP B 274 21.51 6.86 -3.18
N ALA B 275 20.39 6.77 -2.45
CA ALA B 275 19.36 7.80 -2.53
C ALA B 275 19.78 9.11 -1.86
N THR B 276 20.89 9.12 -1.12
CA THR B 276 21.32 10.31 -0.40
C THR B 276 22.13 11.28 -1.25
N VAL B 277 22.55 10.87 -2.45
CA VAL B 277 23.34 11.73 -3.32
C VAL B 277 22.41 12.45 -4.30
N ASP B 278 22.81 13.65 -4.70
CA ASP B 278 22.04 14.48 -5.62
C ASP B 278 22.67 14.36 -7.00
N ASP B 279 22.34 13.28 -7.70
CA ASP B 279 22.86 13.03 -9.05
C ASP B 279 21.96 13.56 -10.15
N GLY B 280 20.85 14.20 -9.80
CA GLY B 280 19.92 14.72 -10.77
C GLY B 280 18.80 13.77 -11.15
N TRP B 281 18.95 12.46 -10.88
CA TRP B 281 17.88 11.52 -11.16
C TRP B 281 16.65 11.80 -10.30
N PHE B 282 16.87 12.13 -9.02
CA PHE B 282 15.81 12.28 -8.03
C PHE B 282 15.03 10.99 -7.83
N VAL B 283 15.59 9.86 -8.26
CA VAL B 283 15.04 8.54 -8.02
C VAL B 283 16.18 7.63 -7.59
N CYS B 284 15.97 6.85 -6.53
CA CYS B 284 17.00 5.94 -6.09
C CYS B 284 17.15 4.79 -7.09
N GLU B 285 18.29 4.10 -7.02
CA GLU B 285 18.55 3.00 -7.94
C GLU B 285 17.50 1.90 -7.80
N TYR B 286 17.05 1.64 -6.57
CA TYR B 286 16.02 0.62 -6.36
C TYR B 286 14.74 1.00 -7.07
N HIS B 287 14.29 2.24 -6.90
CA HIS B 287 13.04 2.68 -7.54
C HIS B 287 13.21 2.79 -9.05
N ALA B 288 14.38 3.21 -9.51
CA ALA B 288 14.63 3.29 -10.95
C ALA B 288 14.58 1.91 -11.58
N SER B 289 15.15 0.91 -10.92
CA SER B 289 15.07 -0.45 -11.42
C SER B 289 13.66 -1.02 -11.33
N ARG B 290 12.94 -0.70 -10.26
CA ARG B 290 11.60 -1.26 -10.05
C ARG B 290 10.61 -0.70 -11.06
N PHE B 291 10.64 0.62 -11.29
CA PHE B 291 9.68 1.28 -12.16
C PHE B 291 10.20 1.46 -13.59
N PHE B 292 11.35 2.11 -13.76
CA PHE B 292 11.87 2.43 -15.08
C PHE B 292 12.85 1.39 -15.61
N LYS B 293 13.12 0.33 -14.84
CA LYS B 293 13.98 -0.78 -15.28
C LYS B 293 15.37 -0.28 -15.68
N MET B 294 15.94 0.62 -14.89
CA MET B 294 17.27 1.14 -15.13
C MET B 294 18.10 1.06 -13.85
N GLU B 295 19.40 0.87 -14.04
CA GLU B 295 20.37 1.03 -12.96
C GLU B 295 21.28 2.21 -13.26
N LYS B 296 22.07 2.61 -12.28
CA LYS B 296 22.89 3.80 -12.39
C LYS B 296 24.34 3.44 -12.68
N LEU B 297 24.97 4.18 -13.58
CA LEU B 297 26.38 4.00 -13.92
C LEU B 297 27.05 5.36 -13.98
N ALA B 298 28.35 5.38 -13.75
CA ALA B 298 29.15 6.59 -13.81
C ALA B 298 30.00 6.60 -15.06
N LEU B 299 30.12 7.77 -15.69
CA LEU B 299 30.87 7.94 -16.93
C LEU B 299 31.89 9.04 -16.72
N ALA B 300 33.17 8.67 -16.74
CA ALA B 300 34.26 9.60 -16.46
C ALA B 300 34.84 10.11 -17.76
N ILE B 301 34.85 11.43 -17.94
CA ILE B 301 35.44 12.09 -19.09
C ILE B 301 36.75 12.75 -18.63
N PRO B 302 37.90 12.28 -19.09
CA PRO B 302 39.17 12.91 -18.67
C PRO B 302 39.54 14.08 -19.57
N ASP B 303 39.90 15.21 -18.95
CA ASP B 303 40.30 16.39 -19.72
C ASP B 303 41.72 16.26 -20.26
N GLY B 304 42.59 15.56 -19.56
CA GLY B 304 43.98 15.41 -19.94
C GLY B 304 44.98 15.86 -18.89
N THR B 305 44.53 16.45 -17.78
CA THR B 305 45.42 16.86 -16.70
C THR B 305 45.23 16.06 -15.42
N GLY B 306 44.27 15.16 -15.38
CA GLY B 306 44.03 14.35 -14.20
C GLY B 306 42.60 14.44 -13.70
N ASN B 307 42.00 15.61 -13.81
CA ASN B 307 40.62 15.79 -13.37
C ASN B 307 39.67 15.03 -14.29
N ASN B 308 38.64 14.43 -13.69
CA ASN B 308 37.65 13.65 -14.43
C ASN B 308 36.27 14.25 -14.19
N TYR B 309 35.55 14.51 -15.27
CA TYR B 309 34.17 14.99 -15.20
C TYR B 309 33.25 13.77 -15.20
N TYR B 310 32.53 13.58 -14.10
CA TYR B 310 31.67 12.41 -13.95
C TYR B 310 30.24 12.77 -14.35
N ARG B 311 29.65 11.95 -15.23
CA ARG B 311 28.28 12.12 -15.66
C ARG B 311 27.52 10.82 -15.41
N THR B 312 26.35 10.93 -14.80
CA THR B 312 25.52 9.76 -14.57
C THR B 312 24.90 9.27 -15.87
N VAL B 313 24.66 7.96 -15.95
CA VAL B 313 24.09 7.34 -17.14
C VAL B 313 23.24 6.16 -16.70
N GLY B 314 22.21 5.86 -17.50
CA GLY B 314 21.32 4.75 -17.20
C GLY B 314 21.75 3.48 -17.91
N LYS B 315 21.80 2.38 -17.15
CA LYS B 315 22.05 1.05 -17.70
C LYS B 315 20.73 0.32 -17.80
N SER B 316 20.40 -0.15 -19.00
CA SER B 316 19.12 -0.80 -19.25
C SER B 316 19.11 -2.21 -18.67
N LEU B 317 18.03 -2.54 -17.98
CA LEU B 317 17.80 -3.88 -17.44
C LEU B 317 16.89 -4.71 -18.33
N VAL B 318 16.53 -4.21 -19.50
CA VAL B 318 15.63 -4.92 -20.40
C VAL B 318 16.42 -5.99 -21.15
N ASP B 319 15.95 -7.23 -21.07
CA ASP B 319 16.60 -8.33 -21.77
C ASP B 319 16.25 -8.31 -23.25
N ASP B 320 17.06 -9.02 -24.03
CA ASP B 320 16.81 -9.10 -25.47
C ASP B 320 15.54 -9.86 -25.78
N LYS B 321 15.12 -10.78 -24.89
CA LYS B 321 13.89 -11.54 -25.11
C LYS B 321 12.64 -10.70 -24.88
N ALA B 322 12.75 -9.59 -24.15
CA ALA B 322 11.60 -8.74 -23.90
C ALA B 322 11.12 -8.10 -25.20
N GLU B 323 9.79 -7.98 -25.32
CA GLU B 323 9.18 -7.45 -26.54
C GLU B 323 8.03 -6.52 -26.18
N GLY B 324 7.81 -5.53 -27.03
CA GLY B 324 6.66 -4.65 -26.85
C GLY B 324 6.77 -3.80 -25.61
N ILE B 325 5.73 -3.83 -24.78
CA ILE B 325 5.66 -2.98 -23.60
C ILE B 325 6.79 -3.28 -22.64
N GLU B 326 7.32 -4.50 -22.67
CA GLU B 326 8.43 -4.86 -21.80
C GLU B 326 9.71 -4.10 -22.15
N ARG B 327 9.78 -3.53 -23.34
CA ARG B 327 10.96 -2.77 -23.77
C ARG B 327 10.87 -1.29 -23.44
N ILE B 328 9.76 -0.84 -22.85
CA ILE B 328 9.59 0.58 -22.54
C ILE B 328 10.33 0.88 -21.24
N LEU B 329 11.42 1.65 -21.34
CA LEU B 329 12.19 1.99 -20.14
C LEU B 329 11.48 3.07 -19.33
N ILE B 330 11.24 4.23 -19.94
CA ILE B 330 10.54 5.32 -19.29
C ILE B 330 9.23 5.56 -20.05
N PRO B 331 8.08 5.18 -19.50
CA PRO B 331 6.82 5.44 -20.20
C PRO B 331 6.54 6.93 -20.30
N SER B 332 5.94 7.30 -21.42
CA SER B 332 5.54 8.68 -21.64
C SER B 332 4.19 8.95 -21.00
N GLN B 333 3.77 10.22 -21.02
CA GLN B 333 2.48 10.59 -20.45
C GLN B 333 1.30 9.99 -21.21
N ASN B 334 1.54 9.45 -22.41
CA ASN B 334 0.45 8.88 -23.18
C ASN B 334 -0.02 7.55 -22.59
N ASN B 335 0.92 6.68 -22.20
CA ASN B 335 0.59 5.32 -21.77
C ASN B 335 1.37 4.93 -20.53
N TYR B 336 1.57 5.87 -19.61
CA TYR B 336 2.30 5.54 -18.38
C TYR B 336 1.45 4.71 -17.43
N GLU B 337 0.13 4.89 -17.45
CA GLU B 337 -0.75 4.13 -16.55
C GLU B 337 -0.64 2.63 -16.81
N THR B 338 -0.66 2.23 -18.09
CA THR B 338 -0.61 0.80 -18.40
C THR B 338 0.79 0.24 -18.17
N VAL B 339 1.83 1.01 -18.48
CA VAL B 339 3.19 0.52 -18.33
C VAL B 339 3.54 0.34 -16.86
N LEU B 340 3.22 1.34 -16.03
CA LEU B 340 3.56 1.30 -14.62
C LEU B 340 2.52 0.59 -13.77
N ASN B 341 1.39 0.18 -14.35
CA ASN B 341 0.31 -0.48 -13.63
C ASN B 341 -0.15 0.38 -12.46
N LEU B 342 -0.60 1.60 -12.80
CA LEU B 342 -0.98 2.57 -11.77
C LEU B 342 -2.21 2.11 -10.99
N SER B 343 -3.14 1.44 -11.67
CA SER B 343 -4.37 0.99 -11.00
C SER B 343 -4.05 0.00 -9.88
N LEU B 344 -3.11 -0.91 -10.12
CA LEU B 344 -2.74 -1.87 -9.09
C LEU B 344 -1.89 -1.23 -8.00
N LEU B 345 -1.15 -0.18 -8.33
CA LEU B 345 -0.28 0.46 -7.36
C LEU B 345 -1.09 1.10 -6.23
N GLY B 346 -0.41 1.30 -5.10
CA GLY B 346 -1.04 1.89 -3.94
C GLY B 346 -1.36 3.36 -4.18
N PRO B 347 -2.26 3.91 -3.35
CA PRO B 347 -2.67 5.31 -3.57
C PRO B 347 -1.54 6.31 -3.47
N ALA B 348 -0.56 6.09 -2.58
CA ALA B 348 0.55 7.02 -2.47
C ALA B 348 1.41 7.02 -3.71
N GLU B 349 1.80 5.84 -4.19
CA GLU B 349 2.59 5.75 -5.42
C GLU B 349 1.80 6.27 -6.62
N ARG B 350 0.50 5.97 -6.65
CA ARG B 350 -0.34 6.47 -7.75
C ARG B 350 -0.37 7.99 -7.76
N LEU B 351 -0.54 8.61 -6.59
CA LEU B 351 -0.57 10.07 -6.51
C LEU B 351 0.78 10.66 -6.89
N VAL B 352 1.88 10.03 -6.44
CA VAL B 352 3.21 10.53 -6.78
C VAL B 352 3.43 10.47 -8.28
N PHE B 353 3.02 9.35 -8.92
CA PHE B 353 3.18 9.24 -10.36
C PHE B 353 2.29 10.23 -11.10
N TYR B 354 1.09 10.49 -10.58
CA TYR B 354 0.21 11.48 -11.18
C TYR B 354 0.83 12.87 -11.12
N MET B 355 1.43 13.23 -9.99
CA MET B 355 2.11 14.52 -9.89
C MET B 355 3.34 14.58 -10.78
N ILE B 356 4.05 13.46 -10.93
CA ILE B 356 5.23 13.43 -11.78
C ILE B 356 4.87 13.70 -13.23
N TYR B 357 3.79 13.09 -13.72
CA TYR B 357 3.38 13.24 -15.10
C TYR B 357 2.44 14.41 -15.32
N ASP B 358 2.16 15.20 -14.28
CA ASP B 358 1.40 16.45 -14.39
C ASP B 358 0.01 16.21 -14.97
N ASN B 359 -0.80 15.46 -14.23
CA ASN B 359 -2.20 15.21 -14.57
C ASN B 359 -3.04 15.82 -13.45
N LYS B 360 -3.39 17.10 -13.63
CA LYS B 360 -3.97 17.89 -12.54
C LYS B 360 -5.28 17.28 -12.05
N GLU B 361 -6.16 16.88 -12.98
CA GLU B 361 -7.45 16.34 -12.59
C GLU B 361 -7.29 15.06 -11.78
N LYS B 362 -6.36 14.19 -12.20
CA LYS B 362 -6.14 12.96 -11.46
C LYS B 362 -5.56 13.22 -10.08
N GLN B 363 -4.62 14.17 -9.97
CA GLN B 363 -4.09 14.52 -8.66
C GLN B 363 -5.20 15.03 -7.74
N ASN B 364 -6.06 15.91 -8.26
CA ASN B 364 -7.16 16.43 -7.45
C ASN B 364 -8.11 15.31 -7.02
N GLU B 365 -8.43 14.40 -7.95
CA GLU B 365 -9.32 13.29 -7.60
C GLU B 365 -8.72 12.39 -6.54
N ILE B 366 -7.44 12.05 -6.69
CA ILE B 366 -6.79 11.18 -5.71
C ILE B 366 -6.73 11.87 -4.35
N CYS B 367 -6.48 13.18 -4.33
CA CYS B 367 -6.45 13.90 -3.06
C CYS B 367 -7.82 13.91 -2.40
N GLN B 368 -8.87 14.22 -3.17
CA GLN B 368 -10.20 14.29 -2.58
C GLN B 368 -10.72 12.92 -2.18
N GLN B 369 -10.19 11.84 -2.76
CA GLN B 369 -10.54 10.50 -2.27
C GLN B 369 -9.63 10.01 -1.14
N LEU B 370 -8.48 10.65 -0.91
CA LEU B 370 -7.63 10.31 0.22
C LEU B 370 -7.83 11.22 1.42
N ARG B 371 -8.77 12.17 1.36
CA ARG B 371 -9.11 12.96 2.54
C ARG B 371 -9.43 12.08 3.75
N MET B 372 -10.15 10.98 3.55
CA MET B 372 -10.60 10.17 4.69
C MET B 372 -9.42 9.60 5.47
N TYR B 373 -8.34 9.24 4.78
CA TYR B 373 -7.18 8.69 5.47
C TYR B 373 -6.49 9.70 6.38
N GLU B 374 -6.87 10.98 6.28
CA GLU B 374 -6.36 11.96 7.24
C GLU B 374 -6.81 11.65 8.67
N ARG B 375 -7.84 10.81 8.83
CA ARG B 375 -8.26 10.41 10.17
C ARG B 375 -7.17 9.61 10.89
N PHE B 376 -6.53 8.68 10.17
CA PHE B 376 -5.51 7.85 10.79
C PHE B 376 -4.26 8.66 11.14
N ARG B 377 -3.75 9.43 10.17
CA ARG B 377 -2.61 10.29 10.40
C ARG B 377 -2.91 11.62 9.72
N PRO B 378 -2.69 12.75 10.40
CA PRO B 378 -2.98 14.05 9.79
C PRO B 378 -1.98 14.48 8.73
N GLU B 379 -1.06 13.62 8.31
CA GLU B 379 -0.07 13.93 7.30
C GLU B 379 0.05 12.81 6.28
N VAL B 380 -1.05 12.11 6.03
CA VAL B 380 -1.03 11.02 5.04
C VAL B 380 -0.83 11.59 3.64
N VAL B 381 -1.48 12.71 3.32
CA VAL B 381 -1.41 13.28 2.00
C VAL B 381 -0.79 14.67 1.98
N GLU B 382 -0.79 15.40 3.09
CA GLU B 382 -0.26 16.77 3.09
C GLU B 382 1.25 16.78 2.94
N GLU B 383 1.96 16.18 3.91
CA GLU B 383 3.42 16.22 3.86
C GLU B 383 3.97 15.47 2.65
N LEU B 384 3.30 14.40 2.23
CA LEU B 384 3.71 13.71 1.00
C LEU B 384 3.60 14.64 -0.19
N TYR B 385 2.50 15.38 -0.30
CA TYR B 385 2.33 16.33 -1.39
C TYR B 385 3.40 17.40 -1.36
N ASN B 386 3.67 17.99 -0.18
CA ASN B 386 4.67 19.04 -0.09
C ASN B 386 6.05 18.51 -0.45
N SER B 387 6.42 17.34 0.06
CA SER B 387 7.73 16.78 -0.23
C SER B 387 7.89 16.47 -1.71
N THR B 388 6.88 15.85 -2.32
CA THR B 388 6.97 15.51 -3.74
C THR B 388 7.02 16.77 -4.59
N LEU B 389 6.23 17.79 -4.25
CA LEU B 389 6.27 19.04 -5.00
C LEU B 389 7.62 19.74 -4.87
N ARG B 390 8.19 19.75 -3.67
CA ARG B 390 9.48 20.39 -3.49
C ARG B 390 10.61 19.60 -4.17
N VAL B 391 10.47 18.28 -4.27
CA VAL B 391 11.45 17.50 -5.02
C VAL B 391 11.32 17.77 -6.50
N LEU B 392 10.10 17.84 -7.01
CA LEU B 392 9.89 18.11 -8.43
C LEU B 392 10.32 19.53 -8.80
N ALA B 393 10.24 20.46 -7.85
CA ALA B 393 10.57 21.85 -8.13
C ALA B 393 12.03 22.06 -8.50
N LEU B 394 12.92 21.10 -8.19
CA LEU B 394 14.31 21.22 -8.59
C LEU B 394 14.55 20.83 -10.04
N THR B 395 13.57 20.24 -10.72
CA THR B 395 13.74 19.79 -12.09
C THR B 395 13.33 20.82 -13.13
N ASN B 396 12.71 21.93 -12.72
CA ASN B 396 12.30 22.94 -13.68
C ASN B 396 13.50 23.72 -14.21
N PRO B 397 13.46 24.15 -15.48
CA PRO B 397 14.55 24.93 -16.07
C PRO B 397 14.70 26.31 -15.43
N ASN B 407 24.61 26.14 -20.56
CA ASN B 407 25.62 25.95 -21.59
C ASN B 407 25.40 24.64 -22.34
N GLU B 408 24.71 23.70 -21.70
CA GLU B 408 24.46 22.41 -22.30
C GLU B 408 23.47 22.54 -23.46
N SER B 409 23.75 21.81 -24.54
CA SER B 409 22.87 21.74 -25.70
C SER B 409 22.72 20.26 -26.06
N ARG B 410 21.56 19.69 -25.73
CA ARG B 410 21.34 18.26 -25.86
C ARG B 410 20.30 18.00 -26.95
N SER B 411 20.68 17.20 -27.94
CA SER B 411 19.76 16.71 -28.96
C SER B 411 19.61 15.20 -28.79
N PHE B 412 18.36 14.73 -28.83
CA PHE B 412 18.04 13.34 -28.53
C PHE B 412 17.71 12.54 -29.78
N GLY B 413 18.28 12.91 -30.92
CA GLY B 413 18.05 12.14 -32.14
C GLY B 413 18.57 12.83 -33.39
N LEU B 414 18.67 12.05 -34.48
CA LEU B 414 19.08 12.59 -35.77
C LEU B 414 17.93 13.21 -36.54
N SER B 415 16.70 13.10 -36.04
CA SER B 415 15.52 13.63 -36.69
C SER B 415 14.73 14.50 -35.72
N VAL B 416 13.93 15.41 -36.30
CA VAL B 416 13.10 16.29 -35.49
C VAL B 416 12.04 15.52 -34.72
N GLU B 417 11.69 14.32 -35.17
CA GLU B 417 10.65 13.53 -34.48
C GLU B 417 11.08 13.19 -33.06
N ASP B 418 12.34 12.77 -32.87
CA ASP B 418 12.82 12.45 -31.54
C ASP B 418 12.80 13.68 -30.64
N ASP B 419 13.23 14.83 -31.17
CA ASP B 419 13.25 16.06 -30.38
C ASP B 419 11.84 16.48 -29.96
N LEU B 420 10.88 16.39 -30.88
CA LEU B 420 9.51 16.80 -30.55
C LEU B 420 8.87 15.81 -29.59
N ALA B 421 9.22 14.52 -29.70
CA ALA B 421 8.72 13.53 -28.75
C ALA B 421 9.30 13.78 -27.36
N PHE B 422 10.57 14.18 -27.28
CA PHE B 422 11.17 14.46 -25.99
C PHE B 422 10.61 15.76 -25.39
N ASN B 423 10.28 16.73 -26.24
CA ASN B 423 9.82 18.03 -25.75
C ASN B 423 8.48 17.91 -25.03
N VAL B 424 7.55 17.11 -25.56
CA VAL B 424 6.21 17.02 -24.98
C VAL B 424 6.18 16.26 -23.67
N LEU B 425 7.27 15.62 -23.28
CA LEU B 425 7.31 14.85 -22.04
C LEU B 425 7.31 15.79 -20.84
N PRO B 426 6.85 15.30 -19.68
CA PRO B 426 6.86 16.13 -18.48
C PRO B 426 8.27 16.54 -18.07
N THR B 427 8.34 17.61 -17.27
CA THR B 427 9.64 18.16 -16.91
C THR B 427 10.46 17.18 -16.07
N PHE B 428 9.81 16.44 -15.17
CA PHE B 428 10.53 15.43 -14.40
C PHE B 428 11.00 14.30 -15.30
N ILE B 429 10.16 13.86 -16.22
CA ILE B 429 10.56 12.81 -17.16
C ILE B 429 11.67 13.32 -18.07
N GLN B 430 11.59 14.58 -18.49
CA GLN B 430 12.64 15.15 -19.32
C GLN B 430 13.98 15.20 -18.57
N ASN B 431 13.94 15.61 -17.31
CA ASN B 431 15.16 15.64 -16.51
C ASN B 431 15.73 14.24 -16.31
N LEU B 432 14.86 13.27 -16.04
CA LEU B 432 15.33 11.90 -15.86
C LEU B 432 15.96 11.34 -17.14
N ILE B 433 15.35 11.64 -18.29
CA ILE B 433 15.91 11.17 -19.56
C ILE B 433 17.24 11.85 -19.84
N ARG B 434 17.33 13.16 -19.57
CA ARG B 434 18.57 13.87 -19.82
C ARG B 434 19.70 13.34 -18.93
N LYS B 435 19.38 13.03 -17.67
CA LYS B 435 20.40 12.52 -16.76
C LYS B 435 20.76 11.07 -17.03
N CYS B 436 19.82 10.26 -17.51
CA CYS B 436 20.06 8.83 -17.66
C CYS B 436 20.58 8.45 -19.04
N VAL B 437 20.32 9.25 -20.06
CA VAL B 437 20.74 8.94 -21.43
C VAL B 437 22.01 9.71 -21.73
N ALA B 438 23.10 8.98 -22.00
CA ALA B 438 24.37 9.59 -22.36
C ALA B 438 24.39 9.91 -23.86
N PRO B 439 25.15 10.92 -24.25
CA PRO B 439 25.23 11.26 -25.68
C PRO B 439 26.07 10.27 -26.46
N GLU B 440 25.67 10.04 -27.71
CA GLU B 440 26.46 9.20 -28.61
C GLU B 440 27.82 9.82 -28.87
N SER B 441 27.86 11.13 -29.10
CA SER B 441 29.11 11.85 -29.40
C SER B 441 29.06 13.17 -28.66
N LEU B 442 29.78 13.25 -27.54
CA LEU B 442 29.85 14.49 -26.79
C LEU B 442 30.70 15.51 -27.55
N THR B 443 30.45 16.79 -27.28
CA THR B 443 31.22 17.89 -27.88
C THR B 443 31.64 18.80 -26.73
N ILE B 444 32.86 18.60 -26.23
CA ILE B 444 33.34 19.32 -25.06
C ILE B 444 34.45 20.27 -25.49
N GLY B 445 34.40 21.49 -24.95
CA GLY B 445 35.33 22.52 -25.35
C GLY B 445 35.26 22.81 -26.83
N THR B 446 36.29 22.39 -27.57
CA THR B 446 36.32 22.52 -29.02
C THR B 446 36.54 21.19 -29.72
N GLU B 447 36.41 20.07 -29.01
CA GLU B 447 36.67 18.76 -29.60
C GLU B 447 35.52 17.82 -29.32
N ASP B 448 35.33 16.87 -30.25
CA ASP B 448 34.28 15.88 -30.17
C ASP B 448 34.83 14.57 -29.64
N LEU B 449 34.12 13.97 -28.70
CA LEU B 449 34.48 12.69 -28.09
C LEU B 449 33.37 11.70 -28.43
N GLN B 450 33.65 10.78 -29.35
CA GLN B 450 32.65 9.81 -29.81
C GLN B 450 32.60 8.67 -28.80
N LEU B 451 31.65 8.76 -27.86
CA LEU B 451 31.51 7.72 -26.86
C LEU B 451 31.08 6.39 -27.49
N ARG B 452 30.12 6.44 -28.41
CA ARG B 452 29.70 5.25 -29.14
C ARG B 452 29.29 5.67 -30.54
N ASN B 453 29.41 4.73 -31.48
CA ASN B 453 29.11 5.00 -32.88
C ASN B 453 27.65 4.76 -33.25
N ALA B 454 26.89 4.07 -32.41
CA ALA B 454 25.49 3.79 -32.67
C ALA B 454 24.66 4.04 -31.43
N ASN B 455 23.41 4.43 -31.64
CA ASN B 455 22.50 4.67 -30.53
C ASN B 455 22.09 3.35 -29.88
N THR B 456 21.65 3.45 -28.62
CA THR B 456 21.20 2.29 -27.86
C THR B 456 19.77 2.42 -27.35
N CYS B 457 19.28 3.64 -27.15
CA CYS B 457 17.91 3.86 -26.71
C CYS B 457 17.27 4.88 -27.64
N ARG B 458 15.94 4.80 -27.74
CA ARG B 458 15.18 5.68 -28.63
C ARG B 458 14.10 6.39 -27.83
N ILE B 459 13.66 7.53 -28.35
CA ILE B 459 12.62 8.34 -27.74
C ILE B 459 11.52 8.53 -28.76
N THR B 460 10.33 7.97 -28.48
CA THR B 460 9.18 8.11 -29.35
C THR B 460 7.96 8.53 -28.53
N SER B 461 6.78 8.50 -29.14
CA SER B 461 5.56 8.86 -28.41
C SER B 461 5.31 7.92 -27.24
N GLU B 462 5.79 6.68 -27.32
CA GLU B 462 5.66 5.73 -26.22
C GLU B 462 6.58 6.06 -25.05
N GLY B 463 7.57 6.93 -25.26
CA GLY B 463 8.52 7.29 -24.23
C GLY B 463 9.94 6.89 -24.63
N LEU B 464 10.74 6.59 -23.61
CA LEU B 464 12.11 6.13 -23.80
C LEU B 464 12.12 4.62 -23.80
N LEU B 465 12.55 4.02 -24.91
CA LEU B 465 12.56 2.58 -25.09
C LEU B 465 13.96 2.10 -25.43
N ALA B 466 14.20 0.81 -25.16
CA ALA B 466 15.42 0.12 -25.58
C ALA B 466 15.10 -0.57 -26.90
N SER B 467 15.13 0.22 -27.98
CA SER B 467 14.68 -0.27 -29.28
C SER B 467 15.58 -1.39 -29.81
N VAL B 468 16.89 -1.25 -29.66
CA VAL B 468 17.81 -2.25 -30.19
C VAL B 468 17.76 -3.50 -29.34
N ARG B 469 17.83 -4.66 -29.99
CA ARG B 469 17.77 -5.94 -29.30
C ARG B 469 19.16 -6.42 -28.87
N LEU B 470 19.88 -5.55 -28.16
CA LEU B 470 21.19 -5.92 -27.65
C LEU B 470 21.06 -6.93 -26.51
N TYR B 471 22.03 -7.84 -26.44
CA TYR B 471 22.03 -8.86 -25.40
C TYR B 471 22.42 -8.24 -24.05
N ASN B 472 21.60 -8.51 -23.03
CA ASN B 472 21.84 -8.00 -21.68
C ASN B 472 22.36 -9.15 -20.82
N SER B 473 23.59 -9.02 -20.35
CA SER B 473 24.23 -10.02 -19.49
C SER B 473 24.51 -9.44 -18.10
N VAL B 474 23.58 -8.63 -17.59
CA VAL B 474 23.71 -7.99 -16.29
C VAL B 474 22.75 -8.66 -15.32
N GLN B 475 23.21 -8.91 -14.10
CA GLN B 475 22.36 -9.48 -13.06
C GLN B 475 21.82 -8.33 -12.22
N PRO B 476 20.51 -8.08 -12.22
CA PRO B 476 19.98 -6.98 -11.42
C PRO B 476 20.24 -7.18 -9.94
N LYS B 477 20.56 -6.09 -9.25
CA LYS B 477 20.84 -6.14 -7.82
C LYS B 477 19.58 -5.99 -6.98
N TYR B 478 18.42 -5.73 -7.59
CA TYR B 478 17.15 -5.67 -6.87
C TYR B 478 16.05 -6.51 -7.50
N LEU B 479 16.03 -6.68 -8.81
CA LEU B 479 15.03 -7.53 -9.47
C LEU B 479 15.61 -8.92 -9.70
N TYR B 480 16.01 -9.55 -8.59
CA TYR B 480 16.63 -10.87 -8.63
C TYR B 480 15.82 -11.97 -7.95
N GLY B 481 14.91 -11.63 -7.04
CA GLY B 481 14.14 -12.64 -6.37
C GLY B 481 13.15 -13.33 -7.30
N VAL B 482 12.97 -14.63 -7.07
CA VAL B 482 12.02 -15.44 -7.84
C VAL B 482 11.27 -16.34 -6.88
N ASN B 483 10.13 -16.83 -7.34
CA ASN B 483 9.30 -17.76 -6.56
C ASN B 483 9.97 -19.12 -6.59
N GLU B 484 10.82 -19.39 -5.61
CA GLU B 484 11.56 -20.66 -5.58
C GLU B 484 10.65 -21.83 -5.20
N ASN B 485 9.55 -21.55 -4.50
CA ASN B 485 8.73 -22.63 -3.96
C ASN B 485 8.06 -23.43 -5.08
N ARG B 486 7.41 -22.75 -6.02
CA ARG B 486 6.69 -23.52 -7.03
C ARG B 486 7.63 -23.94 -8.16
N LEU B 487 7.05 -24.56 -9.17
CA LEU B 487 7.77 -25.16 -10.28
C LEU B 487 7.50 -24.42 -11.58
N GLN B 488 8.54 -24.24 -12.39
CA GLN B 488 8.43 -23.60 -13.69
C GLN B 488 9.17 -24.43 -14.73
N ILE B 489 8.71 -24.34 -15.98
CA ILE B 489 9.25 -25.11 -17.09
C ILE B 489 9.71 -24.15 -18.18
N ARG B 490 10.95 -24.35 -18.64
CA ARG B 490 11.49 -23.57 -19.75
C ARG B 490 12.56 -24.39 -20.45
N ASN B 491 12.86 -24.01 -21.69
CA ASN B 491 13.87 -24.67 -22.51
C ASN B 491 15.09 -23.76 -22.61
N VAL B 492 16.02 -23.93 -21.68
CA VAL B 492 17.23 -23.11 -21.64
C VAL B 492 18.32 -23.72 -22.52
N LEU B 493 19.34 -22.94 -22.81
CA LEU B 493 20.53 -23.43 -23.51
C LEU B 493 21.52 -23.97 -22.49
N GLN B 494 22.20 -25.06 -22.85
CA GLN B 494 23.11 -25.74 -21.94
C GLN B 494 24.46 -25.97 -22.59
N PHE B 495 25.51 -25.86 -21.79
CA PHE B 495 26.87 -26.22 -22.18
C PHE B 495 27.32 -27.46 -21.43
N GLN B 496 28.49 -27.97 -21.81
CA GLN B 496 28.99 -29.21 -21.22
C GLN B 496 29.43 -29.00 -19.78
N GLY B 497 30.19 -27.94 -19.52
CA GLY B 497 30.74 -27.70 -18.20
C GLY B 497 32.18 -28.15 -18.09
N ASN B 498 32.89 -28.16 -19.20
CA ASN B 498 34.30 -28.55 -19.24
C ASN B 498 35.17 -27.31 -19.39
N ALA B 499 36.24 -27.27 -18.59
CA ALA B 499 37.12 -26.10 -18.61
C ALA B 499 37.76 -25.90 -19.98
N ASN B 500 38.23 -26.99 -20.60
CA ASN B 500 38.83 -26.86 -21.92
C ASN B 500 37.81 -26.51 -22.98
N ALA B 501 36.61 -27.09 -22.90
CA ALA B 501 35.58 -26.79 -23.89
C ALA B 501 35.06 -25.37 -23.76
N LEU B 502 34.81 -24.91 -22.54
CA LEU B 502 34.27 -23.58 -22.30
C LEU B 502 35.35 -22.51 -22.18
N GLN B 503 36.63 -22.89 -22.30
CA GLN B 503 37.74 -21.95 -22.18
C GLN B 503 37.70 -21.19 -20.86
N GLN B 504 37.42 -21.91 -19.77
CA GLN B 504 37.35 -21.29 -18.45
C GLN B 504 38.69 -20.70 -18.03
N LYS B 505 39.79 -21.17 -18.61
CA LYS B 505 41.10 -20.63 -18.27
C LYS B 505 41.25 -19.17 -18.68
N LEU B 506 40.35 -18.67 -19.52
CA LEU B 506 40.36 -17.25 -19.89
C LEU B 506 39.61 -16.39 -18.89
N SER B 507 39.03 -16.98 -17.84
CA SER B 507 38.31 -16.19 -16.84
C SER B 507 39.24 -15.26 -16.05
N ARG B 508 40.53 -15.59 -15.97
CA ARG B 508 41.47 -14.73 -15.27
C ARG B 508 41.72 -13.42 -16.00
N TYR B 509 41.41 -13.34 -17.28
CA TYR B 509 41.57 -12.11 -18.04
C TYR B 509 40.51 -11.09 -17.61
N GLU B 510 40.77 -9.82 -17.93
CA GLU B 510 39.83 -8.77 -17.62
C GLU B 510 38.53 -9.00 -18.38
N LEU B 511 37.41 -8.90 -17.67
CA LEU B 511 36.10 -9.23 -18.24
C LEU B 511 35.47 -8.01 -18.88
N TYR B 512 35.02 -8.18 -20.12
CA TYR B 512 34.26 -7.14 -20.81
C TYR B 512 32.79 -7.36 -20.51
N GLN B 513 32.23 -6.53 -19.63
CA GLN B 513 30.85 -6.70 -19.21
C GLN B 513 29.91 -6.36 -20.37
N ILE B 514 28.97 -7.26 -20.63
CA ILE B 514 27.98 -7.05 -21.70
C ILE B 514 26.81 -6.31 -21.06
N ASN B 515 26.96 -4.99 -20.97
CA ASN B 515 25.92 -4.12 -20.44
C ASN B 515 25.22 -3.38 -21.57
N ILE B 516 24.14 -2.71 -21.23
CA ILE B 516 23.39 -1.90 -22.19
C ILE B 516 23.22 -0.51 -21.60
N PRO B 517 24.24 0.34 -21.64
CA PRO B 517 24.06 1.74 -21.24
C PRO B 517 23.28 2.50 -22.30
N LEU B 518 22.53 3.50 -21.84
CA LEU B 518 21.68 4.29 -22.73
C LEU B 518 22.52 5.36 -23.41
N PHE B 519 22.74 5.22 -24.71
CA PHE B 519 23.46 6.19 -25.52
C PHE B 519 22.57 6.63 -26.67
N LEU B 520 22.35 7.93 -26.78
CA LEU B 520 21.47 8.47 -27.82
C LEU B 520 21.74 9.95 -27.99
N GLY B 521 21.79 10.39 -29.25
CA GLY B 521 21.89 11.79 -29.56
C GLY B 521 23.27 12.38 -29.29
N LYS B 522 23.30 13.71 -29.27
CA LYS B 522 24.53 14.46 -29.09
C LYS B 522 24.35 15.45 -27.94
N GLN B 523 25.47 15.76 -27.29
CA GLN B 523 25.51 16.76 -26.23
C GLN B 523 26.64 17.75 -26.53
N ILE B 524 26.40 19.01 -26.21
CA ILE B 524 27.38 20.07 -26.40
C ILE B 524 27.58 20.79 -25.08
N ILE B 525 28.81 20.77 -24.58
CA ILE B 525 29.17 21.45 -23.34
C ILE B 525 30.28 22.44 -23.70
N SER B 526 29.95 23.72 -23.71
CA SER B 526 30.91 24.77 -24.04
C SER B 526 30.69 25.94 -23.11
N THR B 527 31.74 26.32 -22.37
CA THR B 527 31.66 27.41 -21.41
C THR B 527 33.05 27.87 -20.99
N LEU C 249 13.10 28.88 6.41
CA LEU C 249 13.59 30.22 6.12
C LEU C 249 13.49 31.12 7.35
N ARG C 250 14.64 31.52 7.87
CA ARG C 250 14.65 32.44 9.01
C ARG C 250 14.08 33.79 8.62
N ASN C 251 14.42 34.29 7.43
CA ASN C 251 13.93 35.56 6.93
C ASN C 251 13.10 35.29 5.67
N PHE C 252 11.85 35.76 5.69
CA PHE C 252 10.92 35.52 4.59
C PHE C 252 10.87 36.68 3.59
N CYS C 253 11.57 37.77 3.85
CA CYS C 253 11.55 38.91 2.95
C CYS C 253 12.26 38.56 1.64
N VAL C 254 11.63 38.90 0.52
CA VAL C 254 12.24 38.63 -0.78
C VAL C 254 13.47 39.50 -1.00
N PHE C 255 13.49 40.70 -0.42
CA PHE C 255 14.62 41.60 -0.53
C PHE C 255 15.69 41.35 0.53
N SER C 256 15.49 40.35 1.39
CA SER C 256 16.47 40.07 2.44
C SER C 256 17.80 39.63 1.85
N SER C 257 17.77 38.84 0.77
CA SER C 257 18.98 38.33 0.16
C SER C 257 19.78 39.41 -0.57
N VAL C 258 19.22 40.62 -0.72
CA VAL C 258 19.93 41.69 -1.41
C VAL C 258 21.09 42.16 -0.53
N LYS C 259 22.30 42.06 -1.07
CA LYS C 259 23.51 42.50 -0.40
C LYS C 259 24.35 43.27 -1.40
N PRO C 260 25.23 44.18 -0.92
CA PRO C 260 26.16 44.84 -1.84
C PRO C 260 27.03 43.83 -2.54
N LEU C 261 27.16 43.99 -3.87
CA LEU C 261 27.87 43.02 -4.68
C LEU C 261 29.37 43.22 -4.67
N ASP C 262 29.87 44.28 -4.05
CA ASP C 262 31.31 44.48 -3.93
C ASP C 262 31.86 43.61 -2.81
N PHE C 263 33.17 43.73 -2.57
CA PHE C 263 33.84 42.94 -1.53
C PHE C 263 33.54 43.57 -0.18
N CYS C 264 32.43 43.15 0.43
CA CYS C 264 32.02 43.64 1.73
C CYS C 264 32.30 42.56 2.77
N ASP C 265 33.10 42.91 3.78
CA ASP C 265 33.42 41.93 4.83
C ASP C 265 32.19 41.58 5.66
N GLN C 266 31.38 42.58 6.02
CA GLN C 266 30.18 42.37 6.82
C GLN C 266 29.06 43.23 6.28
N TYR C 267 27.83 42.76 6.48
CA TYR C 267 26.66 43.51 6.07
C TYR C 267 25.46 43.07 6.92
N SER C 268 24.64 44.04 7.30
CA SER C 268 23.44 43.79 8.08
C SER C 268 22.22 44.11 7.22
N SER C 269 21.30 43.15 7.10
CA SER C 269 20.11 43.36 6.29
C SER C 269 19.22 44.42 6.94
N PRO C 270 18.67 45.34 6.17
CA PRO C 270 17.78 46.37 6.72
C PRO C 270 16.36 45.89 6.99
N CYS C 271 16.11 44.59 6.93
CA CYS C 271 14.77 44.07 7.17
C CYS C 271 14.34 44.32 8.62
N SER C 272 13.05 44.56 8.80
CA SER C 272 12.52 44.83 10.13
C SER C 272 12.47 43.55 10.97
N SER C 273 12.13 43.72 12.25
CA SER C 273 12.07 42.58 13.17
C SER C 273 10.92 41.63 12.82
N ASP C 274 9.96 42.08 12.02
CA ASP C 274 8.81 41.25 11.65
C ASP C 274 9.07 40.41 10.41
N ALA C 275 10.27 40.47 9.84
CA ALA C 275 10.58 39.69 8.66
C ALA C 275 10.71 38.19 8.93
N THR C 276 10.73 37.78 10.20
CA THR C 276 10.92 36.38 10.55
C THR C 276 9.61 35.59 10.55
N VAL C 277 8.46 36.24 10.45
CA VAL C 277 7.18 35.56 10.45
C VAL C 277 6.74 35.32 9.01
N ASP C 278 6.00 34.23 8.81
CA ASP C 278 5.50 33.85 7.49
C ASP C 278 4.04 34.25 7.40
N ASP C 279 3.80 35.53 7.11
CA ASP C 279 2.46 36.06 6.98
C ASP C 279 1.92 36.04 5.55
N GLY C 280 2.69 35.52 4.60
CA GLY C 280 2.30 35.46 3.22
C GLY C 280 2.71 36.66 2.39
N TRP C 281 3.08 37.78 3.02
CA TRP C 281 3.57 38.92 2.27
C TRP C 281 4.89 38.61 1.58
N PHE C 282 5.78 37.89 2.26
CA PHE C 282 7.15 37.63 1.81
C PHE C 282 7.93 38.93 1.62
N VAL C 283 7.47 40.02 2.21
CA VAL C 283 8.17 41.29 2.25
C VAL C 283 8.08 41.83 3.66
N CYS C 284 9.19 42.29 4.20
CA CYS C 284 9.17 42.87 5.54
C CYS C 284 8.45 44.21 5.52
N GLU C 285 8.03 44.65 6.71
CA GLU C 285 7.29 45.92 6.81
C GLU C 285 8.14 47.08 6.32
N TYR C 286 9.45 47.06 6.61
CA TYR C 286 10.33 48.12 6.14
C TYR C 286 10.36 48.18 4.62
N HIS C 287 10.54 47.03 3.97
CA HIS C 287 10.58 47.01 2.51
C HIS C 287 9.22 47.31 1.90
N ALA C 288 8.15 46.84 2.54
CA ALA C 288 6.81 47.15 2.05
C ALA C 288 6.53 48.64 2.10
N SER C 289 6.95 49.30 3.19
CA SER C 289 6.79 50.76 3.28
C SER C 289 7.71 51.49 2.30
N ARG C 290 8.93 50.99 2.11
CA ARG C 290 9.89 51.68 1.26
C ARG C 290 9.49 51.60 -0.21
N PHE C 291 9.06 50.43 -0.67
CA PHE C 291 8.73 50.20 -2.07
C PHE C 291 7.25 50.37 -2.37
N PHE C 292 6.39 49.62 -1.67
CA PHE C 292 4.96 49.61 -1.94
C PHE C 292 4.17 50.60 -1.08
N LYS C 293 4.84 51.32 -0.19
CA LYS C 293 4.21 52.35 0.64
C LYS C 293 3.06 51.78 1.47
N MET C 294 3.27 50.60 2.05
CA MET C 294 2.28 49.96 2.90
C MET C 294 2.91 49.54 4.22
N GLU C 295 2.11 49.54 5.27
CA GLU C 295 2.47 48.93 6.54
C GLU C 295 1.54 47.75 6.80
N LYS C 296 1.88 46.96 7.81
CA LYS C 296 1.15 45.73 8.10
C LYS C 296 0.21 45.92 9.28
N LEU C 297 -1.00 45.38 9.16
CA LEU C 297 -1.98 45.42 10.23
C LEU C 297 -2.61 44.04 10.36
N ALA C 298 -3.12 43.75 11.56
CA ALA C 298 -3.78 42.48 11.84
C ALA C 298 -5.29 42.70 11.95
N LEU C 299 -6.05 41.76 11.42
CA LEU C 299 -7.52 41.84 11.41
C LEU C 299 -8.06 40.57 12.05
N ALA C 300 -8.69 40.71 13.21
CA ALA C 300 -9.18 39.57 13.98
C ALA C 300 -10.66 39.38 13.71
N ILE C 301 -11.03 38.18 13.24
CA ILE C 301 -12.41 37.79 13.01
C ILE C 301 -12.81 36.83 14.12
N PRO C 302 -13.74 37.22 15.00
CA PRO C 302 -14.16 36.29 16.06
C PRO C 302 -15.30 35.39 15.62
N ASP C 303 -15.15 34.08 15.87
CA ASP C 303 -16.20 33.13 15.51
C ASP C 303 -17.38 33.18 16.47
N GLY C 304 -17.14 33.49 17.75
CA GLY C 304 -18.17 33.51 18.76
C GLY C 304 -17.90 32.61 19.95
N THR C 305 -16.83 31.82 19.94
CA THR C 305 -16.47 30.97 21.07
C THR C 305 -15.17 31.39 21.74
N GLY C 306 -14.48 32.39 21.22
CA GLY C 306 -13.23 32.84 21.82
C GLY C 306 -12.08 32.85 20.84
N ASN C 307 -12.05 31.87 19.94
CA ASN C 307 -10.98 31.81 18.94
C ASN C 307 -11.12 32.94 17.94
N ASN C 308 -9.98 33.51 17.54
CA ASN C 308 -9.94 34.62 16.59
C ASN C 308 -9.11 34.21 15.38
N TYR C 309 -9.68 34.39 14.19
CA TYR C 309 -8.96 34.15 12.94
C TYR C 309 -8.29 35.44 12.52
N TYR C 310 -6.96 35.43 12.50
CA TYR C 310 -6.19 36.62 12.18
C TYR C 310 -5.81 36.64 10.71
N ARG C 311 -6.11 37.76 10.04
CA ARG C 311 -5.77 37.96 8.64
C ARG C 311 -4.95 39.23 8.50
N THR C 312 -3.84 39.15 7.78
CA THR C 312 -3.02 40.32 7.54
C THR C 312 -3.69 41.26 6.55
N VAL C 313 -3.42 42.55 6.69
CA VAL C 313 -4.01 43.57 5.83
C VAL C 313 -3.01 44.71 5.68
N GLY C 314 -3.07 45.38 4.54
CA GLY C 314 -2.17 46.49 4.26
C GLY C 314 -2.79 47.82 4.65
N LYS C 315 -2.00 48.63 5.35
CA LYS C 315 -2.37 49.99 5.69
C LYS C 315 -1.63 50.94 4.76
N SER C 316 -2.39 51.79 4.05
CA SER C 316 -1.82 52.68 3.06
C SER C 316 -1.09 53.84 3.73
N LEU C 317 0.10 54.13 3.25
CA LEU C 317 0.89 55.27 3.70
C LEU C 317 0.77 56.47 2.77
N VAL C 318 -0.10 56.39 1.76
CA VAL C 318 -0.26 57.47 0.80
C VAL C 318 -1.13 58.56 1.42
N ASP C 319 -0.60 59.78 1.41
CA ASP C 319 -1.35 60.92 1.95
C ASP C 319 -2.40 61.39 0.96
N ASP C 320 -3.37 62.16 1.46
CA ASP C 320 -4.42 62.68 0.60
C ASP C 320 -3.88 63.70 -0.39
N LYS C 321 -2.77 64.37 -0.05
CA LYS C 321 -2.18 65.35 -0.95
C LYS C 321 -1.46 64.70 -2.12
N ALA C 322 -1.10 63.43 -2.02
CA ALA C 322 -0.42 62.75 -3.10
C ALA C 322 -1.35 62.60 -4.31
N GLU C 323 -0.77 62.73 -5.50
CA GLU C 323 -1.55 62.68 -6.73
C GLU C 323 -0.79 61.89 -7.78
N GLY C 324 -1.55 61.24 -8.66
CA GLY C 324 -0.94 60.55 -9.79
C GLY C 324 -0.11 59.36 -9.36
N ILE C 325 1.15 59.34 -9.83
CA ILE C 325 2.02 58.19 -9.58
C ILE C 325 2.29 58.02 -8.09
N GLU C 326 2.17 59.09 -7.31
CA GLU C 326 2.37 58.99 -5.87
C GLU C 326 1.28 58.18 -5.19
N ARG C 327 0.15 57.95 -5.86
CA ARG C 327 -0.95 57.18 -5.30
C ARG C 327 -0.87 55.70 -5.65
N ILE C 328 0.13 55.28 -6.42
CA ILE C 328 0.25 53.89 -6.83
C ILE C 328 0.90 53.12 -5.68
N LEU C 329 0.12 52.24 -5.05
CA LEU C 329 0.65 51.43 -3.94
C LEU C 329 1.52 50.30 -4.46
N ILE C 330 0.95 49.42 -5.28
CA ILE C 330 1.68 48.32 -5.89
C ILE C 330 1.70 48.54 -7.40
N PRO C 331 2.83 48.92 -7.99
CA PRO C 331 2.87 49.08 -9.44
C PRO C 331 2.69 47.76 -10.16
N SER C 332 2.01 47.82 -11.29
CA SER C 332 1.80 46.65 -12.13
C SER C 332 3.02 46.43 -13.03
N GLN C 333 3.01 45.32 -13.76
CA GLN C 333 4.10 45.01 -14.67
C GLN C 333 4.19 45.99 -15.84
N ASN C 334 3.16 46.80 -16.05
CA ASN C 334 3.18 47.75 -17.16
C ASN C 334 4.13 48.91 -16.88
N ASN C 335 4.11 49.45 -15.66
CA ASN C 335 4.86 50.66 -15.34
C ASN C 335 5.55 50.55 -13.98
N TYR C 336 6.07 49.36 -13.66
CA TYR C 336 6.76 49.20 -12.39
C TYR C 336 8.14 49.85 -12.40
N GLU C 337 8.78 49.91 -13.57
CA GLU C 337 10.12 50.50 -13.65
C GLU C 337 10.09 51.97 -13.26
N THR C 338 9.10 52.72 -13.74
CA THR C 338 9.04 54.15 -13.44
C THR C 338 8.60 54.39 -12.01
N VAL C 339 7.66 53.58 -11.51
CA VAL C 339 7.15 53.78 -10.15
C VAL C 339 8.22 53.46 -9.12
N LEU C 340 8.91 52.34 -9.30
CA LEU C 340 9.92 51.91 -8.33
C LEU C 340 11.29 52.50 -8.59
N ASN C 341 11.47 53.25 -9.68
CA ASN C 341 12.75 53.83 -10.06
C ASN C 341 13.83 52.75 -10.15
N LEU C 342 13.58 51.78 -11.03
CA LEU C 342 14.48 50.64 -11.14
C LEU C 342 15.85 51.05 -11.66
N SER C 343 15.89 52.03 -12.57
CA SER C 343 17.17 52.45 -13.13
C SER C 343 18.09 53.01 -12.06
N LEU C 344 17.55 53.78 -11.13
CA LEU C 344 18.36 54.33 -10.06
C LEU C 344 18.72 53.28 -9.02
N LEU C 345 17.89 52.25 -8.87
CA LEU C 345 18.14 51.23 -7.87
C LEU C 345 19.39 50.43 -8.20
N GLY C 346 19.95 49.81 -7.16
CA GLY C 346 21.15 49.01 -7.31
C GLY C 346 20.88 47.75 -8.11
N PRO C 347 21.94 47.14 -8.63
CA PRO C 347 21.76 45.96 -9.48
C PRO C 347 21.07 44.80 -8.78
N ALA C 348 21.33 44.59 -7.49
CA ALA C 348 20.70 43.48 -6.77
C ALA C 348 19.20 43.71 -6.65
N GLU C 349 18.80 44.90 -6.21
CA GLU C 349 17.38 45.21 -6.10
C GLU C 349 16.71 45.20 -7.46
N ARG C 350 17.41 45.70 -8.49
CA ARG C 350 16.85 45.68 -9.84
C ARG C 350 16.62 44.25 -10.32
N LEU C 351 17.58 43.36 -10.09
CA LEU C 351 17.41 41.98 -10.50
C LEU C 351 16.29 41.30 -9.71
N VAL C 352 16.19 41.58 -8.42
CA VAL C 352 15.13 41.00 -7.60
C VAL C 352 13.76 41.45 -8.11
N PHE C 353 13.64 42.75 -8.42
CA PHE C 353 12.37 43.25 -8.94
C PHE C 353 12.06 42.67 -10.31
N TYR C 354 13.08 42.48 -11.15
CA TYR C 354 12.88 41.85 -12.45
C TYR C 354 12.38 40.43 -12.32
N MET C 355 12.94 39.66 -11.38
CA MET C 355 12.46 38.31 -11.14
C MET C 355 11.06 38.31 -10.55
N ILE C 356 10.74 39.30 -9.71
CA ILE C 356 9.40 39.37 -9.11
C ILE C 356 8.34 39.61 -10.17
N TYR C 357 8.62 40.49 -11.13
CA TYR C 357 7.66 40.83 -12.17
C TYR C 357 7.77 39.92 -13.39
N ASP C 358 8.66 38.93 -13.36
CA ASP C 358 8.77 37.91 -14.41
C ASP C 358 9.06 38.53 -15.77
N ASN C 359 10.23 39.16 -15.88
CA ASN C 359 10.72 39.72 -17.13
C ASN C 359 11.99 38.96 -17.49
N LYS C 360 11.82 37.85 -18.23
CA LYS C 360 12.91 36.90 -18.44
C LYS C 360 14.10 37.54 -19.12
N GLU C 361 13.85 38.33 -20.17
CA GLU C 361 14.96 38.94 -20.91
C GLU C 361 15.75 39.89 -20.01
N LYS C 362 15.06 40.68 -19.19
CA LYS C 362 15.77 41.59 -18.30
C LYS C 362 16.56 40.86 -17.24
N GLN C 363 15.99 39.78 -16.68
CA GLN C 363 16.76 38.97 -15.73
C GLN C 363 18.02 38.41 -16.37
N ASN C 364 17.90 37.87 -17.59
CA ASN C 364 19.07 37.32 -18.26
C ASN C 364 20.11 38.40 -18.53
N GLU C 365 19.67 39.59 -18.97
CA GLU C 365 20.59 40.68 -19.23
C GLU C 365 21.31 41.12 -17.97
N ILE C 366 20.58 41.28 -16.87
CA ILE C 366 21.19 41.70 -15.61
C ILE C 366 22.18 40.66 -15.14
N CYS C 367 21.85 39.37 -15.29
CA CYS C 367 22.77 38.32 -14.87
C CYS C 367 24.05 38.34 -15.72
N GLN C 368 23.90 38.45 -17.04
CA GLN C 368 25.08 38.44 -17.90
C GLN C 368 25.93 39.70 -17.74
N GLN C 369 25.34 40.80 -17.26
CA GLN C 369 26.14 41.97 -16.93
C GLN C 369 26.68 41.95 -15.50
N LEU C 370 26.16 41.10 -14.62
CA LEU C 370 26.72 40.95 -13.28
C LEU C 370 27.68 39.78 -13.14
N ARG C 371 27.95 39.06 -14.23
CA ARG C 371 29.00 38.03 -14.18
C ARG C 371 30.32 38.56 -13.62
N MET C 372 30.71 39.77 -14.01
CA MET C 372 32.03 40.28 -13.60
C MET C 372 32.16 40.40 -12.09
N TYR C 373 31.07 40.76 -11.40
CA TYR C 373 31.12 40.89 -9.95
C TYR C 373 31.34 39.56 -9.25
N GLU C 374 31.26 38.44 -9.98
CA GLU C 374 31.62 37.16 -9.39
C GLU C 374 33.10 37.11 -9.01
N ARG C 375 33.92 38.03 -9.53
CA ARG C 375 35.32 38.08 -9.14
C ARG C 375 35.46 38.45 -7.66
N PHE C 376 34.69 39.43 -7.20
CA PHE C 376 34.81 39.87 -5.82
C PHE C 376 34.31 38.80 -4.85
N ARG C 377 33.11 38.27 -5.10
CA ARG C 377 32.55 37.20 -4.30
C ARG C 377 31.92 36.20 -5.25
N PRO C 378 32.19 34.90 -5.07
CA PRO C 378 31.62 33.89 -5.98
C PRO C 378 30.13 33.63 -5.77
N GLU C 379 29.45 34.42 -4.95
CA GLU C 379 28.02 34.24 -4.69
C GLU C 379 27.30 35.58 -4.74
N VAL C 380 27.79 36.51 -5.57
CA VAL C 380 27.13 37.80 -5.71
C VAL C 380 25.76 37.64 -6.36
N VAL C 381 25.66 36.78 -7.38
CA VAL C 381 24.43 36.61 -8.12
C VAL C 381 23.86 35.20 -8.01
N GLU C 382 24.67 34.19 -7.69
CA GLU C 382 24.17 32.82 -7.65
C GLU C 382 23.23 32.60 -6.46
N GLU C 383 23.76 32.78 -5.24
CA GLU C 383 22.95 32.52 -4.06
C GLU C 383 21.77 33.47 -3.96
N LEU C 384 21.94 34.72 -4.40
CA LEU C 384 20.83 35.66 -4.44
C LEU C 384 19.73 35.14 -5.37
N TYR C 385 20.11 34.66 -6.55
CA TYR C 385 19.13 34.11 -7.48
C TYR C 385 18.41 32.91 -6.88
N ASN C 386 19.16 31.98 -6.28
CA ASN C 386 18.54 30.80 -5.70
C ASN C 386 17.59 31.16 -4.56
N SER C 387 18.01 32.07 -3.68
CA SER C 387 17.16 32.46 -2.56
C SER C 387 15.90 33.17 -3.03
N THR C 388 16.04 34.08 -3.99
CA THR C 388 14.86 34.79 -4.48
C THR C 388 13.91 33.84 -5.20
N LEU C 389 14.45 32.91 -5.99
CA LEU C 389 13.59 31.95 -6.68
C LEU C 389 12.87 31.04 -5.70
N ARG C 390 13.58 30.59 -4.66
CA ARG C 390 12.94 29.71 -3.68
C ARG C 390 11.91 30.46 -2.83
N VAL C 391 12.11 31.77 -2.61
CA VAL C 391 11.11 32.56 -1.92
C VAL C 391 9.88 32.76 -2.80
N LEU C 392 10.10 33.04 -4.09
CA LEU C 392 8.98 33.23 -5.01
C LEU C 392 8.21 31.93 -5.24
N ALA C 393 8.89 30.79 -5.13
CA ALA C 393 8.26 29.50 -5.38
C ALA C 393 7.14 29.17 -4.40
N LEU C 394 7.09 29.84 -3.24
CA LEU C 394 6.00 29.62 -2.30
C LEU C 394 4.72 30.37 -2.67
N THR C 395 4.78 31.28 -3.63
CA THR C 395 3.63 32.07 -4.01
C THR C 395 2.80 31.46 -5.14
N ASN C 396 3.28 30.40 -5.78
CA ASN C 396 2.54 29.80 -6.87
C ASN C 396 1.34 29.02 -6.34
N PRO C 397 0.23 28.98 -7.09
CA PRO C 397 -0.97 28.24 -6.69
C PRO C 397 -0.74 26.74 -6.67
N ASN C 407 -10.21 26.75 -0.77
CA ASN C 407 -11.57 27.06 -0.37
C ASN C 407 -11.87 28.55 -0.54
N GLU C 408 -10.82 29.36 -0.52
CA GLU C 408 -10.97 30.80 -0.64
C GLU C 408 -11.45 31.17 -2.04
N SER C 409 -12.36 32.13 -2.11
CA SER C 409 -12.86 32.67 -3.38
C SER C 409 -12.83 34.19 -3.25
N ARG C 410 -11.85 34.84 -3.88
CA ARG C 410 -11.61 36.26 -3.72
C ARG C 410 -11.93 36.98 -5.01
N SER C 411 -12.83 37.97 -4.94
CA SER C 411 -13.11 38.87 -6.04
C SER C 411 -12.65 40.27 -5.66
N PHE C 412 -11.94 40.92 -6.58
CA PHE C 412 -11.29 42.20 -6.30
C PHE C 412 -12.02 43.38 -6.94
N GLY C 413 -13.34 43.26 -7.11
CA GLY C 413 -14.11 44.37 -7.65
C GLY C 413 -15.54 44.02 -8.00
N LEU C 414 -16.37 45.03 -8.21
CA LEU C 414 -17.75 44.82 -8.63
C LEU C 414 -17.89 44.66 -10.13
N SER C 415 -16.80 44.82 -10.89
CA SER C 415 -16.82 44.70 -12.34
C SER C 415 -15.74 43.73 -12.79
N VAL C 416 -15.93 43.17 -13.99
CA VAL C 416 -14.97 42.24 -14.55
C VAL C 416 -13.63 42.92 -14.85
N GLU C 417 -13.63 44.24 -15.01
CA GLU C 417 -12.39 44.95 -15.32
C GLU C 417 -11.37 44.80 -14.19
N ASP C 418 -11.81 44.93 -12.94
CA ASP C 418 -10.89 44.76 -11.82
C ASP C 418 -10.34 43.34 -11.76
N ASP C 419 -11.20 42.35 -12.00
CA ASP C 419 -10.75 40.96 -11.96
C ASP C 419 -9.73 40.68 -13.06
N LEU C 420 -9.97 41.18 -14.26
CA LEU C 420 -9.04 40.92 -15.36
C LEU C 420 -7.74 41.69 -15.16
N ALA C 421 -7.81 42.87 -14.55
CA ALA C 421 -6.59 43.61 -14.24
C ALA C 421 -5.77 42.89 -13.17
N PHE C 422 -6.44 42.28 -12.18
CA PHE C 422 -5.73 41.53 -11.16
C PHE C 422 -5.15 40.23 -11.72
N ASN C 423 -5.84 39.62 -12.67
CA ASN C 423 -5.40 38.33 -13.20
C ASN C 423 -4.07 38.45 -13.94
N VAL C 424 -3.89 39.51 -14.74
CA VAL C 424 -2.69 39.64 -15.55
C VAL C 424 -1.45 39.98 -14.74
N LEU C 425 -1.61 40.31 -13.46
CA LEU C 425 -0.48 40.66 -12.63
C LEU C 425 0.38 39.43 -12.33
N PRO C 426 1.67 39.62 -12.02
CA PRO C 426 2.53 38.49 -11.70
C PRO C 426 2.06 37.76 -10.45
N THR C 427 2.51 36.51 -10.32
CA THR C 427 2.04 35.67 -9.23
C THR C 427 2.47 36.22 -7.87
N PHE C 428 3.68 36.76 -7.77
CA PHE C 428 4.10 37.37 -6.51
C PHE C 428 3.29 38.62 -6.21
N ILE C 429 3.05 39.45 -7.23
CA ILE C 429 2.22 40.64 -7.03
C ILE C 429 0.79 40.24 -6.67
N GLN C 430 0.27 39.19 -7.31
CA GLN C 430 -1.07 38.71 -6.99
C GLN C 430 -1.15 38.24 -5.55
N ASN C 431 -0.14 37.48 -5.09
CA ASN C 431 -0.14 37.02 -3.70
C ASN C 431 -0.04 38.19 -2.74
N LEU C 432 0.80 39.18 -3.04
CA LEU C 432 0.94 40.35 -2.17
C LEU C 432 -0.37 41.13 -2.09
N ILE C 433 -1.06 41.29 -3.23
CA ILE C 433 -2.33 42.00 -3.23
C ILE C 433 -3.38 41.23 -2.44
N ARG C 434 -3.43 39.90 -2.63
CA ARG C 434 -4.40 39.09 -1.91
C ARG C 434 -4.16 39.14 -0.40
N LYS C 435 -2.91 39.13 0.02
CA LYS C 435 -2.60 39.18 1.44
C LYS C 435 -2.78 40.57 2.04
N CYS C 436 -2.55 41.63 1.26
CA CYS C 436 -2.56 42.98 1.80
C CYS C 436 -3.92 43.66 1.70
N VAL C 437 -4.77 43.23 0.78
CA VAL C 437 -6.08 43.85 0.56
C VAL C 437 -7.13 43.01 1.26
N ALA C 438 -7.80 43.59 2.25
CA ALA C 438 -8.87 42.92 2.95
C ALA C 438 -10.18 43.04 2.18
N PRO C 439 -11.09 42.08 2.33
CA PRO C 439 -12.38 42.16 1.64
C PRO C 439 -13.30 43.19 2.26
N GLU C 440 -14.10 43.83 1.39
CA GLU C 440 -15.13 44.75 1.87
C GLU C 440 -16.17 44.02 2.70
N SER C 441 -16.60 42.84 2.26
CA SER C 441 -17.61 42.05 2.94
C SER C 441 -17.20 40.58 2.87
N LEU C 442 -16.65 40.08 3.97
CA LEU C 442 -16.26 38.67 4.02
C LEU C 442 -17.51 37.80 4.08
N THR C 443 -17.37 36.56 3.63
CA THR C 443 -18.44 35.57 3.67
C THR C 443 -17.86 34.31 4.30
N ILE C 444 -18.06 34.14 5.60
CA ILE C 444 -17.45 33.05 6.35
C ILE C 444 -18.56 32.09 6.79
N GLY C 445 -18.28 30.80 6.65
CA GLY C 445 -19.27 29.79 6.95
C GLY C 445 -20.52 29.96 6.11
N THR C 446 -21.60 30.39 6.73
CA THR C 446 -22.86 30.68 6.04
C THR C 446 -23.34 32.10 6.28
N GLU C 447 -22.49 32.98 6.83
CA GLU C 447 -22.90 34.34 7.15
C GLU C 447 -21.91 35.34 6.59
N ASP C 448 -22.43 36.53 6.28
CA ASP C 448 -21.65 37.62 5.71
C ASP C 448 -21.29 38.61 6.81
N LEU C 449 -20.01 39.02 6.83
CA LEU C 449 -19.50 39.99 7.78
C LEU C 449 -19.04 41.20 7.00
N GLN C 450 -19.79 42.30 7.06
CA GLN C 450 -19.49 43.50 6.30
C GLN C 450 -18.44 44.30 7.05
N LEU C 451 -17.18 44.10 6.68
CA LEU C 451 -16.08 44.82 7.34
C LEU C 451 -16.17 46.31 7.06
N ARG C 452 -16.44 46.69 5.82
CA ARG C 452 -16.63 48.09 5.46
C ARG C 452 -17.65 48.18 4.34
N ASN C 453 -18.34 49.32 4.28
CA ASN C 453 -19.39 49.51 3.29
C ASN C 453 -18.90 50.07 1.97
N ALA C 454 -17.67 50.62 1.93
CA ALA C 454 -17.12 51.18 0.71
C ALA C 454 -15.68 50.73 0.54
N ASN C 455 -15.25 50.63 -0.72
CA ASN C 455 -13.88 50.23 -1.02
C ASN C 455 -12.91 51.35 -0.67
N THR C 456 -11.65 50.96 -0.48
CA THR C 456 -10.59 51.90 -0.16
C THR C 456 -9.45 51.88 -1.15
N CYS C 457 -9.20 50.74 -1.81
CA CYS C 457 -8.16 50.64 -2.82
C CYS C 457 -8.75 50.05 -4.08
N ARG C 458 -8.13 50.37 -5.21
CA ARG C 458 -8.61 49.92 -6.51
C ARG C 458 -7.48 49.20 -7.25
N ILE C 459 -7.88 48.35 -8.19
CA ILE C 459 -6.94 47.58 -9.00
C ILE C 459 -7.25 47.87 -10.45
N THR C 460 -6.30 48.52 -11.14
CA THR C 460 -6.44 48.82 -12.57
C THR C 460 -5.18 48.39 -13.31
N SER C 461 -5.06 48.78 -14.58
CA SER C 461 -3.87 48.44 -15.35
C SER C 461 -2.61 49.02 -14.73
N GLU C 462 -2.74 50.15 -14.01
CA GLU C 462 -1.58 50.74 -13.34
C GLU C 462 -1.15 49.94 -12.11
N GLY C 463 -2.00 49.02 -11.64
CA GLY C 463 -1.69 48.22 -10.46
C GLY C 463 -2.70 48.47 -9.35
N LEU C 464 -2.23 48.34 -8.12
CA LEU C 464 -3.05 48.60 -6.93
C LEU C 464 -2.80 50.03 -6.47
N LEU C 465 -3.85 50.84 -6.48
CA LEU C 465 -3.76 52.26 -6.13
C LEU C 465 -4.71 52.58 -4.98
N ALA C 466 -4.40 53.67 -4.28
CA ALA C 466 -5.29 54.24 -3.28
C ALA C 466 -6.11 55.33 -3.96
N SER C 467 -7.15 54.89 -4.68
CA SER C 467 -7.92 55.81 -5.53
C SER C 467 -8.63 56.87 -4.69
N VAL C 468 -9.25 56.48 -3.57
CA VAL C 468 -10.00 57.42 -2.77
C VAL C 468 -9.06 58.37 -2.05
N ARG C 469 -9.46 59.63 -1.95
CA ARG C 469 -8.63 60.66 -1.31
C ARG C 469 -8.93 60.75 0.19
N LEU C 470 -8.86 59.61 0.87
CA LEU C 470 -9.06 59.60 2.32
C LEU C 470 -7.88 60.25 3.03
N TYR C 471 -8.18 60.92 4.14
CA TYR C 471 -7.15 61.58 4.92
C TYR C 471 -6.34 60.55 5.70
N ASN C 472 -5.01 60.64 5.58
CA ASN C 472 -4.10 59.73 6.27
C ASN C 472 -3.46 60.47 7.43
N SER C 473 -3.74 60.01 8.65
CA SER C 473 -3.19 60.60 9.87
C SER C 473 -2.29 59.61 10.58
N VAL C 474 -1.50 58.85 9.83
CA VAL C 474 -0.59 57.86 10.36
C VAL C 474 0.83 58.35 10.20
N GLN C 475 1.64 58.17 11.24
CA GLN C 475 3.06 58.53 11.18
C GLN C 475 3.85 57.30 10.80
N PRO C 476 4.50 57.28 9.63
CA PRO C 476 5.28 56.09 9.25
C PRO C 476 6.40 55.83 10.23
N LYS C 477 6.63 54.54 10.50
CA LYS C 477 7.68 54.12 11.41
C LYS C 477 9.03 53.94 10.73
N TYR C 478 9.08 54.07 9.40
CA TYR C 478 10.33 54.01 8.67
C TYR C 478 10.54 55.17 7.70
N LEU C 479 9.48 55.71 7.09
CA LEU C 479 9.60 56.86 6.21
C LEU C 479 9.33 58.15 6.98
N TYR C 480 10.15 58.36 8.02
CA TYR C 480 10.00 59.51 8.90
C TYR C 480 11.17 60.48 8.85
N GLY C 481 12.36 60.05 8.43
CA GLY C 481 13.50 60.93 8.40
C GLY C 481 13.35 62.01 7.34
N VAL C 482 13.84 63.20 7.67
CA VAL C 482 13.84 64.35 6.76
C VAL C 482 15.19 65.05 6.85
N ASN C 483 15.48 65.83 5.81
CA ASN C 483 16.72 66.61 5.77
C ASN C 483 16.57 67.80 6.69
N GLU C 484 16.98 67.62 7.95
CA GLU C 484 16.83 68.68 8.94
C GLU C 484 17.81 69.83 8.70
N ASN C 485 18.93 69.55 8.04
CA ASN C 485 19.99 70.55 7.92
C ASN C 485 19.55 71.74 7.06
N ARG C 486 19.00 71.48 5.88
CA ARG C 486 18.65 72.61 5.03
C ARG C 486 17.29 73.17 5.41
N LEU C 487 16.85 74.16 4.62
CA LEU C 487 15.65 74.92 4.88
C LEU C 487 14.59 74.64 3.81
N GLN C 488 13.34 74.54 4.26
CA GLN C 488 12.20 74.33 3.37
C GLN C 488 11.08 75.29 3.73
N ILE C 489 10.27 75.64 2.74
CA ILE C 489 9.18 76.59 2.88
C ILE C 489 7.87 75.93 2.48
N ARG C 490 6.87 76.05 3.35
CA ARG C 490 5.54 75.55 3.06
C ARG C 490 4.52 76.34 3.86
N ASN C 491 3.27 76.30 3.42
CA ASN C 491 2.16 77.00 4.06
C ASN C 491 1.28 75.96 4.76
N VAL C 492 1.58 75.70 6.02
CA VAL C 492 0.85 74.71 6.81
C VAL C 492 -0.35 75.37 7.48
N LEU C 493 -1.27 74.55 7.98
CA LEU C 493 -2.39 75.03 8.78
C LEU C 493 -1.98 75.08 10.24
N GLN C 494 -2.47 76.09 10.95
CA GLN C 494 -2.07 76.31 12.33
C GLN C 494 -3.30 76.50 13.22
N PHE C 495 -3.20 76.00 14.44
CA PHE C 495 -4.18 76.22 15.49
C PHE C 495 -3.58 77.11 16.58
N GLN C 496 -4.44 77.52 17.52
CA GLN C 496 -4.01 78.43 18.58
C GLN C 496 -3.07 77.73 19.56
N GLY C 497 -3.44 76.54 20.01
CA GLY C 497 -2.67 75.84 21.01
C GLY C 497 -3.26 75.99 22.41
N ASN C 498 -4.56 76.21 22.48
CA ASN C 498 -5.27 76.37 23.74
C ASN C 498 -6.06 75.10 24.04
N ALA C 499 -5.97 74.64 25.30
CA ALA C 499 -6.64 73.40 25.68
C ALA C 499 -8.15 73.50 25.52
N ASN C 500 -8.74 74.63 25.92
CA ASN C 500 -10.18 74.80 25.78
C ASN C 500 -10.58 74.94 24.31
N ALA C 501 -9.78 75.66 23.52
CA ALA C 501 -10.11 75.84 22.11
C ALA C 501 -9.96 74.54 21.33
N LEU C 502 -8.89 73.79 21.56
CA LEU C 502 -8.61 72.56 20.84
C LEU C 502 -9.26 71.34 21.49
N GLN C 503 -9.98 71.52 22.60
CA GLN C 503 -10.62 70.42 23.31
C GLN C 503 -9.62 69.33 23.68
N GLN C 504 -8.45 69.75 24.17
CA GLN C 504 -7.42 68.79 24.56
C GLN C 504 -7.86 67.89 25.70
N LYS C 505 -8.85 68.31 26.49
CA LYS C 505 -9.36 67.49 27.57
C LYS C 505 -10.01 66.21 27.08
N LEU C 506 -10.33 66.12 25.79
CA LEU C 506 -10.86 64.90 25.21
C LEU C 506 -9.78 63.91 24.82
N SER C 507 -8.50 64.25 25.00
CA SER C 507 -7.42 63.34 24.65
C SER C 507 -7.40 62.10 25.52
N ARG C 508 -7.96 62.17 26.73
CA ARG C 508 -8.01 60.99 27.59
C ARG C 508 -8.96 59.92 27.07
N TYR C 509 -9.88 60.28 26.18
CA TYR C 509 -10.79 59.31 25.61
C TYR C 509 -10.06 58.40 24.64
N GLU C 510 -10.66 57.25 24.34
CA GLU C 510 -10.08 56.33 23.39
C GLU C 510 -9.99 56.99 22.02
N LEU C 511 -8.82 56.86 21.39
CA LEU C 511 -8.55 57.56 20.13
C LEU C 511 -8.95 56.69 18.94
N TYR C 512 -9.72 57.28 18.03
CA TYR C 512 -10.07 56.62 16.77
C TYR C 512 -9.00 56.98 15.75
N GLN C 513 -8.11 56.04 15.47
CA GLN C 513 -7.01 56.30 14.55
C GLN C 513 -7.53 56.48 13.13
N ILE C 514 -7.10 57.55 12.48
CA ILE C 514 -7.51 57.82 11.09
C ILE C 514 -6.48 57.13 10.21
N ASN C 515 -6.70 55.84 9.99
CA ASN C 515 -5.86 55.03 9.12
C ASN C 515 -6.55 54.78 7.80
N ILE C 516 -5.79 54.22 6.86
CA ILE C 516 -6.34 53.87 5.55
C ILE C 516 -5.99 52.41 5.27
N PRO C 517 -6.69 51.46 5.88
CA PRO C 517 -6.50 50.05 5.51
C PRO C 517 -7.08 49.76 4.14
N LEU C 518 -6.49 48.80 3.44
CA LEU C 518 -6.90 48.47 2.09
C LEU C 518 -8.08 47.51 2.15
N PHE C 519 -9.26 48.00 1.76
CA PHE C 519 -10.48 47.19 1.70
C PHE C 519 -11.03 47.25 0.29
N LEU C 520 -11.23 46.09 -0.32
CA LEU C 520 -11.71 46.03 -1.70
C LEU C 520 -12.25 44.64 -1.98
N GLY C 521 -13.39 44.58 -2.67
CA GLY C 521 -13.94 43.32 -3.14
C GLY C 521 -14.53 42.47 -2.02
N LYS C 522 -14.75 41.20 -2.38
CA LYS C 522 -15.37 40.23 -1.49
C LYS C 522 -14.48 39.00 -1.37
N GLN C 523 -14.57 38.34 -0.22
CA GLN C 523 -13.88 37.09 0.02
C GLN C 523 -14.88 36.06 0.53
N ILE C 524 -14.70 34.81 0.12
CA ILE C 524 -15.56 33.71 0.54
C ILE C 524 -14.68 32.62 1.12
N ILE C 525 -14.90 32.29 2.39
CA ILE C 525 -14.17 31.22 3.07
C ILE C 525 -15.22 30.22 3.54
N SER C 526 -15.26 29.06 2.89
CA SER C 526 -16.22 28.01 3.23
C SER C 526 -15.51 26.67 3.15
N THR C 527 -15.51 25.94 4.26
CA THR C 527 -14.86 24.64 4.33
C THR C 527 -15.32 23.86 5.55
N LEU D 249 -20.54 72.88 37.06
CA LEU D 249 -21.16 71.57 37.19
C LEU D 249 -20.10 70.47 37.29
N ARG D 250 -20.03 69.82 38.45
CA ARG D 250 -19.10 68.71 38.62
C ARG D 250 -19.47 67.55 37.71
N ASN D 251 -20.75 67.24 37.60
CA ASN D 251 -21.25 66.18 36.74
C ASN D 251 -22.12 66.78 35.64
N PHE D 252 -21.77 66.49 34.39
CA PHE D 252 -22.46 67.06 33.23
C PHE D 252 -23.53 66.13 32.68
N CYS D 253 -23.67 64.92 33.21
CA CYS D 253 -24.68 63.99 32.70
C CYS D 253 -26.07 64.48 33.05
N VAL D 254 -26.97 64.44 32.07
CA VAL D 254 -28.34 64.88 32.31
C VAL D 254 -29.07 63.91 33.23
N PHE D 255 -28.69 62.63 33.20
CA PHE D 255 -29.29 61.62 34.05
C PHE D 255 -28.61 61.51 35.41
N SER D 256 -27.60 62.35 35.67
CA SER D 256 -26.89 62.28 36.95
C SER D 256 -27.81 62.66 38.11
N SER D 257 -28.70 63.63 37.91
CA SER D 257 -29.60 64.07 38.96
C SER D 257 -30.68 63.05 39.29
N VAL D 258 -30.82 61.99 38.50
CA VAL D 258 -31.83 60.98 38.76
C VAL D 258 -31.46 60.20 40.00
N LYS D 259 -32.33 60.23 41.00
CA LYS D 259 -32.16 59.51 42.25
C LYS D 259 -33.47 58.83 42.61
N PRO D 260 -33.42 57.75 43.38
CA PRO D 260 -34.68 57.15 43.86
C PRO D 260 -35.49 58.15 44.66
N LEU D 261 -36.78 58.23 44.36
CA LEU D 261 -37.64 59.23 44.97
C LEU D 261 -38.15 58.83 46.35
N ASP D 262 -37.88 57.61 46.80
CA ASP D 262 -38.25 57.19 48.14
C ASP D 262 -37.26 57.76 49.16
N PHE D 263 -37.46 57.42 50.43
CA PHE D 263 -36.61 57.91 51.51
C PHE D 263 -35.33 57.08 51.51
N CYS D 264 -34.34 57.51 50.74
CA CYS D 264 -33.05 56.84 50.64
C CYS D 264 -32.02 57.67 51.41
N ASP D 265 -31.38 57.03 52.39
CA ASP D 265 -30.37 57.73 53.18
C ASP D 265 -29.14 58.09 52.34
N GLN D 266 -28.69 57.15 51.51
CA GLN D 266 -27.53 57.37 50.66
C GLN D 266 -27.78 56.77 49.29
N TYR D 267 -27.13 57.36 48.27
CA TYR D 267 -27.25 56.88 46.90
C TYR D 267 -26.01 57.30 46.13
N SER D 268 -25.52 56.39 45.29
CA SER D 268 -24.36 56.66 44.43
C SER D 268 -24.83 56.67 42.98
N SER D 269 -24.51 57.75 42.28
CA SER D 269 -24.91 57.87 40.88
C SER D 269 -24.15 56.84 40.04
N PRO D 270 -24.84 56.16 39.11
CA PRO D 270 -24.17 55.18 38.25
C PRO D 270 -23.40 55.78 37.10
N CYS D 271 -23.19 57.09 37.07
CA CYS D 271 -22.46 57.73 35.99
C CYS D 271 -21.00 57.28 35.98
N SER D 272 -20.45 57.17 34.78
CA SER D 272 -19.07 56.73 34.62
C SER D 272 -18.10 57.82 35.05
N SER D 273 -16.81 57.47 35.09
CA SER D 273 -15.78 58.41 35.51
C SER D 273 -15.59 59.55 34.52
N ASP D 274 -16.09 59.40 33.29
CA ASP D 274 -15.96 60.43 32.27
C ASP D 274 -17.09 61.45 32.29
N ALA D 275 -18.01 61.34 33.25
CA ALA D 275 -19.12 62.28 33.34
C ALA D 275 -18.69 63.66 33.81
N THR D 276 -17.47 63.82 34.29
CA THR D 276 -16.99 65.08 34.83
C THR D 276 -16.47 66.03 33.76
N VAL D 277 -16.28 65.58 32.53
CA VAL D 277 -15.77 66.41 31.45
C VAL D 277 -16.94 66.98 30.66
N ASP D 278 -16.74 68.18 30.11
CA ASP D 278 -17.77 68.87 29.33
C ASP D 278 -17.43 68.69 27.86
N ASP D 279 -17.81 67.54 27.31
CA ASP D 279 -17.56 67.22 25.91
C ASP D 279 -18.73 67.59 25.00
N GLY D 280 -19.79 68.17 25.53
CA GLY D 280 -20.96 68.54 24.76
C GLY D 280 -22.04 67.48 24.68
N TRP D 281 -21.72 66.23 25.01
CA TRP D 281 -22.73 65.19 25.03
C TRP D 281 -23.77 65.44 26.11
N PHE D 282 -23.31 65.89 27.29
CA PHE D 282 -24.14 66.04 28.49
C PHE D 282 -24.76 64.72 28.93
N VAL D 283 -24.20 63.60 28.45
CA VAL D 283 -24.57 62.26 28.89
C VAL D 283 -23.28 61.49 29.11
N CYS D 284 -23.20 60.78 30.24
CA CYS D 284 -22.02 59.97 30.49
C CYS D 284 -21.99 58.77 29.56
N GLU D 285 -20.80 58.17 29.43
CA GLU D 285 -20.65 57.02 28.55
C GLU D 285 -21.54 55.86 28.98
N TYR D 286 -21.69 55.67 30.28
CA TYR D 286 -22.56 54.60 30.78
C TYR D 286 -24.00 54.82 30.34
N HIS D 287 -24.52 56.05 30.53
CA HIS D 287 -25.89 56.33 30.15
C HIS D 287 -26.06 56.33 28.63
N ALA D 288 -25.05 56.81 27.90
CA ALA D 288 -25.12 56.79 26.45
C ALA D 288 -25.19 55.37 25.93
N SER D 289 -24.41 54.46 26.51
CA SER D 289 -24.47 53.05 26.11
C SER D 289 -25.77 52.40 26.55
N ARG D 290 -26.28 52.76 27.73
CA ARG D 290 -27.48 52.11 28.25
C ARG D 290 -28.72 52.53 27.46
N PHE D 291 -28.84 53.81 27.14
CA PHE D 291 -30.02 54.33 26.46
C PHE D 291 -29.84 54.44 24.96
N PHE D 292 -28.80 55.15 24.50
CA PHE D 292 -28.60 55.40 23.08
C PHE D 292 -27.68 54.39 22.41
N LYS D 293 -27.16 53.42 23.16
CA LYS D 293 -26.32 52.35 22.62
C LYS D 293 -25.09 52.91 21.89
N MET D 294 -24.46 53.91 22.49
CA MET D 294 -23.25 54.50 21.93
C MET D 294 -22.17 54.58 22.99
N GLU D 295 -20.92 54.49 22.54
CA GLU D 295 -19.77 54.79 23.38
C GLU D 295 -19.06 56.01 22.81
N LYS D 296 -18.11 56.54 23.57
CA LYS D 296 -17.44 57.78 23.20
C LYS D 296 -16.05 57.50 22.63
N LEU D 297 -15.70 58.22 21.57
CA LEU D 297 -14.39 58.12 20.94
C LEU D 297 -13.88 59.52 20.66
N ALA D 298 -12.55 59.64 20.60
CA ALA D 298 -11.90 60.90 20.29
C ALA D 298 -11.33 60.87 18.88
N LEU D 299 -11.45 61.99 18.17
CA LEU D 299 -11.01 62.12 16.79
C LEU D 299 -10.06 63.30 16.70
N ALA D 300 -8.79 63.03 16.44
CA ALA D 300 -7.75 64.06 16.41
C ALA D 300 -7.50 64.50 14.98
N ILE D 301 -7.65 65.79 14.72
CA ILE D 301 -7.38 66.40 13.43
C ILE D 301 -6.07 67.19 13.57
N PRO D 302 -4.99 66.77 12.88
CA PRO D 302 -3.73 67.52 12.98
C PRO D 302 -3.67 68.64 11.95
N ASP D 303 -3.29 69.84 12.41
CA ASP D 303 -3.16 70.98 11.50
C ASP D 303 -1.89 70.91 10.66
N GLY D 304 -0.82 70.33 11.20
CA GLY D 304 0.46 70.27 10.53
C GLY D 304 1.62 70.88 11.31
N THR D 305 1.37 71.50 12.46
CA THR D 305 2.42 72.06 13.29
C THR D 305 2.58 71.35 14.63
N GLY D 306 1.72 70.38 14.94
CA GLY D 306 1.82 69.66 16.19
C GLY D 306 0.53 69.68 16.99
N ASN D 307 -0.19 70.80 16.94
CA ASN D 307 -1.45 70.91 17.64
C ASN D 307 -2.50 70.02 17.00
N ASN D 308 -3.32 69.39 17.84
CA ASN D 308 -4.37 68.49 17.40
C ASN D 308 -5.72 68.99 17.90
N TYR D 309 -6.68 69.12 16.97
CA TYR D 309 -8.04 69.50 17.32
C TYR D 309 -8.83 68.23 17.60
N TYR D 310 -9.28 68.06 18.83
CA TYR D 310 -9.99 66.86 19.24
C TYR D 310 -11.50 67.08 19.14
N ARG D 311 -12.17 66.15 18.47
CA ARG D 311 -13.62 66.19 18.33
C ARG D 311 -14.20 64.86 18.82
N THR D 312 -15.21 64.92 19.67
CA THR D 312 -15.87 63.72 20.15
C THR D 312 -16.71 63.09 19.04
N VAL D 313 -16.85 61.77 19.10
CA VAL D 313 -17.60 61.02 18.10
C VAL D 313 -18.22 59.82 18.78
N GLY D 314 -19.37 59.38 18.26
CA GLY D 314 -20.07 58.23 18.81
C GLY D 314 -19.70 56.94 18.10
N LYS D 315 -19.39 55.92 18.89
CA LYS D 315 -19.14 54.57 18.38
C LYS D 315 -20.38 53.73 18.62
N SER D 316 -20.92 53.15 17.56
CA SER D 316 -22.15 52.39 17.63
C SER D 316 -21.93 51.03 18.28
N LEU D 317 -22.80 50.68 19.22
CA LEU D 317 -22.78 49.38 19.86
C LEU D 317 -23.79 48.41 19.25
N VAL D 318 -24.44 48.80 18.16
CA VAL D 318 -25.44 47.95 17.52
C VAL D 318 -24.74 46.88 16.69
N ASP D 319 -25.06 45.63 16.94
CA ASP D 319 -24.48 44.53 16.20
C ASP D 319 -25.14 44.39 14.83
N ASP D 320 -24.46 43.69 13.92
CA ASP D 320 -25.00 43.49 12.59
C ASP D 320 -26.24 42.60 12.61
N LYS D 321 -26.37 41.74 13.62
CA LYS D 321 -27.55 40.88 13.72
C LYS D 321 -28.79 41.64 14.17
N ALA D 322 -28.62 42.80 14.79
CA ALA D 322 -29.77 43.58 15.23
C ALA D 322 -30.57 44.07 14.03
N GLU D 323 -31.90 44.10 14.19
CA GLU D 323 -32.79 44.49 13.11
C GLU D 323 -33.91 45.35 13.66
N GLY D 324 -34.41 46.25 12.82
CA GLY D 324 -35.56 47.05 13.18
C GLY D 324 -35.27 48.02 14.31
N ILE D 325 -36.10 47.96 15.35
CA ILE D 325 -35.99 48.90 16.46
C ILE D 325 -34.66 48.76 17.19
N GLU D 326 -34.04 47.58 17.11
CA GLU D 326 -32.74 47.38 17.73
C GLU D 326 -31.64 48.19 17.06
N ARG D 327 -31.87 48.68 15.85
CA ARG D 327 -30.89 49.48 15.13
C ARG D 327 -31.03 50.97 15.37
N ILE D 328 -32.03 51.40 16.16
CA ILE D 328 -32.25 52.81 16.43
C ILE D 328 -31.28 53.26 17.51
N LEU D 329 -30.32 54.09 17.13
CA LEU D 329 -29.35 54.60 18.10
C LEU D 329 -29.95 55.68 18.99
N ILE D 330 -30.42 56.76 18.37
CA ILE D 330 -31.06 57.86 19.09
C ILE D 330 -32.52 57.92 18.62
N PRO D 331 -33.48 57.52 19.43
CA PRO D 331 -34.88 57.62 19.01
C PRO D 331 -35.31 59.07 18.88
N SER D 332 -36.16 59.32 17.89
CA SER D 332 -36.72 60.64 17.68
C SER D 332 -37.93 60.86 18.59
N GLN D 333 -38.44 62.08 18.58
CA GLN D 333 -39.61 62.41 19.39
C GLN D 333 -40.86 61.67 18.95
N ASN D 334 -40.85 61.06 17.76
CA ASN D 334 -42.02 60.34 17.28
C ASN D 334 -42.23 59.03 18.03
N ASN D 335 -41.16 58.28 18.27
CA ASN D 335 -41.27 56.93 18.84
C ASN D 335 -40.21 56.69 19.91
N TYR D 336 -39.90 57.72 20.71
CA TYR D 336 -38.91 57.54 21.76
C TYR D 336 -39.46 56.73 22.92
N GLU D 337 -40.77 56.80 23.18
CA GLU D 337 -41.35 56.06 24.29
C GLU D 337 -41.18 54.56 24.11
N THR D 338 -41.42 54.06 22.91
CA THR D 338 -41.32 52.62 22.67
C THR D 338 -39.86 52.17 22.62
N VAL D 339 -38.98 53.00 22.05
CA VAL D 339 -37.58 52.62 21.93
C VAL D 339 -36.91 52.59 23.29
N LEU D 340 -37.13 53.61 24.11
CA LEU D 340 -36.50 53.72 25.41
C LEU D 340 -37.27 52.99 26.51
N ASN D 341 -38.45 52.46 26.22
CA ASN D 341 -39.30 51.79 27.19
C ASN D 341 -39.58 52.70 28.39
N LEU D 342 -40.18 53.85 28.07
CA LEU D 342 -40.43 54.87 29.10
C LEU D 342 -41.42 54.38 30.15
N SER D 343 -42.41 53.59 29.73
CA SER D 343 -43.42 53.11 30.68
C SER D 343 -42.79 52.24 31.76
N LEU D 344 -41.84 51.38 31.38
CA LEU D 344 -41.17 50.53 32.37
C LEU D 344 -40.17 51.32 33.20
N LEU D 345 -39.62 52.40 32.65
CA LEU D 345 -38.62 53.17 33.37
C LEU D 345 -39.22 53.85 34.60
N GLY D 346 -38.35 54.17 35.55
CA GLY D 346 -38.76 54.82 36.78
C GLY D 346 -39.26 56.22 36.53
N PRO D 347 -40.00 56.77 37.48
CA PRO D 347 -40.57 58.11 37.28
C PRO D 347 -39.54 59.21 37.07
N ALA D 348 -38.38 59.12 37.73
CA ALA D 348 -37.35 60.15 37.56
C ALA D 348 -36.78 60.11 36.14
N GLU D 349 -36.41 58.92 35.68
CA GLU D 349 -35.89 58.79 34.32
C GLU D 349 -36.95 59.16 33.28
N ARG D 350 -38.21 58.77 33.55
CA ARG D 350 -39.29 59.12 32.63
C ARG D 350 -39.47 60.62 32.54
N LEU D 351 -39.44 61.32 33.68
CA LEU D 351 -39.57 62.77 33.66
C LEU D 351 -38.39 63.43 32.97
N VAL D 352 -37.18 62.91 33.21
CA VAL D 352 -35.99 63.48 32.55
C VAL D 352 -36.09 63.31 31.05
N PHE D 353 -36.52 62.14 30.59
CA PHE D 353 -36.67 61.92 29.16
C PHE D 353 -37.78 62.78 28.57
N TYR D 354 -38.86 62.99 29.32
CA TYR D 354 -39.93 63.87 28.86
C TYR D 354 -39.44 65.30 28.70
N MET D 355 -38.64 65.79 29.65
CA MET D 355 -38.07 67.12 29.52
C MET D 355 -37.07 67.20 28.38
N ILE D 356 -36.32 66.13 28.14
CA ILE D 356 -35.34 66.12 27.06
C ILE D 356 -36.03 66.24 25.71
N TYR D 357 -37.12 65.52 25.52
CA TYR D 357 -37.85 65.53 24.25
C TYR D 357 -38.90 66.62 24.16
N ASP D 358 -39.02 67.46 25.19
CA ASP D 358 -39.89 68.64 25.17
C ASP D 358 -41.35 68.25 24.92
N ASN D 359 -41.91 67.50 25.88
CA ASN D 359 -43.32 67.12 25.87
C ASN D 359 -43.96 67.76 27.09
N LYS D 360 -44.45 68.99 26.92
CA LYS D 360 -44.85 69.82 28.06
C LYS D 360 -45.97 69.16 28.85
N GLU D 361 -46.99 68.63 28.17
CA GLU D 361 -48.12 68.03 28.86
C GLU D 361 -47.67 66.82 29.70
N LYS D 362 -46.77 66.00 29.14
CA LYS D 362 -46.30 64.83 29.89
C LYS D 362 -45.46 65.26 31.09
N GLN D 363 -44.61 66.27 30.93
CA GLN D 363 -43.85 66.78 32.08
C GLN D 363 -44.78 67.27 33.17
N ASN D 364 -45.80 68.04 32.81
CA ASN D 364 -46.74 68.54 33.81
C ASN D 364 -47.47 67.40 34.50
N GLU D 365 -47.90 66.39 33.72
CA GLU D 365 -48.60 65.26 34.32
C GLU D 365 -47.72 64.48 35.27
N ILE D 366 -46.46 64.22 34.87
CA ILE D 366 -45.55 63.49 35.74
C ILE D 366 -45.27 64.28 37.02
N CYS D 367 -45.13 65.61 36.90
CA CYS D 367 -44.90 66.43 38.08
C CYS D 367 -46.10 66.39 39.03
N GLN D 368 -47.31 66.56 38.48
CA GLN D 368 -48.49 66.58 39.34
C GLN D 368 -48.78 65.20 39.93
N GLN D 369 -48.29 64.12 39.32
CA GLN D 369 -48.41 62.81 39.95
C GLN D 369 -47.24 62.48 40.88
N LEU D 370 -46.13 63.21 40.81
CA LEU D 370 -45.04 63.03 41.75
C LEU D 370 -45.05 64.02 42.91
N ARG D 371 -46.06 64.88 42.99
CA ARG D 371 -46.21 65.74 44.17
C ARG D 371 -46.19 64.94 45.47
N MET D 372 -46.84 63.77 45.51
CA MET D 372 -46.96 63.03 46.76
C MET D 372 -45.60 62.61 47.30
N TYR D 373 -44.65 62.27 46.41
CA TYR D 373 -43.34 61.86 46.87
C TYR D 373 -42.57 63.00 47.54
N GLU D 374 -43.06 64.23 47.45
CA GLU D 374 -42.46 65.32 48.21
C GLU D 374 -42.56 65.09 49.71
N ARG D 375 -43.45 64.19 50.15
CA ARG D 375 -43.54 63.88 51.58
C ARG D 375 -42.26 63.22 52.08
N PHE D 376 -41.71 62.28 51.30
CA PHE D 376 -40.50 61.58 51.74
C PHE D 376 -39.30 62.49 51.75
N ARG D 377 -39.07 63.23 50.65
CA ARG D 377 -37.98 64.18 50.56
C ARG D 377 -38.54 65.43 49.89
N PRO D 378 -38.28 66.62 50.44
CA PRO D 378 -38.80 67.84 49.82
C PRO D 378 -38.09 68.26 48.55
N GLU D 379 -37.21 67.43 47.99
CA GLU D 379 -36.49 67.74 46.77
C GLU D 379 -36.49 66.56 45.82
N VAL D 380 -37.55 65.75 45.85
CA VAL D 380 -37.65 64.60 44.96
C VAL D 380 -37.79 65.07 43.51
N VAL D 381 -38.60 66.11 43.29
CA VAL D 381 -38.87 66.58 41.94
C VAL D 381 -38.38 68.01 41.71
N GLU D 382 -38.21 68.82 42.74
CA GLU D 382 -37.82 70.22 42.55
C GLU D 382 -36.38 70.33 42.07
N GLU D 383 -35.43 69.86 42.89
CA GLU D 383 -34.03 70.00 42.52
C GLU D 383 -33.69 69.20 41.27
N LEU D 384 -34.33 68.05 41.06
CA LEU D 384 -34.13 67.29 39.83
C LEU D 384 -34.57 68.12 38.63
N TYR D 385 -35.74 68.77 38.73
CA TYR D 385 -36.22 69.61 37.64
C TYR D 385 -35.25 70.76 37.37
N ASN D 386 -34.80 71.45 38.43
CA ASN D 386 -33.90 72.58 38.23
C ASN D 386 -32.59 72.13 37.61
N SER D 387 -32.01 71.03 38.10
CA SER D 387 -30.75 70.55 37.56
C SER D 387 -30.87 70.13 36.10
N THR D 388 -31.95 69.39 35.77
CA THR D 388 -32.13 68.96 34.40
C THR D 388 -32.36 70.14 33.46
N LEU D 389 -33.15 71.12 33.92
CA LEU D 389 -33.39 72.31 33.09
C LEU D 389 -32.10 73.10 32.88
N ARG D 390 -31.29 73.25 33.93
CA ARG D 390 -30.05 74.01 33.78
C ARG D 390 -29.04 73.25 32.93
N VAL D 391 -29.08 71.92 32.93
CA VAL D 391 -28.21 71.15 32.05
C VAL D 391 -28.67 71.29 30.61
N LEU D 392 -29.98 71.23 30.37
CA LEU D 392 -30.51 71.37 29.02
C LEU D 392 -30.29 72.78 28.48
N ALA D 393 -30.26 73.79 29.36
CA ALA D 393 -30.11 75.17 28.93
C ALA D 393 -28.78 75.45 28.24
N LEU D 394 -27.78 74.59 28.40
CA LEU D 394 -26.52 74.78 27.71
C LEU D 394 -26.55 74.29 26.27
N THR D 395 -27.61 73.58 25.86
CA THR D 395 -27.70 73.04 24.51
C THR D 395 -28.40 73.95 23.52
N ASN D 396 -29.00 75.04 23.99
CA ASN D 396 -29.71 75.94 23.08
C ASN D 396 -28.71 76.75 22.26
N PRO D 397 -29.06 77.08 21.01
CA PRO D 397 -28.20 77.89 20.14
C PRO D 397 -28.04 79.32 20.65
N ASN D 407 -19.46 79.47 13.51
CA ASN D 407 -18.69 79.27 12.29
C ASN D 407 -18.95 77.90 11.69
N GLU D 408 -19.40 76.96 12.53
CA GLU D 408 -19.66 75.61 12.07
C GLU D 408 -20.87 75.58 11.14
N SER D 409 -20.77 74.78 10.08
CA SER D 409 -21.87 74.56 9.15
C SER D 409 -21.96 73.06 8.92
N ARG D 410 -22.96 72.42 9.53
CA ARG D 410 -23.09 70.97 9.54
C ARG D 410 -24.30 70.55 8.72
N SER D 411 -24.07 69.71 7.73
CA SER D 411 -25.13 69.07 6.96
C SER D 411 -25.13 67.59 7.24
N PHE D 412 -26.30 67.02 7.52
CA PHE D 412 -26.43 65.64 7.96
C PHE D 412 -26.95 64.72 6.87
N GLY D 413 -26.67 65.04 5.60
CA GLY D 413 -27.08 64.17 4.52
C GLY D 413 -26.90 64.78 3.14
N LEU D 414 -26.97 63.93 2.11
CA LEU D 414 -26.89 64.40 0.73
C LEU D 414 -28.23 64.87 0.19
N SER D 415 -29.30 64.70 0.96
CA SER D 415 -30.64 65.10 0.54
C SER D 415 -31.28 65.98 1.60
N VAL D 416 -32.26 66.77 1.17
CA VAL D 416 -32.98 67.66 2.08
C VAL D 416 -33.77 66.88 3.12
N GLU D 417 -34.11 65.62 2.82
CA GLU D 417 -34.90 64.82 3.76
C GLU D 417 -34.16 64.63 5.08
N ASP D 418 -32.85 64.31 5.02
CA ASP D 418 -32.07 64.14 6.23
C ASP D 418 -32.01 65.43 7.03
N ASP D 419 -31.81 66.57 6.35
CA ASP D 419 -31.72 67.85 7.04
C ASP D 419 -33.04 68.20 7.72
N LEU D 420 -34.17 67.97 7.04
CA LEU D 420 -35.46 68.30 7.65
C LEU D 420 -35.79 67.34 8.78
N ALA D 421 -35.36 66.08 8.67
CA ALA D 421 -35.56 65.14 9.77
C ALA D 421 -34.73 65.53 10.99
N PHE D 422 -33.51 66.02 10.75
CA PHE D 422 -32.67 66.46 11.87
C PHE D 422 -33.20 67.75 12.48
N ASN D 423 -33.79 68.62 11.67
CA ASN D 423 -34.25 69.91 12.17
C ASN D 423 -35.39 69.76 13.18
N VAL D 424 -36.34 68.86 12.92
CA VAL D 424 -37.51 68.72 13.77
C VAL D 424 -37.20 68.06 15.10
N LEU D 425 -35.99 67.53 15.28
CA LEU D 425 -35.63 66.87 16.53
C LEU D 425 -35.45 67.90 17.64
N PRO D 426 -35.61 67.47 18.90
CA PRO D 426 -35.42 68.40 20.02
C PRO D 426 -34.00 68.93 20.09
N THR D 427 -33.85 70.06 20.77
CA THR D 427 -32.56 70.74 20.82
C THR D 427 -31.50 69.88 21.51
N PHE D 428 -31.87 69.18 22.58
CA PHE D 428 -30.91 68.28 23.23
C PHE D 428 -30.55 67.13 22.33
N ILE D 429 -31.52 66.55 21.64
CA ILE D 429 -31.25 65.46 20.69
C ILE D 429 -30.40 65.98 19.55
N GLN D 430 -30.68 67.19 19.07
CA GLN D 430 -29.88 67.78 17.99
C GLN D 430 -28.44 67.98 18.43
N ASN D 431 -28.24 68.49 19.65
CA ASN D 431 -26.88 68.67 20.16
C ASN D 431 -26.16 67.33 20.31
N LEU D 432 -26.85 66.33 20.82
CA LEU D 432 -26.24 65.00 20.98
C LEU D 432 -25.86 64.40 19.64
N ILE D 433 -26.72 64.55 18.63
CA ILE D 433 -26.41 64.03 17.30
C ILE D 433 -25.23 64.79 16.70
N ARG D 434 -25.20 66.11 16.84
CA ARG D 434 -24.10 66.90 16.30
C ARG D 434 -22.78 66.52 16.95
N LYS D 435 -22.79 66.28 18.26
CA LYS D 435 -21.56 65.93 18.96
C LYS D 435 -21.14 64.49 18.70
N CYS D 436 -22.09 63.58 18.49
CA CYS D 436 -21.76 62.16 18.38
C CYS D 436 -21.51 61.70 16.95
N VAL D 437 -22.04 62.41 15.96
CA VAL D 437 -21.91 62.03 14.56
C VAL D 437 -20.80 62.85 13.94
N ALA D 438 -19.73 62.18 13.49
CA ALA D 438 -18.63 62.86 12.82
C ALA D 438 -18.96 63.06 11.34
N PRO D 439 -18.39 64.10 10.71
CA PRO D 439 -18.64 64.32 9.29
C PRO D 439 -17.90 63.32 8.41
N GLU D 440 -18.55 62.98 7.29
CA GLU D 440 -17.89 62.14 6.30
C GLU D 440 -16.67 62.82 5.70
N SER D 441 -16.80 64.11 5.39
CA SER D 441 -15.71 64.88 4.79
C SER D 441 -15.71 66.26 5.43
N LEU D 442 -14.79 66.48 6.36
CA LEU D 442 -14.67 67.78 7.01
C LEU D 442 -14.09 68.80 6.02
N THR D 443 -14.39 70.06 6.25
CA THR D 443 -13.86 71.16 5.44
C THR D 443 -13.29 72.20 6.41
N ILE D 444 -11.98 72.13 6.65
CA ILE D 444 -11.33 72.96 7.63
C ILE D 444 -10.44 73.96 6.92
N GLY D 445 -10.47 75.21 7.37
CA GLY D 445 -9.73 76.27 6.72
C GLY D 445 -10.15 76.44 5.28
N THR D 446 -9.26 76.04 4.36
CA THR D 446 -9.56 76.06 2.93
C THR D 446 -9.37 74.70 2.28
N GLU D 447 -9.25 73.63 3.07
CA GLU D 447 -9.00 72.30 2.52
C GLU D 447 -9.98 71.29 3.11
N ASP D 448 -10.27 70.28 2.30
CA ASP D 448 -11.21 69.22 2.66
C ASP D 448 -10.43 67.99 3.14
N LEU D 449 -10.87 67.42 4.26
CA LEU D 449 -10.28 66.23 4.84
C LEU D 449 -11.34 65.13 4.81
N GLN D 450 -11.18 64.16 3.92
CA GLN D 450 -12.17 63.09 3.74
C GLN D 450 -11.91 62.03 4.80
N LEU D 451 -12.63 62.13 5.92
CA LEU D 451 -12.47 61.16 7.00
C LEU D 451 -12.90 59.76 6.56
N ARG D 452 -14.03 59.67 5.86
CA ARG D 452 -14.50 58.41 5.32
C ARG D 452 -15.24 58.67 4.01
N ASN D 453 -15.23 57.66 3.14
CA ASN D 453 -15.84 57.81 1.82
C ASN D 453 -17.32 57.44 1.80
N ALA D 454 -17.83 56.77 2.83
CA ALA D 454 -19.22 56.36 2.88
C ALA D 454 -19.78 56.64 4.27
N ASN D 455 -21.08 56.93 4.31
CA ASN D 455 -21.75 57.18 5.58
C ASN D 455 -21.90 55.89 6.38
N THR D 456 -22.06 56.06 7.69
CA THR D 456 -22.23 54.94 8.61
C THR D 456 -23.53 55.00 9.40
N CYS D 457 -24.07 56.19 9.64
CA CYS D 457 -25.33 56.34 10.34
C CYS D 457 -26.25 57.24 9.52
N ARG D 458 -27.56 57.06 9.71
CA ARG D 458 -28.55 57.80 8.97
C ARG D 458 -29.50 58.49 9.93
N ILE D 459 -30.14 59.55 9.44
CA ILE D 459 -31.09 60.34 10.23
C ILE D 459 -32.40 60.36 9.45
N THR D 460 -33.45 59.75 10.02
CA THR D 460 -34.77 59.74 9.42
C THR D 460 -35.81 60.13 10.46
N SER D 461 -37.09 59.96 10.12
CA SER D 461 -38.15 60.29 11.08
C SER D 461 -38.06 59.42 12.33
N GLU D 462 -37.50 58.22 12.22
CA GLU D 462 -37.33 57.35 13.38
C GLU D 462 -36.20 57.84 14.29
N GLY D 463 -35.35 58.76 13.82
CA GLY D 463 -34.25 59.27 14.60
C GLY D 463 -32.92 58.94 13.94
N LEU D 464 -31.89 58.78 14.77
CA LEU D 464 -30.56 58.42 14.30
C LEU D 464 -30.41 56.91 14.40
N LEU D 465 -30.19 56.26 13.26
CA LEU D 465 -30.08 54.81 13.17
C LEU D 465 -28.74 54.40 12.56
N ALA D 466 -28.35 53.17 12.86
CA ALA D 466 -27.19 52.54 12.22
C ALA D 466 -27.72 51.72 11.04
N SER D 467 -28.00 52.42 9.94
CA SER D 467 -28.66 51.79 8.80
C SER D 467 -27.79 50.71 8.17
N VAL D 468 -26.50 50.96 8.00
CA VAL D 468 -25.63 49.99 7.35
C VAL D 468 -25.39 48.80 8.27
N ARG D 469 -25.36 47.61 7.69
CA ARG D 469 -25.15 46.38 8.45
C ARG D 469 -23.68 46.05 8.60
N LEU D 470 -22.89 47.01 9.09
CA LEU D 470 -21.48 46.79 9.32
C LEU D 470 -21.27 45.86 10.51
N TYR D 471 -20.23 45.04 10.43
CA TYR D 471 -19.93 44.11 11.51
C TYR D 471 -19.32 44.85 12.69
N ASN D 472 -19.87 44.61 13.88
CA ASN D 472 -19.40 45.23 15.11
C ASN D 472 -18.61 44.20 15.91
N SER D 473 -17.31 44.46 16.09
CA SER D 473 -16.43 43.59 16.85
C SER D 473 -15.92 44.29 18.10
N VAL D 474 -16.78 45.06 18.75
CA VAL D 474 -16.42 45.81 19.95
C VAL D 474 -17.11 45.15 21.15
N GLN D 475 -16.37 45.03 22.25
CA GLN D 475 -16.92 44.49 23.48
C GLN D 475 -17.37 45.66 24.35
N PRO D 476 -18.67 45.81 24.61
CA PRO D 476 -19.12 46.93 25.46
C PRO D 476 -18.52 46.86 26.85
N LYS D 477 -18.17 48.02 27.39
CA LYS D 477 -17.59 48.11 28.71
C LYS D 477 -18.65 48.23 29.81
N TYR D 478 -19.93 48.36 29.44
CA TYR D 478 -21.02 48.38 30.41
C TYR D 478 -22.14 47.41 30.10
N LEU D 479 -22.44 47.14 28.84
CA LEU D 479 -23.47 46.17 28.46
C LEU D 479 -22.82 44.81 28.20
N TYR D 480 -22.16 44.31 29.23
CA TYR D 480 -21.45 43.04 29.14
C TYR D 480 -21.99 41.95 30.04
N GLY D 481 -22.71 42.28 31.11
CA GLY D 481 -23.23 41.27 31.99
C GLY D 481 -24.32 40.45 31.35
N VAL D 482 -24.34 39.15 31.69
CA VAL D 482 -25.35 38.22 31.19
C VAL D 482 -25.80 37.34 32.35
N ASN D 483 -26.98 36.74 32.18
CA ASN D 483 -27.52 35.83 33.18
C ASN D 483 -26.77 34.50 33.08
N GLU D 484 -25.69 34.38 33.87
CA GLU D 484 -24.86 33.18 33.82
C GLU D 484 -25.56 31.98 34.45
N ASN D 485 -26.50 32.23 35.36
CA ASN D 485 -27.10 31.13 36.13
C ASN D 485 -27.92 30.20 35.24
N ARG D 486 -28.82 30.76 34.42
CA ARG D 486 -29.66 29.86 33.64
C ARG D 486 -28.94 29.42 32.37
N LEU D 487 -29.68 28.68 31.55
CA LEU D 487 -29.15 28.05 30.34
C LEU D 487 -29.77 28.67 29.09
N GLN D 488 -28.93 28.85 28.06
CA GLN D 488 -29.38 29.38 26.78
C GLN D 488 -28.80 28.53 25.66
N ILE D 489 -29.52 28.49 24.54
CA ILE D 489 -29.17 27.67 23.38
C ILE D 489 -29.03 28.57 22.17
N ARG D 490 -27.91 28.43 21.45
CA ARG D 490 -27.68 29.15 20.21
C ARG D 490 -26.72 28.36 19.35
N ASN D 491 -26.72 28.67 18.05
CA ASN D 491 -25.86 28.01 17.07
C ASN D 491 -24.78 29.01 16.65
N VAL D 492 -23.65 28.98 17.36
CA VAL D 492 -22.55 29.88 17.09
C VAL D 492 -21.62 29.29 16.03
N LEU D 493 -20.74 30.12 15.47
CA LEU D 493 -19.71 29.66 14.57
C LEU D 493 -18.47 29.27 15.38
N GLN D 494 -17.79 28.21 14.95
CA GLN D 494 -16.65 27.68 15.68
C GLN D 494 -15.45 27.50 14.75
N PHE D 495 -14.28 27.74 15.30
CA PHE D 495 -13.00 27.46 14.65
C PHE D 495 -12.29 26.31 15.36
N GLN D 496 -11.19 25.85 14.76
CA GLN D 496 -10.47 24.71 15.30
C GLN D 496 -9.76 25.07 16.59
N GLY D 497 -9.06 26.19 16.60
CA GLY D 497 -8.26 26.58 17.77
C GLY D 497 -6.80 26.24 17.60
N ASN D 498 -6.34 26.19 16.36
CA ASN D 498 -4.95 25.90 16.03
C ASN D 498 -4.23 27.19 15.63
N ALA D 499 -3.02 27.38 16.16
CA ALA D 499 -2.28 28.60 15.88
C ALA D 499 -1.96 28.73 14.40
N ASN D 500 -1.54 27.64 13.75
CA ASN D 500 -1.24 27.70 12.32
C ASN D 500 -2.50 27.90 11.50
N ALA D 501 -3.60 27.24 11.87
CA ALA D 501 -4.84 27.37 11.12
C ALA D 501 -5.44 28.77 11.27
N LEU D 502 -5.46 29.30 12.49
CA LEU D 502 -6.05 30.60 12.76
C LEU D 502 -5.08 31.75 12.57
N GLN D 503 -3.83 31.46 12.20
CA GLN D 503 -2.80 32.48 12.00
C GLN D 503 -2.63 33.34 13.27
N GLN D 504 -2.60 32.68 14.42
CA GLN D 504 -2.45 33.40 15.68
C GLN D 504 -1.11 34.12 15.77
N LYS D 505 -0.11 33.69 14.99
CA LYS D 505 1.19 34.35 15.00
C LYS D 505 1.11 35.78 14.48
N LEU D 506 0.01 36.16 13.82
CA LEU D 506 -0.18 37.52 13.38
C LEU D 506 -0.77 38.42 14.47
N SER D 507 -1.06 37.87 15.66
CA SER D 507 -1.61 38.68 16.73
C SER D 507 -0.62 39.72 17.25
N ARG D 508 0.68 39.50 17.07
CA ARG D 508 1.66 40.49 17.49
C ARG D 508 1.63 41.76 16.65
N TYR D 509 1.05 41.69 15.45
CA TYR D 509 0.94 42.87 14.61
C TYR D 509 -0.08 43.85 15.20
N GLU D 510 -0.01 45.10 14.75
CA GLU D 510 -0.96 46.10 15.20
C GLU D 510 -2.37 45.71 14.75
N LEU D 511 -3.32 45.78 15.68
CA LEU D 511 -4.67 45.32 15.43
C LEU D 511 -5.54 46.44 14.86
N TYR D 512 -6.23 46.15 13.77
CA TYR D 512 -7.20 47.06 13.20
C TYR D 512 -8.55 46.76 13.82
N GLN D 513 -8.98 47.61 14.75
CA GLN D 513 -10.22 47.39 15.47
C GLN D 513 -11.41 47.56 14.53
N ILE D 514 -12.31 46.58 14.54
CA ILE D 514 -13.51 46.63 13.70
C ILE D 514 -14.58 47.34 14.53
N ASN D 515 -14.53 48.66 14.50
CA ASN D 515 -15.49 49.49 15.19
C ASN D 515 -16.48 50.09 14.19
N ILE D 516 -17.54 50.71 14.73
CA ILE D 516 -18.54 51.38 13.90
C ILE D 516 -18.71 52.80 14.42
N PRO D 517 -17.78 53.70 14.12
CA PRO D 517 -18.00 55.11 14.46
C PRO D 517 -19.06 55.73 13.56
N LEU D 518 -19.76 56.71 14.09
CA LEU D 518 -20.85 57.36 13.37
C LEU D 518 -20.28 58.43 12.46
N PHE D 519 -20.33 58.20 11.16
CA PHE D 519 -19.88 59.15 10.15
C PHE D 519 -21.04 59.44 9.20
N LEU D 520 -21.39 60.71 9.05
CA LEU D 520 -22.51 61.10 8.21
C LEU D 520 -22.42 62.58 7.88
N GLY D 521 -22.67 62.92 6.62
CA GLY D 521 -22.76 64.30 6.21
C GLY D 521 -21.42 65.01 6.15
N LYS D 522 -21.50 66.33 6.06
CA LYS D 522 -20.34 67.19 5.93
C LYS D 522 -20.33 68.24 7.03
N GLN D 523 -19.15 68.68 7.40
CA GLN D 523 -18.97 69.77 8.36
C GLN D 523 -18.02 70.80 7.76
N ILE D 524 -18.30 72.07 8.05
CA ILE D 524 -17.48 73.18 7.57
C ILE D 524 -17.07 74.01 8.78
N ILE D 525 -15.75 74.12 9.01
CA ILE D 525 -15.20 74.92 10.09
C ILE D 525 -14.29 75.95 9.43
N SER D 526 -14.73 77.21 9.41
CA SER D 526 -13.97 78.30 8.81
C SER D 526 -14.07 79.52 9.72
N THR D 527 -12.93 80.01 10.18
CA THR D 527 -12.90 81.18 11.06
C THR D 527 -11.49 81.77 11.13
N LEU E 249 32.38 -74.40 -23.04
CA LEU E 249 32.75 -73.05 -23.45
C LEU E 249 32.78 -72.10 -22.25
N ARG E 250 33.97 -71.61 -21.91
CA ARG E 250 34.09 -70.63 -20.84
C ARG E 250 33.38 -69.33 -21.20
N ASN E 251 33.53 -68.88 -22.44
CA ASN E 251 32.89 -67.67 -22.92
C ASN E 251 31.92 -68.03 -24.04
N PHE E 252 30.65 -67.63 -23.86
CA PHE E 252 29.59 -67.97 -24.80
C PHE E 252 29.33 -66.87 -25.83
N CYS E 253 30.00 -65.73 -25.72
CA CYS E 253 29.79 -64.64 -26.67
C CYS E 253 30.33 -65.02 -28.04
N VAL E 254 29.52 -64.77 -29.09
CA VAL E 254 29.96 -65.08 -30.43
C VAL E 254 31.09 -64.16 -30.86
N PHE E 255 31.12 -62.93 -30.35
CA PHE E 255 32.19 -61.98 -30.67
C PHE E 255 33.39 -62.12 -29.76
N SER E 256 33.38 -63.09 -28.83
CA SER E 256 34.51 -63.27 -27.93
C SER E 256 35.77 -63.67 -28.68
N SER E 257 35.63 -64.50 -29.70
CA SER E 257 36.78 -64.98 -30.47
C SER E 257 37.40 -63.90 -31.33
N VAL E 258 36.76 -62.74 -31.47
CA VAL E 258 37.30 -61.67 -32.31
C VAL E 258 38.53 -61.09 -31.63
N LYS E 259 39.67 -61.15 -32.32
CA LYS E 259 40.93 -60.62 -31.85
C LYS E 259 41.58 -59.85 -32.99
N PRO E 260 42.45 -58.90 -32.69
CA PRO E 260 43.20 -58.23 -33.76
C PRO E 260 44.03 -59.23 -34.55
N LEU E 261 43.95 -59.13 -35.87
CA LEU E 261 44.60 -60.11 -36.74
C LEU E 261 46.08 -59.83 -36.95
N ASP E 262 46.60 -58.71 -36.47
CA ASP E 262 48.02 -58.43 -36.55
C ASP E 262 48.78 -59.22 -35.50
N PHE E 263 50.10 -59.03 -35.44
CA PHE E 263 50.94 -59.73 -34.48
C PHE E 263 50.81 -59.03 -33.13
N CYS E 264 49.83 -59.47 -32.35
CA CYS E 264 49.57 -58.94 -31.02
C CYS E 264 50.05 -59.96 -29.99
N ASP E 265 50.97 -59.52 -29.11
CA ASP E 265 51.49 -60.42 -28.09
C ASP E 265 50.42 -60.79 -27.07
N GLN E 266 49.61 -59.82 -26.64
CA GLN E 266 48.56 -60.05 -25.67
C GLN E 266 47.31 -59.27 -26.08
N TYR E 267 46.15 -59.78 -25.69
CA TYR E 267 44.89 -59.13 -25.96
C TYR E 267 43.86 -59.58 -24.93
N SER E 268 43.05 -58.64 -24.46
CA SER E 268 41.98 -58.91 -23.52
C SER E 268 40.63 -58.69 -24.20
N SER E 269 39.78 -59.70 -24.15
CA SER E 269 38.47 -59.59 -24.78
C SER E 269 37.62 -58.56 -24.05
N PRO E 270 36.91 -57.70 -24.79
CA PRO E 270 36.05 -56.70 -24.15
C PRO E 270 34.72 -57.23 -23.66
N CYS E 271 34.53 -58.54 -23.63
CA CYS E 271 33.27 -59.12 -23.17
C CYS E 271 33.04 -58.82 -21.69
N SER E 272 31.77 -58.63 -21.33
CA SER E 272 31.43 -58.32 -19.96
C SER E 272 31.56 -59.56 -19.07
N SER E 273 31.41 -59.34 -17.76
CA SER E 273 31.54 -60.43 -16.80
C SER E 273 30.41 -61.45 -16.92
N ASP E 274 29.31 -61.10 -17.60
CA ASP E 274 28.18 -62.01 -17.76
C ASP E 274 28.30 -62.89 -19.00
N ALA E 275 29.42 -62.80 -19.73
CA ALA E 275 29.60 -63.62 -20.92
C ALA E 275 29.84 -65.09 -20.60
N THR E 276 30.08 -65.43 -19.32
CA THR E 276 30.38 -66.80 -18.94
C THR E 276 29.15 -67.66 -18.73
N VAL E 277 27.96 -67.07 -18.69
CA VAL E 277 26.73 -67.82 -18.47
C VAL E 277 26.10 -68.16 -19.81
N ASP E 278 25.40 -69.30 -19.87
CA ASP E 278 24.75 -69.77 -21.09
C ASP E 278 23.27 -69.44 -20.98
N ASP E 279 22.92 -68.20 -21.29
CA ASP E 279 21.54 -67.73 -21.24
C ASP E 279 20.81 -67.86 -22.57
N GLY E 280 21.47 -68.39 -23.60
CA GLY E 280 20.88 -68.54 -24.90
C GLY E 280 21.11 -67.37 -25.85
N TRP E 281 21.50 -66.20 -25.32
CA TRP E 281 21.80 -65.08 -26.18
C TRP E 281 23.02 -65.35 -27.05
N PHE E 282 24.05 -65.99 -26.46
CA PHE E 282 25.35 -66.19 -27.10
C PHE E 282 26.03 -64.88 -27.46
N VAL E 283 25.59 -63.78 -26.86
CA VAL E 283 26.22 -62.48 -26.97
C VAL E 283 26.29 -61.87 -25.58
N CYS E 284 27.45 -61.32 -25.22
CA CYS E 284 27.58 -60.69 -23.92
C CYS E 284 26.78 -59.38 -23.90
N GLU E 285 26.51 -58.90 -22.68
CA GLU E 285 25.73 -57.68 -22.54
C GLU E 285 26.42 -56.49 -23.19
N TYR E 286 27.77 -56.44 -23.10
CA TYR E 286 28.50 -55.36 -23.73
C TYR E 286 28.32 -55.38 -25.24
N HIS E 287 28.46 -56.55 -25.86
CA HIS E 287 28.31 -56.63 -27.31
C HIS E 287 26.86 -56.44 -27.73
N ALA E 288 25.91 -56.92 -26.92
CA ALA E 288 24.50 -56.71 -27.22
C ALA E 288 24.15 -55.23 -27.21
N SER E 289 24.67 -54.50 -26.22
CA SER E 289 24.44 -53.05 -26.17
C SER E 289 25.17 -52.33 -27.29
N ARG E 290 26.38 -52.78 -27.64
CA ARG E 290 27.18 -52.07 -28.65
C ARG E 290 26.57 -52.25 -30.04
N PHE E 291 26.15 -53.46 -30.37
CA PHE E 291 25.64 -53.77 -31.70
C PHE E 291 24.12 -53.70 -31.79
N PHE E 292 23.42 -54.46 -30.94
CA PHE E 292 21.98 -54.55 -31.02
C PHE E 292 21.25 -53.57 -30.09
N LYS E 293 22.01 -52.76 -29.34
CA LYS E 293 21.43 -51.73 -28.47
C LYS E 293 20.45 -52.32 -27.46
N MET E 294 20.81 -53.45 -26.87
CA MET E 294 19.98 -54.09 -25.84
C MET E 294 20.82 -54.42 -24.62
N GLU E 295 20.17 -54.40 -23.47
CA GLU E 295 20.75 -54.93 -22.24
C GLU E 295 19.94 -56.13 -21.80
N LYS E 296 20.46 -56.86 -20.81
CA LYS E 296 19.85 -58.11 -20.37
C LYS E 296 19.08 -57.89 -19.07
N LEU E 297 17.90 -58.52 -18.99
CA LEU E 297 17.07 -58.47 -17.80
C LEU E 297 16.55 -59.87 -17.52
N ALA E 298 16.24 -60.13 -16.25
CA ALA E 298 15.69 -61.40 -15.82
C ALA E 298 14.21 -61.25 -15.50
N LEU E 299 13.43 -62.26 -15.87
CA LEU E 299 11.98 -62.26 -15.68
C LEU E 299 11.60 -63.52 -14.91
N ALA E 300 11.14 -63.35 -13.68
CA ALA E 300 10.83 -64.47 -12.80
C ALA E 300 9.33 -64.76 -12.85
N ILE E 301 8.98 -65.99 -13.20
CA ILE E 301 7.60 -66.46 -13.22
C ILE E 301 7.41 -67.39 -12.01
N PRO E 302 6.60 -67.00 -11.02
CA PRO E 302 6.39 -67.88 -9.87
C PRO E 302 5.26 -68.88 -10.10
N ASP E 303 5.51 -70.16 -9.82
CA ASP E 303 4.48 -71.18 -9.99
C ASP E 303 3.44 -71.14 -8.87
N GLY E 304 3.85 -70.75 -7.67
CA GLY E 304 2.97 -70.74 -6.51
C GLY E 304 3.46 -71.55 -5.33
N THR E 305 4.56 -72.29 -5.46
CA THR E 305 5.12 -73.05 -4.37
C THR E 305 6.47 -72.55 -3.91
N GLY E 306 7.04 -71.54 -4.57
CA GLY E 306 8.32 -70.99 -4.18
C GLY E 306 9.33 -70.97 -5.31
N ASN E 307 9.29 -71.99 -6.15
CA ASN E 307 10.20 -72.06 -7.29
C ASN E 307 9.85 -70.98 -8.32
N ASN E 308 10.88 -70.39 -8.90
CA ASN E 308 10.73 -69.32 -9.89
C ASN E 308 11.41 -69.74 -11.19
N TYR E 309 10.65 -69.65 -12.29
CA TYR E 309 11.20 -69.92 -13.62
C TYR E 309 11.75 -68.62 -14.18
N TYR E 310 13.06 -68.56 -14.41
CA TYR E 310 13.70 -67.35 -14.88
C TYR E 310 13.85 -67.39 -16.39
N ARG E 311 13.41 -66.32 -17.06
CA ARG E 311 13.53 -66.18 -18.50
C ARG E 311 14.25 -64.87 -18.81
N THR E 312 15.25 -64.95 -19.67
CA THR E 312 15.96 -63.75 -20.08
C THR E 312 15.10 -62.90 -21.01
N VAL E 313 15.32 -61.58 -20.96
CA VAL E 313 14.55 -60.65 -21.76
C VAL E 313 15.46 -59.46 -22.12
N GLY E 314 15.19 -58.85 -23.26
CA GLY E 314 15.98 -57.71 -23.72
C GLY E 314 15.35 -56.40 -23.31
N LYS E 315 16.17 -55.51 -22.75
CA LYS E 315 15.78 -54.16 -22.42
C LYS E 315 16.32 -53.22 -23.49
N SER E 316 15.43 -52.46 -24.12
CA SER E 316 15.81 -51.59 -25.22
C SER E 316 16.55 -50.36 -24.72
N LEU E 317 17.65 -50.03 -25.38
CA LEU E 317 18.42 -48.82 -25.09
C LEU E 317 18.10 -47.69 -26.05
N VAL E 318 17.10 -47.87 -26.91
CA VAL E 318 16.75 -46.84 -27.89
C VAL E 318 15.92 -45.76 -27.20
N ASP E 319 16.35 -44.51 -27.33
CA ASP E 319 15.64 -43.41 -26.74
C ASP E 319 14.43 -43.03 -27.60
N ASP E 320 13.50 -42.29 -26.98
CA ASP E 320 12.31 -41.87 -27.70
C ASP E 320 12.64 -40.87 -28.81
N LYS E 321 13.75 -40.13 -28.66
CA LYS E 321 14.15 -39.17 -29.68
C LYS E 321 14.72 -39.84 -30.92
N ALA E 322 15.17 -41.09 -30.80
CA ALA E 322 15.73 -41.79 -31.95
C ALA E 322 14.65 -42.04 -33.00
N GLU E 323 15.04 -41.94 -34.27
CA GLU E 323 14.10 -42.10 -35.37
C GLU E 323 14.75 -42.90 -36.49
N GLY E 324 13.91 -43.63 -37.22
CA GLY E 324 14.39 -44.35 -38.40
C GLY E 324 15.35 -45.47 -38.04
N ILE E 325 16.52 -45.45 -38.68
CA ILE E 325 17.49 -46.53 -38.51
C ILE E 325 17.97 -46.62 -37.07
N GLU E 326 17.91 -45.52 -36.33
CA GLU E 326 18.31 -45.53 -34.93
C GLU E 326 17.38 -46.37 -34.07
N ARG E 327 16.18 -46.67 -34.55
CA ARG E 327 15.22 -47.47 -33.81
C ARG E 327 15.33 -48.97 -34.10
N ILE E 328 16.23 -49.37 -34.99
CA ILE E 328 16.38 -50.78 -35.35
C ILE E 328 17.23 -51.46 -34.28
N LEU E 329 16.59 -52.34 -33.50
CA LEU E 329 17.31 -53.06 -32.45
C LEU E 329 18.17 -54.17 -33.04
N ILE E 330 17.55 -55.11 -33.73
CA ILE E 330 18.24 -56.22 -34.38
C ILE E 330 18.03 -56.07 -35.89
N PRO E 331 19.05 -55.66 -36.65
CA PRO E 331 18.87 -55.57 -38.10
C PRO E 331 18.67 -56.94 -38.72
N SER E 332 17.83 -56.97 -39.75
CA SER E 332 17.58 -58.19 -40.50
C SER E 332 18.66 -58.39 -41.56
N GLN E 333 18.61 -59.54 -42.22
CA GLN E 333 19.58 -59.84 -43.27
C GLN E 333 19.44 -58.91 -44.47
N ASN E 334 18.35 -58.17 -44.58
CA ASN E 334 18.17 -57.27 -45.71
C ASN E 334 19.08 -56.05 -45.63
N ASN E 335 19.20 -55.46 -44.44
CA ASN E 335 19.91 -54.19 -44.29
C ASN E 335 20.79 -54.20 -43.04
N TYR E 336 21.42 -55.35 -42.75
CA TYR E 336 22.28 -55.40 -41.58
C TYR E 336 23.61 -54.69 -41.82
N GLU E 337 24.09 -54.66 -43.07
CA GLU E 337 25.36 -54.00 -43.37
C GLU E 337 25.31 -52.52 -43.03
N THR E 338 24.21 -51.84 -43.42
CA THR E 338 24.11 -50.41 -43.16
C THR E 338 23.86 -50.12 -41.69
N VAL E 339 23.05 -50.95 -41.03
CA VAL E 339 22.73 -50.71 -39.63
C VAL E 339 23.95 -50.92 -38.75
N LEU E 340 24.68 -52.00 -38.97
CA LEU E 340 25.84 -52.33 -38.14
C LEU E 340 27.13 -51.68 -38.62
N ASN E 341 27.09 -51.00 -39.76
CA ASN E 341 28.27 -50.36 -40.35
C ASN E 341 29.39 -51.39 -40.54
N LEU E 342 29.07 -52.42 -41.33
CA LEU E 342 30.02 -53.52 -41.52
C LEU E 342 31.27 -53.07 -42.25
N SER E 343 31.12 -52.13 -43.20
CA SER E 343 32.28 -51.67 -43.97
C SER E 343 33.32 -51.01 -43.06
N LEU E 344 32.87 -50.22 -42.09
CA LEU E 344 33.80 -49.57 -41.17
C LEU E 344 34.35 -50.56 -40.15
N LEU E 345 33.62 -51.62 -39.84
CA LEU E 345 34.05 -52.58 -38.84
C LEU E 345 35.30 -53.33 -39.31
N GLY E 346 36.03 -53.86 -38.33
CA GLY E 346 37.23 -54.60 -38.62
C GLY E 346 36.93 -55.91 -39.33
N PRO E 347 37.95 -56.50 -39.96
CA PRO E 347 37.71 -57.73 -40.73
C PRO E 347 37.21 -58.89 -39.89
N ALA E 348 37.66 -59.01 -38.64
CA ALA E 348 37.19 -60.12 -37.79
C ALA E 348 35.71 -59.96 -37.46
N GLU E 349 35.31 -58.77 -37.02
CA GLU E 349 33.90 -58.53 -36.72
C GLU E 349 33.04 -58.64 -37.97
N ARG E 350 33.57 -58.15 -39.11
CA ARG E 350 32.83 -58.27 -40.37
C ARG E 350 32.61 -59.73 -40.75
N LEU E 351 33.64 -60.56 -40.62
CA LEU E 351 33.50 -61.97 -40.93
C LEU E 351 32.55 -62.67 -39.96
N VAL E 352 32.61 -62.32 -38.68
CA VAL E 352 31.71 -62.92 -37.70
C VAL E 352 30.27 -62.56 -38.02
N PHE E 353 30.02 -61.29 -38.37
CA PHE E 353 28.67 -60.88 -38.72
C PHE E 353 28.20 -61.54 -40.01
N TYR E 354 29.11 -61.73 -40.98
CA TYR E 354 28.75 -62.42 -42.20
C TYR E 354 28.36 -63.87 -41.94
N MET E 355 29.10 -64.55 -41.05
CA MET E 355 28.73 -65.91 -40.69
C MET E 355 27.43 -65.95 -39.91
N ILE E 356 27.17 -64.95 -39.07
CA ILE E 356 25.94 -64.91 -38.30
C ILE E 356 24.73 -64.79 -39.21
N TYR E 357 24.80 -63.94 -40.22
CA TYR E 357 23.69 -63.71 -41.13
C TYR E 357 23.68 -64.66 -42.32
N ASP E 358 24.63 -65.60 -42.38
CA ASP E 358 24.64 -66.67 -43.38
C ASP E 358 24.69 -66.10 -44.79
N ASN E 359 25.80 -65.43 -45.09
CA ASN E 359 26.08 -64.89 -46.43
C ASN E 359 27.34 -65.62 -46.93
N LYS E 360 27.13 -66.76 -47.59
CA LYS E 360 28.22 -67.67 -47.91
C LYS E 360 29.27 -67.01 -48.79
N GLU E 361 28.83 -66.29 -49.83
CA GLU E 361 29.78 -65.66 -50.74
C GLU E 361 30.64 -64.62 -50.01
N LYS E 362 30.02 -63.84 -49.13
CA LYS E 362 30.79 -62.84 -48.40
C LYS E 362 31.76 -63.48 -47.42
N GLN E 363 31.36 -64.56 -46.75
CA GLN E 363 32.29 -65.28 -45.88
C GLN E 363 33.48 -65.80 -46.67
N ASN E 364 33.23 -66.40 -47.83
CA ASN E 364 34.31 -66.93 -48.66
C ASN E 364 35.24 -65.81 -49.11
N GLU E 365 34.67 -64.68 -49.53
CA GLU E 365 35.48 -63.56 -49.98
C GLU E 365 36.34 -63.01 -48.84
N ILE E 366 35.76 -62.83 -47.66
CA ILE E 366 36.52 -62.31 -46.52
C ILE E 366 37.64 -63.29 -46.15
N CYS E 367 37.35 -64.59 -46.20
CA CYS E 367 38.39 -65.57 -45.88
C CYS E 367 39.53 -65.53 -46.89
N GLN E 368 39.20 -65.49 -48.18
CA GLN E 368 40.24 -65.49 -49.20
C GLN E 368 41.02 -64.18 -49.22
N GLN E 369 40.44 -63.09 -48.71
CA GLN E 369 41.22 -61.87 -48.55
C GLN E 369 41.95 -61.78 -47.22
N LEU E 370 41.61 -62.62 -46.23
CA LEU E 370 42.36 -62.67 -44.98
C LEU E 370 43.40 -63.78 -44.93
N ARG E 371 43.56 -64.54 -46.02
CA ARG E 371 44.66 -65.51 -46.07
C ARG E 371 46.01 -64.89 -45.73
N MET E 372 46.28 -63.67 -46.23
CA MET E 372 47.60 -63.08 -46.05
C MET E 372 47.94 -62.88 -44.57
N TYR E 373 46.93 -62.54 -43.75
CA TYR E 373 47.19 -62.33 -42.33
C TYR E 373 47.59 -63.61 -41.62
N GLU E 374 47.46 -64.77 -42.26
CA GLU E 374 47.98 -66.00 -41.69
C GLU E 374 49.50 -65.95 -41.51
N ARG E 375 50.18 -65.03 -42.19
CA ARG E 375 51.62 -64.88 -42.01
C ARG E 375 51.95 -64.44 -40.59
N PHE E 376 51.19 -63.46 -40.06
CA PHE E 376 51.48 -62.95 -38.72
C PHE E 376 51.18 -63.98 -37.65
N ARG E 377 49.99 -64.60 -37.70
CA ARG E 377 49.61 -65.64 -36.77
C ARG E 377 48.92 -66.73 -37.58
N PRO E 378 49.28 -68.01 -37.39
CA PRO E 378 48.65 -69.09 -38.16
C PRO E 378 47.23 -69.41 -37.73
N GLU E 379 46.62 -68.62 -36.85
CA GLU E 379 45.26 -68.85 -36.38
C GLU E 379 44.45 -67.56 -36.40
N VAL E 380 44.77 -66.65 -37.32
CA VAL E 380 44.02 -65.40 -37.42
C VAL E 380 42.59 -65.67 -37.86
N VAL E 381 42.40 -66.57 -38.81
CA VAL E 381 41.08 -66.85 -39.36
C VAL E 381 40.62 -68.27 -39.11
N GLU E 382 41.51 -69.23 -38.87
CA GLU E 382 41.11 -70.61 -38.70
C GLU E 382 40.37 -70.82 -37.38
N GLU E 383 41.05 -70.56 -36.26
CA GLU E 383 40.43 -70.80 -34.95
C GLU E 383 39.23 -69.90 -34.73
N LEU E 384 39.27 -68.66 -35.25
CA LEU E 384 38.10 -67.79 -35.17
C LEU E 384 36.91 -68.41 -35.90
N TYR E 385 37.16 -68.94 -37.10
CA TYR E 385 36.08 -69.58 -37.86
C TYR E 385 35.53 -70.78 -37.11
N ASN E 386 36.41 -71.64 -36.58
CA ASN E 386 35.94 -72.83 -35.87
C ASN E 386 35.14 -72.45 -34.63
N SER E 387 35.63 -71.48 -33.85
CA SER E 387 34.94 -71.08 -32.63
C SER E 387 33.58 -70.46 -32.95
N THR E 388 33.52 -69.58 -33.96
CA THR E 388 32.25 -68.96 -34.31
C THR E 388 31.25 -69.99 -34.84
N LEU E 389 31.73 -70.94 -35.65
CA LEU E 389 30.84 -71.97 -36.18
C LEU E 389 30.33 -72.86 -35.06
N ARG E 390 31.19 -73.23 -34.11
CA ARG E 390 30.75 -74.09 -33.02
C ARG E 390 29.81 -73.34 -32.06
N VAL E 391 29.97 -72.02 -31.93
CA VAL E 391 29.03 -71.25 -31.14
C VAL E 391 27.68 -71.16 -31.85
N LEU E 392 27.69 -70.93 -33.16
CA LEU E 392 26.45 -70.85 -33.92
C LEU E 392 25.74 -72.19 -33.97
N ALA E 393 26.48 -73.29 -33.91
CA ALA E 393 25.89 -74.63 -34.01
C ALA E 393 24.96 -74.96 -32.87
N LEU E 394 25.02 -74.23 -31.74
CA LEU E 394 24.09 -74.48 -30.65
C LEU E 394 22.74 -73.80 -30.86
N THR E 395 22.61 -72.94 -31.87
CA THR E 395 21.37 -72.22 -32.10
C THR E 395 20.42 -72.93 -33.07
N ASN E 396 20.87 -73.99 -33.73
CA ASN E 396 20.02 -74.69 -34.67
C ASN E 396 18.95 -75.50 -33.95
N PRO E 397 17.75 -75.63 -34.53
CA PRO E 397 16.67 -76.41 -33.93
C PRO E 397 16.98 -77.91 -33.87
N ASN E 407 8.46 -78.06 -26.68
CA ASN E 407 7.15 -77.81 -26.10
C ASN E 407 6.75 -76.34 -26.28
N GLU E 408 7.75 -75.49 -26.45
CA GLU E 408 7.49 -74.06 -26.61
C GLU E 408 6.81 -73.79 -27.95
N SER E 409 5.83 -72.88 -27.93
CA SER E 409 5.12 -72.42 -29.13
C SER E 409 5.08 -70.91 -29.07
N ARG E 410 5.93 -70.25 -29.86
CA ARG E 410 6.11 -68.81 -29.80
C ARG E 410 5.57 -68.17 -31.07
N SER E 411 4.65 -67.23 -30.91
CA SER E 411 4.14 -66.40 -31.99
C SER E 411 4.59 -64.96 -31.75
N PHE E 412 5.11 -64.31 -32.78
CA PHE E 412 5.71 -62.99 -32.65
C PHE E 412 4.84 -61.89 -33.22
N GLY E 413 3.52 -62.08 -33.21
CA GLY E 413 2.62 -61.04 -33.68
C GLY E 413 1.17 -61.49 -33.80
N LEU E 414 0.26 -60.53 -33.93
CA LEU E 414 -1.14 -60.83 -34.14
C LEU E 414 -1.48 -61.07 -35.60
N SER E 415 -0.53 -60.90 -36.51
CA SER E 415 -0.75 -61.09 -37.93
C SER E 415 0.32 -62.03 -38.49
N VAL E 416 -0.01 -62.65 -39.63
CA VAL E 416 0.91 -63.56 -40.28
C VAL E 416 2.15 -62.84 -40.80
N GLU E 417 2.06 -61.51 -41.01
CA GLU E 417 3.20 -60.76 -41.53
C GLU E 417 4.37 -60.82 -40.56
N ASP E 418 4.11 -60.64 -39.27
CA ASP E 418 5.18 -60.70 -38.28
C ASP E 418 5.82 -62.08 -38.24
N ASP E 419 4.99 -63.14 -38.31
CA ASP E 419 5.53 -64.49 -38.27
C ASP E 419 6.39 -64.78 -39.48
N LEU E 420 5.95 -64.36 -40.67
CA LEU E 420 6.74 -64.62 -41.88
C LEU E 420 8.00 -63.78 -41.90
N ALA E 421 7.95 -62.57 -41.34
CA ALA E 421 9.16 -61.76 -41.23
C ALA E 421 10.16 -62.38 -40.27
N PHE E 422 9.67 -62.97 -39.18
CA PHE E 422 10.57 -63.63 -38.23
C PHE E 422 11.14 -64.92 -38.81
N ASN E 423 10.35 -65.62 -39.62
CA ASN E 423 10.78 -66.91 -40.16
C ASN E 423 11.98 -66.76 -41.09
N VAL E 424 11.99 -65.74 -41.94
CA VAL E 424 13.05 -65.58 -42.93
C VAL E 424 14.37 -65.14 -42.33
N LEU E 425 14.38 -64.76 -41.04
CA LEU E 425 15.60 -64.30 -40.41
C LEU E 425 16.57 -65.47 -40.19
N PRO E 426 17.86 -65.19 -40.07
CA PRO E 426 18.83 -66.27 -39.82
C PRO E 426 18.59 -66.96 -38.49
N THR E 427 19.11 -68.17 -38.38
CA THR E 427 18.86 -68.99 -37.19
C THR E 427 19.43 -68.34 -35.92
N PHE E 428 20.62 -67.73 -36.03
CA PHE E 428 21.18 -67.03 -34.88
C PHE E 428 20.35 -65.82 -34.52
N ILE E 429 19.91 -65.06 -35.52
CA ILE E 429 19.06 -63.90 -35.26
C ILE E 429 17.72 -64.35 -34.68
N GLN E 430 17.18 -65.46 -35.19
CA GLN E 430 15.93 -65.99 -34.65
C GLN E 430 16.08 -66.39 -33.20
N ASN E 431 17.17 -67.07 -32.86
CA ASN E 431 17.41 -67.46 -31.47
C ASN E 431 17.57 -66.23 -30.58
N LEU E 432 18.31 -65.22 -31.05
CA LEU E 432 18.49 -64.02 -30.26
C LEU E 432 17.17 -63.30 -30.03
N ILE E 433 16.31 -63.22 -31.05
CA ILE E 433 15.02 -62.58 -30.90
C ILE E 433 14.14 -63.37 -29.95
N ARG E 434 14.14 -64.70 -30.06
CA ARG E 434 13.33 -65.52 -29.18
C ARG E 434 13.77 -65.38 -27.72
N LYS E 435 15.08 -65.30 -27.49
CA LYS E 435 15.58 -65.17 -26.12
C LYS E 435 15.40 -63.76 -25.57
N CYS E 436 15.47 -62.74 -26.42
CA CYS E 436 15.45 -61.36 -25.94
C CYS E 436 14.05 -60.76 -25.87
N VAL E 437 13.10 -61.28 -26.64
CA VAL E 437 11.75 -60.73 -26.70
C VAL E 437 10.85 -61.59 -25.82
N ALA E 438 10.30 -60.99 -24.76
CA ALA E 438 9.38 -61.68 -23.88
C ALA E 438 7.97 -61.67 -24.47
N PRO E 439 7.14 -62.66 -24.14
CA PRO E 439 5.77 -62.68 -24.66
C PRO E 439 4.88 -61.67 -23.95
N GLU E 440 3.94 -61.12 -24.72
CA GLU E 440 2.94 -60.23 -24.14
C GLU E 440 2.07 -60.97 -23.13
N SER E 441 1.65 -62.19 -23.47
CA SER E 441 0.78 -62.99 -22.60
C SER E 441 1.27 -64.43 -22.67
N LEU E 442 2.00 -64.86 -21.64
CA LEU E 442 2.46 -66.24 -21.58
C LEU E 442 1.29 -67.17 -21.30
N THR E 443 1.44 -68.43 -21.72
CA THR E 443 0.45 -69.47 -21.48
C THR E 443 1.17 -70.66 -20.88
N ILE E 444 1.18 -70.77 -19.56
CA ILE E 444 1.94 -71.79 -18.86
C ILE E 444 0.97 -72.78 -18.23
N GLY E 445 1.30 -74.06 -18.35
CA GLY E 445 0.42 -75.11 -17.87
C GLY E 445 -0.94 -75.04 -18.53
N THR E 446 -1.95 -74.63 -17.77
CA THR E 446 -3.29 -74.44 -18.30
C THR E 446 -3.82 -73.04 -18.04
N GLU E 447 -2.96 -72.09 -17.66
CA GLU E 447 -3.40 -70.74 -17.35
C GLU E 447 -2.56 -69.71 -18.08
N ASP E 448 -3.18 -68.57 -18.37
CA ASP E 448 -2.55 -67.47 -19.08
C ASP E 448 -2.09 -66.41 -18.09
N LEU E 449 -0.87 -65.94 -18.28
CA LEU E 449 -0.27 -64.89 -17.45
C LEU E 449 0.00 -63.71 -18.35
N GLN E 450 -0.80 -62.65 -18.22
CA GLN E 450 -0.68 -61.47 -19.08
C GLN E 450 0.43 -60.58 -18.51
N LEU E 451 1.63 -60.74 -19.05
CA LEU E 451 2.76 -59.94 -18.60
C LEU E 451 2.55 -58.46 -18.92
N ARG E 452 2.09 -58.16 -20.12
CA ARG E 452 1.77 -56.79 -20.51
C ARG E 452 0.60 -56.81 -21.48
N ASN E 453 -0.16 -55.72 -21.49
CA ASN E 453 -1.35 -55.62 -22.32
C ASN E 453 -1.08 -55.09 -23.73
N ALA E 454 0.09 -54.51 -23.97
CA ALA E 454 0.44 -53.98 -25.28
C ALA E 454 1.86 -54.36 -25.63
N ASN E 455 2.11 -54.50 -26.93
CA ASN E 455 3.44 -54.84 -27.41
C ASN E 455 4.38 -53.66 -27.25
N THR E 456 5.69 -53.98 -27.22
CA THR E 456 6.72 -52.97 -27.10
C THR E 456 7.72 -52.99 -28.25
N CYS E 457 7.92 -54.14 -28.89
CA CYS E 457 8.83 -54.25 -30.03
C CYS E 457 8.09 -54.93 -31.16
N ARG E 458 8.53 -54.63 -32.39
CA ARG E 458 7.90 -55.16 -33.59
C ARG E 458 8.94 -55.86 -34.44
N ILE E 459 8.47 -56.78 -35.28
CA ILE E 459 9.32 -57.55 -36.18
C ILE E 459 8.80 -57.34 -37.59
N THR E 460 9.60 -56.69 -38.44
CA THR E 460 9.25 -56.47 -39.83
C THR E 460 10.41 -56.87 -40.73
N SER E 461 10.33 -56.54 -42.01
CA SER E 461 11.41 -56.86 -42.94
C SER E 461 12.72 -56.17 -42.53
N GLU E 462 12.63 -55.03 -41.86
CA GLU E 462 13.83 -54.35 -41.38
C GLU E 462 14.47 -55.06 -40.20
N GLY E 463 13.76 -56.00 -39.57
CA GLY E 463 14.26 -56.70 -38.42
C GLY E 463 13.41 -56.46 -37.18
N LEU E 464 14.07 -56.51 -36.02
CA LEU E 464 13.41 -56.23 -34.75
C LEU E 464 13.63 -54.76 -34.39
N LEU E 465 12.55 -54.00 -34.27
CA LEU E 465 12.61 -52.58 -34.01
C LEU E 465 11.81 -52.24 -32.75
N ALA E 466 12.16 -51.10 -32.16
CA ALA E 466 11.38 -50.53 -31.05
C ALA E 466 10.41 -49.50 -31.66
N SER E 467 9.31 -50.03 -32.20
CA SER E 467 8.38 -49.20 -32.96
C SER E 467 7.73 -48.14 -32.08
N VAL E 468 7.30 -48.51 -30.87
CA VAL E 468 6.61 -47.56 -30.01
C VAL E 468 7.59 -46.54 -29.47
N ARG E 469 7.15 -45.29 -29.38
CA ARG E 469 7.99 -44.19 -28.90
C ARG E 469 7.91 -44.04 -27.38
N LEU E 470 8.14 -45.14 -26.67
CA LEU E 470 8.14 -45.08 -25.22
C LEU E 470 9.37 -44.35 -24.70
N TYR E 471 9.20 -43.64 -23.60
CA TYR E 471 10.29 -42.89 -23.00
C TYR E 471 11.26 -43.83 -22.31
N ASN E 472 12.54 -43.68 -22.61
CA ASN E 472 13.59 -44.50 -22.02
C ASN E 472 14.35 -43.67 -21.00
N SER E 473 14.27 -44.08 -19.74
CA SER E 473 14.94 -43.41 -18.64
C SER E 473 16.01 -44.31 -18.01
N VAL E 474 16.71 -45.07 -18.85
CA VAL E 474 17.75 -45.99 -18.40
C VAL E 474 19.11 -45.41 -18.79
N GLN E 475 20.06 -45.51 -17.87
CA GLN E 475 21.42 -45.08 -18.14
C GLN E 475 22.24 -46.29 -18.59
N PRO E 476 22.71 -46.34 -19.84
CA PRO E 476 23.49 -47.50 -20.28
C PRO E 476 24.76 -47.67 -19.45
N LYS E 477 25.09 -48.92 -19.16
CA LYS E 477 26.29 -49.24 -18.39
C LYS E 477 27.53 -49.38 -19.26
N TYR E 478 27.39 -49.32 -20.58
CA TYR E 478 28.52 -49.35 -21.49
C TYR E 478 28.53 -48.23 -22.53
N LEU E 479 27.36 -47.78 -22.99
CA LEU E 479 27.29 -46.67 -23.94
C LEU E 479 27.06 -45.37 -23.18
N TYR E 480 28.00 -45.06 -22.29
CA TYR E 480 27.91 -43.87 -21.45
C TYR E 480 29.01 -42.85 -21.71
N GLY E 481 30.14 -43.24 -22.27
CA GLY E 481 31.22 -42.29 -22.51
C GLY E 481 30.87 -41.29 -23.59
N VAL E 482 31.33 -40.05 -23.39
CA VAL E 482 31.13 -38.96 -24.32
C VAL E 482 32.42 -38.19 -24.47
N ASN E 483 32.53 -37.45 -25.57
CA ASN E 483 33.71 -36.62 -25.83
C ASN E 483 33.61 -35.38 -24.94
N GLU E 484 34.20 -35.47 -23.74
CA GLU E 484 34.13 -34.37 -22.79
C GLU E 484 35.00 -33.19 -23.22
N ASN E 485 36.04 -33.45 -24.02
CA ASN E 485 37.00 -32.40 -24.34
C ASN E 485 36.39 -31.28 -25.17
N ARG E 486 35.68 -31.63 -26.25
CA ARG E 486 35.16 -30.57 -27.08
C ARG E 486 33.84 -30.05 -26.54
N LEU E 487 33.24 -29.14 -27.30
CA LEU E 487 32.03 -28.42 -26.90
C LEU E 487 30.86 -28.82 -27.79
N GLN E 488 29.69 -28.95 -27.17
CA GLN E 488 28.45 -29.27 -27.87
C GLN E 488 27.34 -28.33 -27.39
N ILE E 489 26.38 -28.09 -28.28
CA ILE E 489 25.27 -27.18 -28.02
C ILE E 489 23.95 -27.93 -28.20
N ARG E 490 23.08 -27.81 -27.20
CA ARG E 490 21.74 -28.41 -27.27
C ARG E 490 20.81 -27.61 -26.36
N ASN E 491 19.51 -27.75 -26.62
CA ASN E 491 18.47 -27.07 -25.86
C ASN E 491 17.76 -28.12 -25.00
N VAL E 492 18.25 -28.30 -23.77
CA VAL E 492 17.70 -29.28 -22.85
C VAL E 492 16.56 -28.65 -22.05
N LEU E 493 15.78 -29.50 -21.38
CA LEU E 493 14.75 -29.04 -20.46
C LEU E 493 15.37 -28.89 -19.08
N GLN E 494 14.93 -27.86 -18.34
CA GLN E 494 15.50 -27.55 -17.04
C GLN E 494 14.40 -27.38 -16.00
N PHE E 495 14.70 -27.81 -14.78
CA PHE E 495 13.87 -27.59 -13.61
C PHE E 495 14.56 -26.62 -12.66
N GLN E 496 13.83 -26.21 -11.62
CA GLN E 496 14.35 -25.22 -10.69
C GLN E 496 15.45 -25.81 -9.81
N GLY E 497 15.22 -27.01 -9.26
CA GLY E 497 16.17 -27.60 -8.35
C GLY E 497 15.77 -27.42 -6.90
N ASN E 498 14.48 -27.26 -6.65
CA ASN E 498 13.95 -27.08 -5.30
C ASN E 498 13.29 -28.37 -4.84
N ALA E 499 13.58 -28.76 -3.59
CA ALA E 499 13.04 -30.01 -3.06
C ALA E 499 11.53 -29.99 -3.02
N ASN E 500 10.93 -28.88 -2.57
CA ASN E 500 9.48 -28.78 -2.52
C ASN E 500 8.87 -28.75 -3.92
N ALA E 501 9.50 -28.03 -4.84
CA ALA E 501 8.97 -27.93 -6.19
C ALA E 501 9.08 -29.27 -6.94
N LEU E 502 10.22 -29.94 -6.82
CA LEU E 502 10.46 -31.19 -7.52
C LEU E 502 9.97 -32.40 -6.74
N GLN E 503 9.42 -32.21 -5.54
CA GLN E 503 8.94 -33.30 -4.70
C GLN E 503 10.05 -34.32 -4.43
N GLN E 504 11.25 -33.82 -4.14
CA GLN E 504 12.39 -34.71 -3.86
C GLN E 504 12.15 -35.57 -2.63
N LYS E 505 11.26 -35.15 -1.72
CA LYS E 505 10.97 -35.94 -0.54
C LYS E 505 10.33 -37.28 -0.88
N LEU E 506 9.84 -37.45 -2.11
CA LEU E 506 9.29 -38.73 -2.55
C LEU E 506 10.37 -39.68 -3.05
N SER E 507 11.64 -39.25 -3.07
CA SER E 507 12.71 -40.13 -3.54
C SER E 507 12.92 -41.33 -2.63
N ARG E 508 12.54 -41.23 -1.35
CA ARG E 508 12.67 -42.36 -0.43
C ARG E 508 11.72 -43.50 -0.77
N TYR E 509 10.67 -43.23 -1.53
CA TYR E 509 9.74 -44.27 -1.92
C TYR E 509 10.39 -45.20 -2.95
N GLU E 510 9.81 -46.38 -3.10
CA GLU E 510 10.31 -47.33 -4.09
C GLU E 510 10.17 -46.74 -5.49
N LEU E 511 11.23 -46.82 -6.28
CA LEU E 511 11.29 -46.19 -7.58
C LEU E 511 10.77 -47.13 -8.66
N TYR E 512 9.84 -46.63 -9.49
CA TYR E 512 9.36 -47.37 -10.64
C TYR E 512 10.25 -47.00 -11.82
N GLN E 513 11.15 -47.91 -12.20
CA GLN E 513 12.09 -47.65 -13.27
C GLN E 513 11.37 -47.57 -14.60
N ILE E 514 11.63 -46.51 -15.36
CA ILE E 514 11.02 -46.33 -16.68
C ILE E 514 11.94 -47.01 -17.67
N ASN E 515 11.78 -48.32 -17.80
CA ASN E 515 12.54 -49.13 -18.74
C ASN E 515 11.67 -49.49 -19.94
N ILE E 516 12.32 -50.05 -20.96
CA ILE E 516 11.61 -50.50 -22.16
C ILE E 516 12.01 -51.96 -22.42
N PRO E 517 11.45 -52.91 -21.68
CA PRO E 517 11.67 -54.31 -22.02
C PRO E 517 10.91 -54.70 -23.27
N LEU E 518 11.47 -55.66 -24.00
CA LEU E 518 10.88 -56.10 -25.27
C LEU E 518 9.78 -57.11 -24.99
N PHE E 519 8.53 -56.70 -25.23
CA PHE E 519 7.37 -57.57 -25.08
C PHE E 519 6.62 -57.61 -26.40
N LEU E 520 6.40 -58.80 -26.92
CA LEU E 520 5.73 -58.96 -28.21
C LEU E 520 5.25 -60.39 -28.36
N GLY E 521 4.02 -60.54 -28.86
CA GLY E 521 3.49 -61.84 -29.19
C GLY E 521 3.11 -62.67 -27.97
N LYS E 522 2.91 -63.97 -28.23
CA LYS E 522 2.49 -64.92 -27.22
C LYS E 522 3.45 -66.09 -27.19
N GLN E 523 3.56 -66.70 -26.01
CA GLN E 523 4.34 -67.91 -25.82
C GLN E 523 3.48 -68.96 -25.13
N ILE E 524 3.68 -70.21 -25.50
CA ILE E 524 2.96 -71.34 -24.92
C ILE E 524 3.98 -72.35 -24.42
N ILE E 525 3.95 -72.62 -23.11
CA ILE E 525 4.83 -73.61 -22.49
C ILE E 525 3.92 -74.64 -21.84
N SER E 526 3.85 -75.83 -22.43
CA SER E 526 3.01 -76.91 -21.91
C SER E 526 3.78 -78.22 -22.03
N THR E 527 3.98 -78.89 -20.91
CA THR E 527 4.71 -80.15 -20.87
C THR E 527 4.47 -80.89 -19.56
N LEU F 249 0.90 -30.67 10.22
CA LEU F 249 0.39 -32.00 10.50
C LEU F 249 1.51 -33.05 10.50
N ARG F 250 1.78 -33.62 11.67
CA ARG F 250 2.79 -34.68 11.75
C ARG F 250 2.37 -35.90 10.94
N ASN F 251 1.09 -36.28 11.03
CA ASN F 251 0.55 -37.42 10.29
C ASN F 251 -0.50 -36.91 9.32
N PHE F 252 -0.32 -37.24 8.04
CA PHE F 252 -1.20 -36.77 6.97
C PHE F 252 -2.28 -37.78 6.61
N CYS F 253 -2.27 -38.97 7.21
CA CYS F 253 -3.27 -39.97 6.90
C CYS F 253 -4.64 -39.53 7.42
N VAL F 254 -5.67 -39.67 6.58
CA VAL F 254 -7.01 -39.29 7.00
C VAL F 254 -7.54 -40.26 8.05
N PHE F 255 -7.11 -41.51 8.01
CA PHE F 255 -7.51 -42.52 9.00
C PHE F 255 -6.64 -42.51 10.24
N SER F 256 -5.66 -41.61 10.32
CA SER F 256 -4.78 -41.56 11.48
C SER F 256 -5.53 -41.19 12.75
N SER F 257 -6.50 -40.27 12.63
CA SER F 257 -7.27 -39.83 13.78
C SER F 257 -8.23 -40.88 14.31
N VAL F 258 -8.41 -41.99 13.60
CA VAL F 258 -9.32 -43.04 14.04
C VAL F 258 -8.74 -43.73 15.25
N LYS F 259 -9.45 -43.70 16.37
CA LYS F 259 -9.07 -44.35 17.61
C LYS F 259 -10.27 -45.07 18.17
N PRO F 260 -10.06 -46.11 18.98
CA PRO F 260 -11.19 -46.75 19.66
C PRO F 260 -11.94 -45.74 20.53
N LEU F 261 -13.27 -45.76 20.41
CA LEU F 261 -14.08 -44.77 21.10
C LEU F 261 -14.37 -45.12 22.55
N ASP F 262 -13.96 -46.31 23.00
CA ASP F 262 -14.12 -46.68 24.40
C ASP F 262 -13.03 -46.00 25.24
N PHE F 263 -13.04 -46.29 26.55
CA PHE F 263 -12.06 -45.71 27.46
C PHE F 263 -10.76 -46.47 27.32
N CYS F 264 -9.91 -46.02 26.40
CA CYS F 264 -8.61 -46.62 26.15
C CYS F 264 -7.53 -45.72 26.71
N ASP F 265 -6.72 -46.26 27.63
CA ASP F 265 -5.66 -45.48 28.23
C ASP F 265 -4.59 -45.10 27.20
N GLN F 266 -4.19 -46.05 26.36
CA GLN F 266 -3.18 -45.81 25.34
C GLN F 266 -3.59 -46.48 24.04
N TYR F 267 -3.13 -45.92 22.93
CA TYR F 267 -3.41 -46.48 21.62
C TYR F 267 -2.31 -46.03 20.66
N SER F 268 -1.90 -46.95 19.79
CA SER F 268 -0.90 -46.67 18.77
C SER F 268 -1.54 -46.75 17.39
N SER F 269 -1.40 -45.70 16.61
CA SER F 269 -2.00 -45.68 15.27
C SER F 269 -1.32 -46.71 14.38
N PRO F 270 -2.08 -47.46 13.60
CA PRO F 270 -1.49 -48.45 12.69
C PRO F 270 -0.92 -47.87 11.40
N CYS F 271 -0.78 -46.55 11.30
CA CYS F 271 -0.26 -45.93 10.10
C CYS F 271 1.21 -46.31 9.89
N SER F 272 1.59 -46.44 8.63
CA SER F 272 2.95 -46.83 8.29
C SER F 272 3.91 -45.66 8.54
N SER F 273 5.20 -45.95 8.41
CA SER F 273 6.23 -44.94 8.63
C SER F 273 6.22 -43.84 7.57
N ASP F 274 5.55 -44.06 6.44
CA ASP F 274 5.48 -43.09 5.37
C ASP F 274 4.30 -42.13 5.51
N ALA F 275 3.53 -42.24 6.59
CA ALA F 275 2.39 -41.35 6.79
C ALA F 275 2.80 -39.94 7.15
N THR F 276 4.08 -39.69 7.44
CA THR F 276 4.55 -38.37 7.86
C THR F 276 4.86 -37.46 6.67
N VAL F 277 4.89 -37.97 5.45
CA VAL F 277 5.20 -37.15 4.28
C VAL F 277 3.90 -36.69 3.64
N ASP F 278 3.95 -35.52 3.02
CA ASP F 278 2.79 -34.92 2.37
C ASP F 278 2.92 -35.16 0.86
N ASP F 279 2.54 -36.36 0.43
CA ASP F 279 2.60 -36.73 -0.98
C ASP F 279 1.30 -36.47 -1.73
N GLY F 280 0.29 -35.91 -1.07
CA GLY F 280 -0.99 -35.65 -1.68
C GLY F 280 -2.00 -36.76 -1.55
N TRP F 281 -1.57 -37.98 -1.24
CA TRP F 281 -2.52 -39.06 -1.02
C TRP F 281 -3.40 -38.81 0.19
N PHE F 282 -2.81 -38.28 1.27
CA PHE F 282 -3.47 -38.11 2.57
C PHE F 282 -3.93 -39.45 3.14
N VAL F 283 -3.39 -40.55 2.64
CA VAL F 283 -3.61 -41.88 3.19
C VAL F 283 -2.27 -42.58 3.26
N CYS F 284 -1.98 -43.23 4.38
CA CYS F 284 -0.73 -43.95 4.51
C CYS F 284 -0.76 -45.20 3.62
N GLU F 285 0.42 -45.75 3.36
CA GLU F 285 0.52 -46.92 2.50
C GLU F 285 -0.23 -48.11 3.10
N TYR F 286 -0.18 -48.24 4.43
CA TYR F 286 -0.91 -49.33 5.09
C TYR F 286 -2.40 -49.20 4.86
N HIS F 287 -2.96 -47.99 5.07
CA HIS F 287 -4.40 -47.80 4.87
C HIS F 287 -4.78 -47.88 3.40
N ALA F 288 -3.90 -47.39 2.51
CA ALA F 288 -4.18 -47.49 1.09
C ALA F 288 -4.24 -48.95 0.64
N SER F 289 -3.33 -49.78 1.14
CA SER F 289 -3.37 -51.20 0.81
C SER F 289 -4.55 -51.90 1.47
N ARG F 290 -4.91 -51.51 2.70
CA ARG F 290 -5.99 -52.18 3.41
C ARG F 290 -7.34 -51.88 2.79
N PHE F 291 -7.58 -50.62 2.44
CA PHE F 291 -8.88 -50.19 1.91
C PHE F 291 -8.92 -50.16 0.39
N PHE F 292 -8.01 -49.43 -0.25
CA PHE F 292 -8.02 -49.23 -1.68
C PHE F 292 -7.14 -50.22 -2.43
N LYS F 293 -6.47 -51.13 -1.73
CA LYS F 293 -5.64 -52.17 -2.34
C LYS F 293 -4.57 -51.59 -3.26
N MET F 294 -3.91 -50.53 -2.80
CA MET F 294 -2.84 -49.90 -3.55
C MET F 294 -1.62 -49.71 -2.66
N GLU F 295 -0.45 -49.77 -3.28
CA GLU F 295 0.80 -49.36 -2.64
C GLU F 295 1.35 -48.14 -3.35
N LYS F 296 2.36 -47.52 -2.76
CA LYS F 296 2.90 -46.26 -3.27
C LYS F 296 4.20 -46.51 -4.02
N LEU F 297 4.36 -45.83 -5.16
CA LEU F 297 5.57 -45.90 -5.95
C LEU F 297 5.96 -44.49 -6.37
N ALA F 298 7.25 -44.30 -6.63
CA ALA F 298 7.78 -43.02 -7.08
C ALA F 298 8.14 -43.10 -8.56
N LEU F 299 7.86 -42.01 -9.29
CA LEU F 299 8.09 -41.94 -10.72
C LEU F 299 8.95 -40.72 -10.99
N ALA F 300 10.18 -40.93 -11.43
CA ALA F 300 11.15 -39.85 -11.64
C ALA F 300 11.16 -39.47 -13.12
N ILE F 301 10.90 -38.20 -13.40
CA ILE F 301 10.96 -37.64 -14.75
C ILE F 301 12.22 -36.79 -14.83
N PRO F 302 13.21 -37.18 -15.64
CA PRO F 302 14.43 -36.37 -15.76
C PRO F 302 14.29 -35.29 -16.84
N ASP F 303 14.65 -34.05 -16.49
CA ASP F 303 14.58 -32.97 -17.46
C ASP F 303 15.73 -33.01 -18.46
N GLY F 304 16.89 -33.49 -18.05
CA GLY F 304 18.07 -33.53 -18.90
C GLY F 304 19.29 -32.83 -18.32
N THR F 305 19.17 -32.15 -17.18
CA THR F 305 20.29 -31.50 -16.54
C THR F 305 20.67 -32.13 -15.21
N GLY F 306 19.94 -33.13 -14.74
CA GLY F 306 20.25 -33.78 -13.48
C GLY F 306 19.08 -33.78 -12.51
N ASN F 307 18.30 -32.71 -12.50
CA ASN F 307 17.15 -32.63 -11.62
C ASN F 307 16.06 -33.60 -12.07
N ASN F 308 15.41 -34.24 -11.09
CA ASN F 308 14.36 -35.21 -11.34
C ASN F 308 13.07 -34.75 -10.68
N TYR F 309 12.00 -34.72 -11.46
CA TYR F 309 10.67 -34.39 -10.94
C TYR F 309 10.00 -35.69 -10.49
N TYR F 310 9.74 -35.82 -9.19
CA TYR F 310 9.16 -37.03 -8.65
C TYR F 310 7.65 -36.91 -8.53
N ARG F 311 6.94 -37.89 -9.06
CA ARG F 311 5.48 -37.94 -9.00
C ARG F 311 5.07 -39.27 -8.38
N THR F 312 4.18 -39.21 -7.40
CA THR F 312 3.67 -40.42 -6.77
C THR F 312 2.72 -41.14 -7.71
N VAL F 313 2.68 -42.47 -7.58
CA VAL F 313 1.83 -43.30 -8.43
C VAL F 313 1.37 -44.51 -7.62
N GLY F 314 0.20 -45.03 -7.95
CA GLY F 314 -0.35 -46.18 -7.26
C GLY F 314 0.00 -47.48 -7.96
N LYS F 315 0.47 -48.46 -7.17
CA LYS F 315 0.73 -49.80 -7.65
C LYS F 315 -0.43 -50.70 -7.20
N SER F 316 -1.07 -51.35 -8.17
CA SER F 316 -2.24 -52.17 -7.88
C SER F 316 -1.84 -53.48 -7.20
N LEU F 317 -2.55 -53.83 -6.13
CA LEU F 317 -2.37 -55.10 -5.45
C LEU F 317 -3.39 -56.15 -5.86
N VAL F 318 -4.21 -55.85 -6.87
CA VAL F 318 -5.23 -56.77 -7.33
C VAL F 318 -4.60 -57.84 -8.20
N ASP F 319 -4.81 -59.11 -7.84
CA ASP F 319 -4.28 -60.21 -8.62
C ASP F 319 -5.11 -60.45 -9.87
N ASP F 320 -4.53 -61.16 -10.83
CA ASP F 320 -5.24 -61.46 -12.07
C ASP F 320 -6.40 -62.40 -11.83
N LYS F 321 -6.35 -63.22 -10.77
CA LYS F 321 -7.44 -64.13 -10.47
C LYS F 321 -8.65 -63.42 -9.89
N ALA F 322 -8.47 -62.22 -9.34
CA ALA F 322 -9.58 -61.47 -8.78
C ALA F 322 -10.58 -61.08 -9.87
N GLU F 323 -11.86 -61.12 -9.52
CA GLU F 323 -12.93 -60.84 -10.48
C GLU F 323 -14.01 -60.00 -9.80
N GLY F 324 -14.66 -59.17 -10.61
CA GLY F 324 -15.81 -58.42 -10.12
C GLY F 324 -15.41 -57.38 -9.08
N ILE F 325 -16.08 -57.43 -7.93
CA ILE F 325 -15.88 -56.43 -6.89
C ILE F 325 -14.45 -56.47 -6.36
N GLU F 326 -13.78 -57.61 -6.49
CA GLU F 326 -12.39 -57.72 -6.04
C GLU F 326 -11.45 -56.88 -6.89
N ARG F 327 -11.88 -56.46 -8.08
CA ARG F 327 -11.05 -55.66 -8.97
C ARG F 327 -11.25 -54.16 -8.76
N ILE F 328 -12.14 -53.76 -7.86
CA ILE F 328 -12.41 -52.34 -7.62
C ILE F 328 -11.33 -51.79 -6.71
N LEU F 329 -10.47 -50.92 -7.26
CA LEU F 329 -9.40 -50.32 -6.47
C LEU F 329 -9.94 -49.23 -5.55
N ILE F 330 -10.55 -48.21 -6.14
CA ILE F 330 -11.15 -47.11 -5.38
C ILE F 330 -12.66 -47.14 -5.64
N PRO F 331 -13.48 -47.56 -4.69
CA PRO F 331 -14.92 -47.54 -4.90
C PRO F 331 -15.45 -46.12 -5.03
N SER F 332 -16.45 -45.97 -5.90
CA SER F 332 -17.11 -44.69 -6.08
C SER F 332 -18.19 -44.50 -5.02
N GLN F 333 -18.77 -43.29 -5.01
CA GLN F 333 -19.82 -42.99 -4.05
C GLN F 333 -21.08 -43.82 -4.28
N ASN F 334 -21.20 -44.49 -5.43
CA ASN F 334 -22.39 -45.29 -5.70
C ASN F 334 -22.41 -46.57 -4.87
N ASN F 335 -21.27 -47.25 -4.76
CA ASN F 335 -21.22 -48.57 -4.12
C ASN F 335 -20.01 -48.70 -3.21
N TYR F 336 -19.66 -47.62 -2.51
CA TYR F 336 -18.50 -47.69 -1.60
C TYR F 336 -18.84 -48.48 -0.33
N GLU F 337 -20.11 -48.45 0.10
CA GLU F 337 -20.49 -49.16 1.32
C GLU F 337 -20.25 -50.66 1.17
N THR F 338 -20.63 -51.24 0.04
CA THR F 338 -20.48 -52.68 -0.15
C THR F 338 -19.02 -53.05 -0.38
N VAL F 339 -18.28 -52.21 -1.11
CA VAL F 339 -16.89 -52.53 -1.42
C VAL F 339 -16.03 -52.46 -0.16
N LEU F 340 -16.20 -51.41 0.63
CA LEU F 340 -15.40 -51.20 1.83
C LEU F 340 -15.95 -51.91 3.05
N ASN F 341 -17.13 -52.52 2.95
CA ASN F 341 -17.80 -53.17 4.07
C ASN F 341 -17.96 -52.22 5.24
N LEU F 342 -18.67 -51.12 4.98
CA LEU F 342 -18.82 -50.07 5.99
C LEU F 342 -19.62 -50.56 7.18
N SER F 343 -20.62 -51.41 6.95
CA SER F 343 -21.44 -51.90 8.05
C SER F 343 -20.63 -52.67 9.07
N LEU F 344 -19.70 -53.50 8.59
CA LEU F 344 -18.85 -54.27 9.51
C LEU F 344 -17.79 -53.38 10.15
N LEU F 345 -17.38 -52.31 9.49
CA LEU F 345 -16.33 -51.45 10.02
C LEU F 345 -16.79 -50.75 11.29
N GLY F 346 -15.81 -50.32 12.09
CA GLY F 346 -16.09 -49.64 13.34
C GLY F 346 -16.70 -48.28 13.10
N PRO F 347 -17.33 -47.72 14.13
CA PRO F 347 -18.01 -46.42 13.96
C PRO F 347 -17.07 -45.30 13.55
N ALA F 348 -15.83 -45.28 14.05
CA ALA F 348 -14.90 -44.22 13.68
C ALA F 348 -14.53 -44.29 12.20
N GLU F 349 -14.16 -45.48 11.73
CA GLU F 349 -13.84 -45.65 10.32
C GLU F 349 -15.05 -45.40 9.44
N ARG F 350 -16.23 -45.85 9.90
CA ARG F 350 -17.45 -45.60 9.14
C ARG F 350 -17.72 -44.10 9.00
N LEU F 351 -17.58 -43.35 10.09
CA LEU F 351 -17.79 -41.90 10.04
C LEU F 351 -16.76 -41.23 9.16
N VAL F 352 -15.50 -41.67 9.23
CA VAL F 352 -14.46 -41.08 8.40
C VAL F 352 -14.76 -41.32 6.93
N PHE F 353 -15.18 -42.54 6.58
CA PHE F 353 -15.51 -42.84 5.19
C PHE F 353 -16.74 -42.06 4.75
N TYR F 354 -17.72 -41.87 5.63
CA TYR F 354 -18.89 -41.07 5.30
C TYR F 354 -18.52 -39.64 5.00
N MET F 355 -17.61 -39.06 5.80
CA MET F 355 -17.15 -37.71 5.54
C MET F 355 -16.32 -37.63 4.26
N ILE F 356 -15.55 -38.68 3.97
CA ILE F 356 -14.74 -38.68 2.76
C ILE F 356 -15.61 -38.67 1.52
N TYR F 357 -16.68 -39.45 1.51
CA TYR F 357 -17.57 -39.55 0.36
C TYR F 357 -18.69 -38.53 0.38
N ASP F 358 -18.71 -37.64 1.38
CA ASP F 358 -19.65 -36.51 1.44
C ASP F 358 -21.10 -36.98 1.42
N ASN F 359 -21.48 -37.71 2.47
CA ASN F 359 -22.85 -38.16 2.68
C ASN F 359 -23.36 -37.49 3.96
N LYS F 360 -23.92 -36.30 3.81
CA LYS F 360 -24.21 -35.44 4.95
C LYS F 360 -25.17 -36.10 5.93
N GLU F 361 -26.24 -36.73 5.41
CA GLU F 361 -27.22 -37.35 6.29
C GLU F 361 -26.60 -38.49 7.10
N LYS F 362 -25.74 -39.29 6.46
CA LYS F 362 -25.09 -40.39 7.18
C LYS F 362 -24.12 -39.87 8.23
N GLN F 363 -23.36 -38.81 7.91
CA GLN F 363 -22.48 -38.22 8.91
C GLN F 363 -23.27 -37.72 10.11
N ASN F 364 -24.38 -37.03 9.86
CA ASN F 364 -25.20 -36.52 10.96
C ASN F 364 -25.76 -37.66 11.79
N GLU F 365 -26.23 -38.72 11.14
CA GLU F 365 -26.77 -39.86 11.87
C GLU F 365 -25.71 -40.53 12.73
N ILE F 366 -24.52 -40.75 12.16
CA ILE F 366 -23.46 -41.40 12.92
C ILE F 366 -23.04 -40.53 14.10
N CYS F 367 -22.99 -39.20 13.91
CA CYS F 367 -22.65 -38.32 15.01
C CYS F 367 -23.70 -38.37 16.12
N GLN F 368 -24.98 -38.29 15.75
CA GLN F 368 -26.03 -38.29 16.77
C GLN F 368 -26.16 -39.64 17.45
N GLN F 369 -25.70 -40.73 16.82
CA GLN F 369 -25.64 -42.01 17.52
C GLN F 369 -24.34 -42.23 18.28
N LEU F 370 -23.30 -41.45 18.03
CA LEU F 370 -22.07 -41.53 18.81
C LEU F 370 -21.98 -40.48 19.92
N ARG F 371 -23.02 -39.66 20.10
CA ARG F 371 -23.05 -38.77 21.25
C ARG F 371 -22.80 -39.50 22.57
N MET F 372 -23.37 -40.68 22.74
CA MET F 372 -23.26 -41.37 24.04
C MET F 372 -21.82 -41.70 24.39
N TYR F 373 -20.99 -42.03 23.40
CA TYR F 373 -19.60 -42.34 23.67
C TYR F 373 -18.81 -41.14 24.18
N GLU F 374 -19.39 -39.94 24.10
CA GLU F 374 -18.75 -38.78 24.73
C GLU F 374 -18.62 -38.94 26.24
N ARG F 375 -19.38 -39.86 26.83
CA ARG F 375 -19.25 -40.11 28.27
C ARG F 375 -17.88 -40.67 28.62
N PHE F 376 -17.39 -41.62 27.81
CA PHE F 376 -16.10 -42.24 28.09
C PHE F 376 -14.95 -41.26 27.90
N ARG F 377 -14.93 -40.58 26.74
CA ARG F 377 -13.92 -39.57 26.46
C ARG F 377 -14.64 -38.39 25.82
N PRO F 378 -14.38 -37.15 26.27
CA PRO F 378 -15.06 -35.99 25.68
C PRO F 378 -14.55 -35.60 24.31
N GLU F 379 -13.71 -36.42 23.67
CA GLU F 379 -13.19 -36.13 22.34
C GLU F 379 -13.26 -37.36 21.45
N VAL F 380 -14.25 -38.22 21.68
CA VAL F 380 -14.40 -39.40 20.85
C VAL F 380 -14.79 -39.03 19.42
N VAL F 381 -15.67 -38.05 19.27
CA VAL F 381 -16.15 -37.65 17.95
C VAL F 381 -15.79 -36.22 17.59
N GLU F 382 -15.52 -35.35 18.56
CA GLU F 382 -15.25 -33.95 18.25
C GLU F 382 -13.90 -33.79 17.56
N GLU F 383 -12.81 -34.16 18.26
CA GLU F 383 -11.49 -33.96 17.69
C GLU F 383 -11.27 -34.81 16.44
N LEU F 384 -11.88 -36.00 16.38
CA LEU F 384 -11.82 -36.80 15.16
C LEU F 384 -12.47 -36.07 14.00
N TYR F 385 -13.64 -35.48 14.23
CA TYR F 385 -14.32 -34.71 13.19
C TYR F 385 -13.47 -33.53 12.74
N ASN F 386 -12.92 -32.76 13.69
CA ASN F 386 -12.12 -31.60 13.31
C ASN F 386 -10.88 -32.02 12.54
N SER F 387 -10.19 -33.07 12.98
CA SER F 387 -8.98 -33.50 12.29
C SER F 387 -9.29 -34.00 10.89
N THR F 388 -10.35 -34.80 10.75
CA THR F 388 -10.70 -35.32 9.43
C THR F 388 -11.13 -34.19 8.49
N LEU F 389 -11.90 -33.24 9.01
CA LEU F 389 -12.32 -32.11 8.18
C LEU F 389 -11.13 -31.26 7.75
N ARG F 390 -10.19 -31.01 8.66
CA ARG F 390 -9.03 -30.21 8.30
C ARG F 390 -8.10 -30.95 7.35
N VAL F 391 -8.06 -32.28 7.42
CA VAL F 391 -7.28 -33.04 6.45
C VAL F 391 -7.94 -33.00 5.08
N LEU F 392 -9.28 -33.14 5.05
CA LEU F 392 -9.99 -33.10 3.78
C LEU F 392 -9.94 -31.71 3.15
N ALA F 393 -9.84 -30.66 3.98
CA ALA F 393 -9.84 -29.30 3.47
C ALA F 393 -8.64 -28.98 2.59
N LEU F 394 -7.58 -29.77 2.64
CA LEU F 394 -6.44 -29.56 1.76
C LEU F 394 -6.64 -30.12 0.36
N THR F 395 -7.70 -30.90 0.14
CA THR F 395 -7.95 -31.52 -1.15
C THR F 395 -8.83 -30.69 -2.07
N ASN F 396 -9.44 -29.62 -1.57
CA ASN F 396 -10.30 -28.81 -2.40
C ASN F 396 -9.48 -27.98 -3.39
N PRO F 397 -10.03 -27.74 -4.59
CA PRO F 397 -9.35 -26.92 -5.61
C PRO F 397 -9.20 -25.46 -5.19
N ASN F 407 -1.75 -25.24 -13.50
CA ASN F 407 -1.14 -25.46 -14.80
C ASN F 407 -1.40 -26.87 -15.30
N GLU F 408 -1.67 -27.78 -14.36
CA GLU F 408 -1.91 -29.17 -14.72
C GLU F 408 -3.24 -29.31 -15.45
N SER F 409 -3.24 -30.15 -16.49
CA SER F 409 -4.44 -30.47 -17.25
C SER F 409 -4.49 -32.00 -17.39
N ARG F 410 -5.35 -32.64 -16.61
CA ARG F 410 -5.38 -34.09 -16.52
C ARG F 410 -6.67 -34.62 -17.15
N SER F 411 -6.54 -35.50 -18.13
CA SER F 411 -7.67 -36.23 -18.71
C SER F 411 -7.52 -37.71 -18.36
N PHE F 412 -8.62 -38.31 -17.91
CA PHE F 412 -8.60 -39.67 -17.38
C PHE F 412 -9.22 -40.68 -18.35
N GLY F 413 -9.13 -40.41 -19.65
CA GLY F 413 -9.64 -41.35 -20.63
C GLY F 413 -9.69 -40.80 -22.05
N LEU F 414 -9.86 -41.69 -23.02
CA LEU F 414 -10.00 -41.29 -24.41
C LEU F 414 -11.43 -40.92 -24.78
N SER F 415 -12.38 -41.10 -23.86
CA SER F 415 -13.77 -40.81 -24.09
C SER F 415 -14.31 -39.90 -22.99
N VAL F 416 -15.39 -39.18 -23.32
CA VAL F 416 -16.02 -38.29 -22.34
C VAL F 416 -16.61 -39.06 -21.18
N GLU F 417 -16.91 -40.34 -21.36
CA GLU F 417 -17.51 -41.13 -20.29
C GLU F 417 -16.57 -41.23 -19.08
N ASP F 418 -15.28 -41.47 -19.32
CA ASP F 418 -14.33 -41.54 -18.22
C ASP F 418 -14.23 -40.21 -17.50
N ASP F 419 -14.20 -39.10 -18.25
CA ASP F 419 -14.09 -37.78 -17.63
C ASP F 419 -15.32 -37.48 -16.78
N LEU F 420 -16.52 -37.79 -17.28
CA LEU F 420 -17.72 -37.50 -16.51
C LEU F 420 -17.84 -38.42 -15.30
N ALA F 421 -17.36 -39.66 -15.42
CA ALA F 421 -17.33 -40.55 -14.27
C ALA F 421 -16.37 -40.05 -13.20
N PHE F 422 -15.23 -39.52 -13.62
CA PHE F 422 -14.27 -38.98 -12.66
C PHE F 422 -14.78 -37.68 -12.02
N ASN F 423 -15.53 -36.88 -12.78
CA ASN F 423 -15.99 -35.59 -12.27
C ASN F 423 -16.96 -35.76 -11.12
N VAL F 424 -17.88 -36.73 -11.20
CA VAL F 424 -18.91 -36.87 -10.18
C VAL F 424 -18.37 -37.45 -8.88
N LEU F 425 -17.13 -37.91 -8.85
CA LEU F 425 -16.55 -38.48 -7.65
C LEU F 425 -16.29 -37.40 -6.61
N PRO F 426 -16.23 -37.77 -5.33
CA PRO F 426 -15.94 -36.78 -4.29
C PRO F 426 -14.56 -36.17 -4.46
N THR F 427 -14.39 -34.99 -3.84
CA THR F 427 -13.14 -34.25 -4.00
C THR F 427 -11.95 -35.01 -3.44
N PHE F 428 -12.13 -35.68 -2.30
CA PHE F 428 -11.04 -36.49 -1.75
C PHE F 428 -10.72 -37.67 -2.66
N ILE F 429 -11.76 -38.34 -3.17
CA ILE F 429 -11.56 -39.45 -4.09
C ILE F 429 -10.90 -38.95 -5.37
N GLN F 430 -11.33 -37.78 -5.86
CA GLN F 430 -10.72 -37.21 -7.06
C GLN F 430 -9.24 -36.92 -6.84
N ASN F 431 -8.90 -36.33 -5.69
CA ASN F 431 -7.50 -36.05 -5.39
C ASN F 431 -6.69 -37.34 -5.29
N LEU F 432 -7.25 -38.37 -4.63
CA LEU F 432 -6.54 -39.64 -4.51
C LEU F 432 -6.31 -40.28 -5.87
N ILE F 433 -7.32 -40.23 -6.75
CA ILE F 433 -7.17 -40.79 -8.08
C ILE F 433 -6.13 -40.02 -8.88
N ARG F 434 -6.16 -38.68 -8.79
CA ARG F 434 -5.19 -37.87 -9.53
C ARG F 434 -3.77 -38.15 -9.06
N LYS F 435 -3.58 -38.32 -7.75
CA LYS F 435 -2.25 -38.57 -7.23
C LYS F 435 -1.78 -40.00 -7.48
N CYS F 436 -2.70 -40.97 -7.51
CA CYS F 436 -2.32 -42.37 -7.60
C CYS F 436 -2.24 -42.89 -9.03
N VAL F 437 -2.94 -42.25 -9.96
CA VAL F 437 -2.99 -42.71 -11.36
C VAL F 437 -2.03 -41.85 -12.17
N ALA F 438 -1.00 -42.49 -12.73
CA ALA F 438 -0.05 -41.80 -13.58
C ALA F 438 -0.59 -41.68 -15.01
N PRO F 439 -0.17 -40.66 -15.75
CA PRO F 439 -0.63 -40.52 -17.12
C PRO F 439 0.03 -41.51 -18.07
N GLU F 440 -0.74 -41.95 -19.06
CA GLU F 440 -0.19 -42.81 -20.11
C GLU F 440 0.90 -42.09 -20.89
N SER F 441 0.65 -40.82 -21.24
CA SER F 441 1.59 -40.03 -22.03
C SER F 441 1.60 -38.62 -21.45
N LEU F 442 2.63 -38.31 -20.67
CA LEU F 442 2.77 -36.98 -20.10
C LEU F 442 3.14 -35.98 -21.21
N THR F 443 2.80 -34.71 -20.99
CA THR F 443 3.14 -33.64 -21.92
C THR F 443 3.78 -32.53 -21.08
N ILE F 444 5.11 -32.51 -21.04
CA ILE F 444 5.85 -31.60 -20.19
C ILE F 444 6.58 -30.59 -21.07
N GLY F 445 6.53 -29.33 -20.67
CA GLY F 445 7.11 -28.26 -21.46
C GLY F 445 6.48 -28.19 -22.84
N THR F 446 7.25 -28.58 -23.86
CA THR F 446 6.76 -28.65 -25.23
C THR F 446 6.93 -30.04 -25.83
N GLU F 447 7.23 -31.05 -25.03
CA GLU F 447 7.46 -32.40 -25.55
C GLU F 447 6.65 -33.43 -24.79
N ASP F 448 6.30 -34.50 -25.51
CA ASP F 448 5.49 -35.59 -24.96
C ASP F 448 6.39 -36.74 -24.54
N LEU F 449 6.15 -37.27 -23.36
CA LEU F 449 6.89 -38.41 -22.82
C LEU F 449 5.89 -39.55 -22.65
N GLN F 450 5.98 -40.56 -23.52
CA GLN F 450 5.05 -41.68 -23.50
C GLN F 450 5.52 -42.68 -22.44
N LEU F 451 4.96 -42.56 -21.24
CA LEU F 451 5.32 -43.47 -20.15
C LEU F 451 4.91 -44.90 -20.47
N ARG F 452 3.70 -45.09 -20.99
CA ARG F 452 3.24 -46.40 -21.40
C ARG F 452 2.31 -46.24 -22.60
N ASN F 453 2.26 -47.29 -23.42
CA ASN F 453 1.45 -47.25 -24.64
C ASN F 453 0.01 -47.69 -24.44
N ALA F 454 -0.30 -48.33 -23.32
CA ALA F 454 -1.65 -48.80 -23.05
C ALA F 454 -2.03 -48.49 -21.60
N ASN F 455 -3.33 -48.27 -21.39
CA ASN F 455 -3.81 -47.99 -20.05
C ASN F 455 -3.77 -49.24 -19.18
N THR F 456 -3.76 -49.01 -17.87
CA THR F 456 -3.74 -50.09 -16.90
C THR F 456 -4.91 -50.06 -15.92
N CYS F 457 -5.49 -48.88 -15.66
CA CYS F 457 -6.64 -48.76 -14.79
C CYS F 457 -7.71 -47.96 -15.52
N ARG F 458 -8.96 -48.20 -15.13
CA ARG F 458 -10.11 -47.54 -15.75
C ARG F 458 -10.94 -46.85 -14.69
N ILE F 459 -11.71 -45.85 -15.12
CA ILE F 459 -12.58 -45.09 -14.25
C ILE F 459 -13.99 -45.17 -14.82
N THR F 460 -14.90 -45.80 -14.09
CA THR F 460 -16.29 -45.91 -14.49
C THR F 460 -17.19 -45.52 -13.33
N SER F 461 -18.50 -45.77 -13.47
CA SER F 461 -19.43 -45.46 -12.39
C SER F 461 -19.12 -46.26 -11.13
N GLU F 462 -18.50 -47.43 -11.27
CA GLU F 462 -18.12 -48.22 -10.10
C GLU F 462 -16.91 -47.63 -9.39
N GLY F 463 -16.20 -46.70 -10.02
CA GLY F 463 -15.02 -46.09 -9.43
C GLY F 463 -13.78 -46.37 -10.27
N LEU F 464 -12.64 -46.44 -9.57
CA LEU F 464 -11.36 -46.76 -10.21
C LEU F 464 -11.11 -48.26 -10.07
N LEU F 465 -11.01 -48.95 -11.21
CA LEU F 465 -10.84 -50.39 -11.24
C LEU F 465 -9.58 -50.77 -12.02
N ALA F 466 -9.08 -51.96 -11.74
CA ALA F 466 -7.98 -52.55 -12.51
C ALA F 466 -8.62 -53.46 -13.56
N SER F 467 -9.10 -52.84 -14.64
CA SER F 467 -9.87 -53.55 -15.64
C SER F 467 -9.05 -54.62 -16.35
N VAL F 468 -7.81 -54.31 -16.71
CA VAL F 468 -6.98 -55.27 -17.43
C VAL F 468 -6.54 -56.39 -16.51
N ARG F 469 -6.52 -57.61 -17.04
CA ARG F 469 -6.14 -58.78 -16.26
C ARG F 469 -4.64 -59.03 -16.31
N LEU F 470 -3.86 -58.00 -15.98
CA LEU F 470 -2.41 -58.15 -15.95
C LEU F 470 -1.99 -59.00 -14.76
N TYR F 471 -0.93 -59.77 -14.95
CA TYR F 471 -0.41 -60.64 -13.89
C TYR F 471 0.31 -59.80 -12.84
N ASN F 472 -0.04 -60.01 -11.58
CA ASN F 472 0.55 -59.30 -10.46
C ASN F 472 1.51 -60.23 -9.73
N SER F 473 2.80 -59.90 -9.75
CA SER F 473 3.82 -60.70 -9.10
C SER F 473 4.47 -59.92 -7.95
N VAL F 474 3.66 -59.15 -7.22
CA VAL F 474 4.14 -58.33 -6.11
C VAL F 474 3.66 -58.95 -4.81
N GLN F 475 4.56 -58.99 -3.83
CA GLN F 475 4.23 -59.48 -2.50
C GLN F 475 3.83 -58.30 -1.63
N PRO F 476 2.57 -58.20 -1.18
CA PRO F 476 2.18 -57.07 -0.34
C PRO F 476 2.98 -57.03 0.95
N LYS F 477 3.33 -55.83 1.38
CA LYS F 477 4.08 -55.64 2.62
C LYS F 477 3.18 -55.52 3.84
N TYR F 478 1.87 -55.49 3.66
CA TYR F 478 0.93 -55.47 4.77
C TYR F 478 -0.17 -56.51 4.67
N LEU F 479 -0.63 -56.85 3.47
CA LEU F 479 -1.64 -57.89 3.29
C LEU F 479 -0.97 -59.23 3.00
N TYR F 480 -0.13 -59.65 3.95
CA TYR F 480 0.64 -60.88 3.80
C TYR F 480 0.29 -61.95 4.82
N GLY F 481 -0.29 -61.60 5.96
CA GLY F 481 -0.62 -62.59 6.96
C GLY F 481 -1.75 -63.50 6.51
N VAL F 482 -1.64 -64.78 6.90
CA VAL F 482 -2.65 -65.78 6.59
C VAL F 482 -2.88 -66.62 7.84
N ASN F 483 -4.03 -67.30 7.87
CA ASN F 483 -4.38 -68.19 8.98
C ASN F 483 -3.56 -69.47 8.83
N GLU F 484 -2.39 -69.49 9.46
CA GLU F 484 -1.51 -70.65 9.34
C GLU F 484 -2.03 -71.85 10.12
N ASN F 485 -2.86 -71.61 11.15
CA ASN F 485 -3.28 -72.69 12.03
C ASN F 485 -4.16 -73.71 11.32
N ARG F 486 -5.19 -73.25 10.61
CA ARG F 486 -6.07 -74.22 9.99
C ARG F 486 -5.52 -74.69 8.66
N LEU F 487 -6.32 -75.50 7.98
CA LEU F 487 -5.94 -76.17 6.74
C LEU F 487 -6.75 -75.64 5.57
N GLN F 488 -6.09 -75.47 4.42
CA GLN F 488 -6.73 -75.03 3.20
C GLN F 488 -6.29 -75.92 2.04
N ILE F 489 -7.15 -76.04 1.04
CA ILE F 489 -6.91 -76.89 -0.12
C ILE F 489 -7.00 -76.06 -1.38
N ARG F 490 -5.98 -76.18 -2.24
CA ARG F 490 -5.98 -75.50 -3.53
C ARG F 490 -5.09 -76.28 -4.49
N ASN F 491 -5.31 -76.05 -5.79
CA ASN F 491 -4.55 -76.71 -6.85
C ASN F 491 -3.60 -75.67 -7.47
N VAL F 492 -2.38 -75.61 -6.93
CA VAL F 492 -1.38 -74.66 -7.40
C VAL F 492 -0.58 -75.27 -8.54
N LEU F 493 0.15 -74.42 -9.25
CA LEU F 493 1.08 -74.87 -10.29
C LEU F 493 2.44 -75.16 -9.64
N GLN F 494 3.11 -76.20 -10.13
CA GLN F 494 4.37 -76.64 -9.53
C GLN F 494 5.44 -76.80 -10.61
N PHE F 495 6.67 -76.47 -10.26
CA PHE F 495 7.84 -76.72 -11.07
C PHE F 495 8.71 -77.79 -10.42
N GLN F 496 9.74 -78.22 -11.15
CA GLN F 496 10.60 -79.30 -10.67
C GLN F 496 11.47 -78.84 -9.51
N GLY F 497 12.10 -77.67 -9.64
CA GLY F 497 13.02 -77.20 -8.64
C GLY F 497 14.47 -77.45 -9.00
N ASN F 498 14.75 -77.55 -10.29
CA ASN F 498 16.10 -77.78 -10.79
C ASN F 498 16.67 -76.49 -11.35
N ALA F 499 17.93 -76.21 -11.01
CA ALA F 499 18.55 -74.96 -11.44
C ALA F 499 18.65 -74.89 -12.96
N ASN F 500 19.04 -75.99 -13.61
CA ASN F 500 19.12 -75.99 -15.07
C ASN F 500 17.75 -75.89 -15.71
N ALA F 501 16.76 -76.59 -15.15
CA ALA F 501 15.41 -76.56 -15.73
C ALA F 501 14.77 -75.19 -15.56
N LEU F 502 14.88 -74.61 -14.37
CA LEU F 502 14.26 -73.32 -14.08
C LEU F 502 15.13 -72.13 -14.45
N GLN F 503 16.34 -72.37 -14.98
CA GLN F 503 17.27 -71.31 -15.36
C GLN F 503 17.56 -70.38 -14.18
N GLN F 504 17.78 -70.97 -13.01
CA GLN F 504 18.08 -70.19 -11.81
C GLN F 504 19.37 -69.40 -11.95
N LYS F 505 20.27 -69.82 -12.84
CA LYS F 505 21.51 -69.09 -13.05
C LYS F 505 21.28 -67.69 -13.61
N LEU F 506 20.09 -67.41 -14.12
CA LEU F 506 19.75 -66.07 -14.59
C LEU F 506 19.27 -65.16 -13.48
N SER F 507 19.18 -65.67 -12.24
CA SER F 507 18.74 -64.84 -11.12
C SER F 507 19.72 -63.71 -10.80
N ARG F 508 21.00 -63.87 -11.16
CA ARG F 508 21.98 -62.82 -10.92
C ARG F 508 21.76 -61.61 -11.81
N TYR F 509 21.02 -61.75 -12.90
CA TYR F 509 20.71 -60.63 -13.77
C TYR F 509 19.74 -59.68 -13.09
N GLU F 510 19.67 -58.45 -13.59
CA GLU F 510 18.73 -57.47 -13.06
C GLU F 510 17.30 -57.96 -13.28
N LEU F 511 16.49 -57.88 -12.23
CA LEU F 511 15.15 -58.43 -12.25
C LEU F 511 14.15 -57.39 -12.74
N TYR F 512 13.33 -57.78 -13.71
CA TYR F 512 12.22 -56.93 -14.18
C TYR F 512 11.00 -57.27 -13.34
N GLN F 513 10.66 -56.39 -12.41
CA GLN F 513 9.55 -56.66 -11.51
C GLN F 513 8.23 -56.59 -12.27
N ILE F 514 7.40 -57.61 -12.10
CA ILE F 514 6.09 -57.67 -12.76
C ILE F 514 5.11 -56.99 -11.81
N ASN F 515 5.07 -55.66 -11.90
CA ASN F 515 4.17 -54.84 -11.12
C ASN F 515 3.02 -54.35 -11.99
N ILE F 516 2.02 -53.76 -11.33
CA ILE F 516 0.88 -53.19 -12.03
C ILE F 516 0.70 -51.75 -11.56
N PRO F 517 1.52 -50.82 -12.03
CA PRO F 517 1.27 -49.41 -11.72
C PRO F 517 0.06 -48.88 -12.49
N LEU F 518 -0.62 -47.92 -11.89
CA LEU F 518 -1.84 -47.36 -12.49
C LEU F 518 -1.46 -46.31 -13.51
N PHE F 519 -1.69 -46.61 -14.79
CA PHE F 519 -1.44 -45.69 -15.89
C PHE F 519 -2.72 -45.51 -16.67
N LEU F 520 -3.17 -44.27 -16.82
CA LEU F 520 -4.43 -43.98 -17.51
C LEU F 520 -4.46 -42.52 -17.91
N GLY F 521 -4.92 -42.26 -19.14
CA GLY F 521 -5.14 -40.91 -19.59
C GLY F 521 -3.87 -40.14 -19.87
N LYS F 522 -4.03 -38.82 -20.00
CA LYS F 522 -2.95 -37.92 -20.33
C LYS F 522 -2.86 -36.80 -19.29
N GLN F 523 -1.65 -36.28 -19.11
CA GLN F 523 -1.41 -35.15 -18.24
C GLN F 523 -0.63 -34.09 -19.01
N ILE F 524 -0.93 -32.83 -18.74
CA ILE F 524 -0.24 -31.70 -19.37
C ILE F 524 0.29 -30.80 -18.27
N ILE F 525 1.60 -30.61 -18.25
CA ILE F 525 2.25 -29.73 -17.29
C ILE F 525 3.00 -28.68 -18.11
N SER F 526 2.50 -27.45 -18.12
CA SER F 526 3.10 -26.35 -18.87
C SER F 526 3.05 -25.09 -18.02
N THR F 527 4.21 -24.52 -17.75
CA THR F 527 4.31 -23.31 -16.93
C THR F 527 5.66 -22.65 -17.08
N LEU G 249 -3.48 -20.05 15.52
CA LEU G 249 -3.33 -18.71 14.96
C LEU G 249 -3.13 -17.67 16.05
N ARG G 250 -1.94 -17.07 16.10
CA ARG G 250 -1.70 -16.01 17.07
C ARG G 250 -2.57 -14.80 16.80
N ASN G 251 -2.73 -14.43 15.53
CA ASN G 251 -3.57 -13.31 15.12
C ASN G 251 -4.72 -13.83 14.28
N PHE G 252 -5.94 -13.52 14.69
CA PHE G 252 -7.14 -14.00 14.03
C PHE G 252 -7.71 -13.01 13.02
N CYS G 253 -7.14 -11.82 12.91
CA CYS G 253 -7.65 -10.83 11.98
C CYS G 253 -7.38 -11.26 10.54
N VAL G 254 -8.40 -11.15 9.69
CA VAL G 254 -8.23 -11.53 8.29
C VAL G 254 -7.30 -10.56 7.57
N PHE G 255 -7.27 -9.30 8.00
CA PHE G 255 -6.40 -8.30 7.41
C PHE G 255 -5.01 -8.28 8.04
N SER G 256 -4.74 -9.17 8.99
CA SER G 256 -3.44 -9.19 9.64
C SER G 256 -2.33 -9.56 8.66
N SER G 257 -2.62 -10.48 7.74
CA SER G 257 -1.62 -10.92 6.77
C SER G 257 -1.29 -9.87 5.73
N VAL G 258 -2.05 -8.77 5.68
CA VAL G 258 -1.80 -7.73 4.69
C VAL G 258 -0.50 -7.02 5.04
N LYS G 259 0.46 -7.04 4.13
CA LYS G 259 1.75 -6.38 4.28
C LYS G 259 2.06 -5.66 2.98
N PRO G 260 2.89 -4.61 3.03
CA PRO G 260 3.34 -3.97 1.79
C PRO G 260 4.07 -4.97 0.90
N LEU G 261 3.71 -4.98 -0.38
CA LEU G 261 4.24 -5.96 -1.31
C LEU G 261 5.61 -5.59 -1.86
N ASP G 262 6.12 -4.40 -1.56
CA ASP G 262 7.46 -4.02 -1.97
C ASP G 262 8.49 -4.68 -1.05
N PHE G 263 9.76 -4.38 -1.30
CA PHE G 263 10.86 -4.94 -0.51
C PHE G 263 10.95 -4.16 0.80
N CYS G 264 10.20 -4.61 1.80
CA CYS G 264 10.19 -4.01 3.11
C CYS G 264 10.96 -4.89 4.08
N ASP G 265 12.00 -4.33 4.71
CA ASP G 265 12.81 -5.10 5.65
C ASP G 265 12.01 -5.48 6.89
N GLN G 266 11.22 -4.54 7.42
CA GLN G 266 10.42 -4.77 8.61
C GLN G 266 9.06 -4.12 8.44
N TYR G 267 8.05 -4.69 9.11
CA TYR G 267 6.71 -4.16 9.08
C TYR G 267 5.97 -4.60 10.33
N SER G 268 5.18 -3.69 10.89
CA SER G 268 4.37 -3.97 12.07
C SER G 268 2.90 -3.91 11.68
N SER G 269 2.16 -4.97 11.98
CA SER G 269 0.75 -5.01 11.64
C SER G 269 -0.02 -3.99 12.47
N PRO G 270 -0.94 -3.25 11.86
CA PRO G 270 -1.73 -2.27 12.61
C PRO G 270 -2.88 -2.85 13.41
N CYS G 271 -2.94 -4.17 13.55
CA CYS G 271 -4.01 -4.80 14.31
C CYS G 271 -3.95 -4.42 15.78
N SER G 272 -5.12 -4.29 16.40
CA SER G 272 -5.20 -3.91 17.80
C SER G 272 -4.77 -5.05 18.70
N SER G 273 -4.66 -4.76 19.99
CA SER G 273 -4.24 -5.76 20.97
C SER G 273 -5.27 -6.87 21.15
N ASP G 274 -6.51 -6.65 20.71
CA ASP G 274 -7.56 -7.64 20.85
C ASP G 274 -7.63 -8.61 19.68
N ALA G 275 -6.72 -8.49 18.70
CA ALA G 275 -6.71 -9.39 17.56
C ALA G 275 -6.27 -10.81 17.90
N THR G 276 -5.75 -11.04 19.11
CA THR G 276 -5.24 -12.35 19.49
C THR G 276 -6.32 -13.28 20.03
N VAL G 277 -7.53 -12.77 20.29
CA VAL G 277 -8.61 -13.59 20.82
C VAL G 277 -9.47 -14.07 19.66
N ASP G 278 -10.06 -15.26 19.82
CA ASP G 278 -10.92 -15.88 18.81
C ASP G 278 -12.36 -15.65 19.21
N ASP G 279 -12.88 -14.46 18.91
CA ASP G 279 -14.25 -14.10 19.24
C ASP G 279 -15.22 -14.39 18.10
N GLY G 280 -14.76 -14.94 16.98
CA GLY G 280 -15.59 -15.23 15.84
C GLY G 280 -15.68 -14.12 14.82
N TRP G 281 -15.29 -12.89 15.17
CA TRP G 281 -15.28 -11.81 14.20
C TRP G 281 -14.24 -12.06 13.11
N PHE G 282 -13.07 -12.57 13.49
CA PHE G 282 -11.92 -12.73 12.61
C PHE G 282 -11.45 -11.40 12.03
N VAL G 283 -11.86 -10.29 12.65
CA VAL G 283 -11.37 -8.95 12.32
C VAL G 283 -11.08 -8.24 13.63
N CYS G 284 -9.92 -7.59 13.70
CA CYS G 284 -9.57 -6.84 14.90
C CYS G 284 -10.46 -5.61 15.01
N GLU G 285 -10.51 -5.06 16.23
CA GLU G 285 -11.35 -3.89 16.48
C GLU G 285 -10.91 -2.71 15.61
N TYR G 286 -9.60 -2.55 15.42
CA TYR G 286 -9.11 -1.47 14.57
C TYR G 286 -9.61 -1.62 13.14
N HIS G 287 -9.49 -2.82 12.57
CA HIS G 287 -9.94 -3.02 11.20
C HIS G 287 -11.46 -2.96 11.10
N ALA G 288 -12.16 -3.46 12.12
CA ALA G 288 -13.62 -3.37 12.12
C ALA G 288 -14.09 -1.93 12.13
N SER G 289 -13.44 -1.08 12.92
CA SER G 289 -13.78 0.34 12.95
C SER G 289 -13.38 1.03 11.65
N ARG G 290 -12.23 0.65 11.08
CA ARG G 290 -11.73 1.33 9.88
C ARG G 290 -12.59 1.00 8.67
N PHE G 291 -12.97 -0.26 8.50
CA PHE G 291 -13.71 -0.71 7.33
C PHE G 291 -15.22 -0.76 7.58
N PHE G 292 -15.65 -1.50 8.60
CA PHE G 292 -17.08 -1.70 8.85
C PHE G 292 -17.66 -0.71 9.84
N LYS G 293 -16.85 0.21 10.37
CA LYS G 293 -17.31 1.26 11.28
C LYS G 293 -18.01 0.67 12.52
N MET G 294 -17.43 -0.38 13.08
CA MET G 294 -17.96 -1.01 14.29
C MET G 294 -16.86 -1.18 15.32
N GLU G 295 -17.25 -1.12 16.58
CA GLU G 295 -16.38 -1.50 17.69
C GLU G 295 -16.97 -2.73 18.37
N LYS G 296 -16.19 -3.34 19.26
CA LYS G 296 -16.58 -4.59 19.89
C LYS G 296 -17.06 -4.35 21.31
N LEU G 297 -18.14 -5.04 21.68
CA LEU G 297 -18.71 -4.97 23.02
C LEU G 297 -19.04 -6.38 23.48
N ALA G 298 -19.05 -6.56 24.80
CA ALA G 298 -19.37 -7.84 25.41
C ALA G 298 -20.75 -7.77 26.04
N LEU G 299 -21.51 -8.86 25.90
CA LEU G 299 -22.87 -8.95 26.41
C LEU G 299 -22.97 -10.18 27.30
N ALA G 300 -23.17 -9.95 28.61
CA ALA G 300 -23.19 -11.02 29.59
C ALA G 300 -24.63 -11.41 29.88
N ILE G 301 -24.93 -12.70 29.68
CA ILE G 301 -26.24 -13.27 29.99
C ILE G 301 -26.09 -14.11 31.26
N PRO G 302 -26.69 -13.72 32.38
CA PRO G 302 -26.59 -14.54 33.60
C PRO G 302 -27.64 -15.62 33.68
N ASP G 303 -27.23 -16.85 33.98
CA ASP G 303 -28.18 -17.95 34.09
C ASP G 303 -28.95 -17.91 35.40
N GLY G 304 -28.34 -17.40 36.47
CA GLY G 304 -28.95 -17.36 37.79
C GLY G 304 -28.15 -18.05 38.87
N THR G 305 -27.04 -18.71 38.55
CA THR G 305 -26.20 -19.35 39.53
C THR G 305 -24.82 -18.70 39.67
N GLY G 306 -24.51 -17.71 38.84
CA GLY G 306 -23.22 -17.04 38.91
C GLY G 306 -22.49 -17.03 37.59
N ASN G 307 -22.62 -18.11 36.82
CA ASN G 307 -21.96 -18.19 35.53
C ASN G 307 -22.61 -17.23 34.54
N ASN G 308 -21.78 -16.59 33.71
CA ASN G 308 -22.23 -15.63 32.72
C ASN G 308 -21.81 -16.10 31.33
N TYR G 309 -22.78 -16.15 30.41
CA TYR G 309 -22.51 -16.48 29.02
C TYR G 309 -22.22 -15.18 28.28
N TYR G 310 -20.99 -15.04 27.78
CA TYR G 310 -20.57 -13.83 27.11
C TYR G 310 -20.73 -13.97 25.59
N ARG G 311 -21.40 -13.00 24.99
CA ARG G 311 -21.61 -12.96 23.55
C ARG G 311 -21.09 -11.62 23.02
N THR G 312 -20.29 -11.68 21.96
CA THR G 312 -19.80 -10.47 21.34
C THR G 312 -20.91 -9.76 20.57
N VAL G 313 -20.80 -8.43 20.49
CA VAL G 313 -21.80 -7.62 19.81
C VAL G 313 -21.09 -6.40 19.21
N GLY G 314 -21.66 -5.90 18.11
CA GLY G 314 -21.09 -4.74 17.44
C GLY G 314 -21.73 -3.45 17.90
N LYS G 315 -20.88 -2.47 18.21
CA LYS G 315 -21.32 -1.13 18.54
C LYS G 315 -21.10 -0.23 17.33
N SER G 316 -22.17 0.41 16.87
CA SER G 316 -22.12 1.22 15.66
C SER G 316 -21.40 2.54 15.92
N LEU G 317 -20.49 2.90 15.01
CA LEU G 317 -19.79 4.17 15.06
C LEU G 317 -20.41 5.20 14.13
N VAL G 318 -21.55 4.89 13.51
CA VAL G 318 -22.20 5.80 12.58
C VAL G 318 -22.95 6.86 13.36
N ASP G 319 -22.66 8.13 13.08
CA ASP G 319 -23.34 9.23 13.74
C ASP G 319 -24.72 9.44 13.14
N ASP G 320 -25.57 10.15 13.90
CA ASP G 320 -26.93 10.43 13.43
C ASP G 320 -26.91 11.37 12.23
N LYS G 321 -25.87 12.19 12.09
CA LYS G 321 -25.79 13.11 10.95
C LYS G 321 -25.42 12.38 9.65
N ALA G 322 -24.85 11.19 9.75
CA ALA G 322 -24.48 10.45 8.54
C ALA G 322 -25.73 10.04 7.77
N GLU G 323 -25.63 10.06 6.45
CA GLU G 323 -26.77 9.76 5.58
C GLU G 323 -26.30 8.92 4.40
N GLY G 324 -27.21 8.08 3.91
CA GLY G 324 -26.93 7.32 2.70
C GLY G 324 -25.83 6.30 2.91
N ILE G 325 -24.81 6.36 2.03
CA ILE G 325 -23.74 5.37 2.04
C ILE G 325 -22.96 5.43 3.36
N GLU G 326 -22.97 6.58 4.02
CA GLU G 326 -22.27 6.70 5.31
C GLU G 326 -22.92 5.86 6.40
N ARG G 327 -24.16 5.42 6.20
CA ARG G 327 -24.87 4.61 7.18
C ARG G 327 -24.70 3.11 6.95
N ILE G 328 -23.97 2.71 5.92
CA ILE G 328 -23.77 1.30 5.61
C ILE G 328 -22.66 0.77 6.52
N LEU G 329 -23.03 -0.10 7.47
CA LEU G 329 -22.04 -0.68 8.38
C LEU G 329 -21.23 -1.76 7.67
N ILE G 330 -21.90 -2.80 7.19
CA ILE G 330 -21.27 -3.89 6.47
C ILE G 330 -21.80 -3.89 5.04
N PRO G 331 -21.01 -3.46 4.05
CA PRO G 331 -21.50 -3.49 2.68
C PRO G 331 -21.70 -4.91 2.19
N SER G 332 -22.73 -5.08 1.37
CA SER G 332 -23.03 -6.38 0.77
C SER G 332 -22.18 -6.57 -0.49
N GLN G 333 -22.26 -7.77 -1.05
CA GLN G 333 -21.52 -8.07 -2.27
C GLN G 333 -21.98 -7.26 -3.47
N ASN G 334 -23.14 -6.60 -3.38
CA ASN G 334 -23.64 -5.81 -4.49
C ASN G 334 -22.84 -4.52 -4.68
N ASN G 335 -22.53 -3.83 -3.59
CA ASN G 335 -21.91 -2.50 -3.67
C ASN G 335 -20.79 -2.35 -2.65
N TYR G 336 -20.02 -3.43 -2.42
CA TYR G 336 -18.92 -3.33 -1.47
C TYR G 336 -17.75 -2.54 -2.03
N GLU G 337 -17.56 -2.56 -3.35
CA GLU G 337 -16.44 -1.84 -3.96
C GLU G 337 -16.56 -0.34 -3.71
N THR G 338 -17.75 0.22 -3.88
CA THR G 338 -17.93 1.66 -3.70
C THR G 338 -17.89 2.04 -2.23
N VAL G 339 -18.46 1.20 -1.36
CA VAL G 339 -18.51 1.52 0.06
C VAL G 339 -17.11 1.47 0.67
N LEU G 340 -16.35 0.42 0.36
CA LEU G 340 -15.02 0.24 0.93
C LEU G 340 -13.92 0.96 0.15
N ASN G 341 -14.26 1.55 -0.99
CA ASN G 341 -13.28 2.22 -1.86
C ASN G 341 -12.15 1.28 -2.23
N LEU G 342 -12.53 0.17 -2.87
CA LEU G 342 -11.56 -0.87 -3.19
C LEU G 342 -10.53 -0.38 -4.21
N SER G 343 -10.95 0.46 -5.15
CA SER G 343 -10.03 0.95 -6.17
C SER G 343 -8.89 1.75 -5.56
N LEU G 344 -9.19 2.58 -4.56
CA LEU G 344 -8.16 3.36 -3.90
C LEU G 344 -7.30 2.50 -2.97
N LEU G 345 -7.88 1.42 -2.45
CA LEU G 345 -7.15 0.57 -1.51
C LEU G 345 -5.97 -0.12 -2.20
N GLY G 346 -5.00 -0.52 -1.38
CA GLY G 346 -3.82 -1.19 -1.87
C GLY G 346 -4.15 -2.56 -2.42
N PRO G 347 -3.24 -3.11 -3.23
CA PRO G 347 -3.52 -4.42 -3.85
C PRO G 347 -3.74 -5.55 -2.85
N ALA G 348 -3.02 -5.54 -1.72
CA ALA G 348 -3.19 -6.60 -0.74
C ALA G 348 -4.57 -6.54 -0.10
N GLU G 349 -4.98 -5.35 0.34
CA GLU G 349 -6.31 -5.20 0.93
C GLU G 349 -7.40 -5.46 -0.10
N ARG G 350 -7.17 -5.04 -1.34
CA ARG G 350 -8.15 -5.29 -2.40
C ARG G 350 -8.32 -6.80 -2.65
N LEU G 351 -7.20 -7.54 -2.69
CA LEU G 351 -7.28 -8.97 -2.89
C LEU G 351 -7.94 -9.67 -1.70
N VAL G 352 -7.64 -9.21 -0.48
CA VAL G 352 -8.26 -9.80 0.71
C VAL G 352 -9.76 -9.57 0.68
N PHE G 353 -10.19 -8.36 0.32
CA PHE G 353 -11.62 -8.08 0.25
C PHE G 353 -12.29 -8.87 -0.87
N TYR G 354 -11.59 -9.06 -1.99
CA TYR G 354 -12.14 -9.87 -3.08
C TYR G 354 -12.33 -11.31 -2.65
N MET G 355 -11.37 -11.87 -1.91
CA MET G 355 -11.52 -13.23 -1.39
C MET G 355 -12.63 -13.31 -0.34
N ILE G 356 -12.79 -12.26 0.46
CA ILE G 356 -13.82 -12.26 1.49
C ILE G 356 -15.21 -12.30 0.86
N TYR G 357 -15.42 -11.52 -0.20
CA TYR G 357 -16.72 -11.45 -0.85
C TYR G 357 -16.89 -12.48 -1.95
N ASP G 358 -15.90 -13.36 -2.16
CA ASP G 358 -16.00 -14.50 -3.07
C ASP G 358 -16.30 -14.03 -4.50
N ASN G 359 -15.34 -13.30 -5.07
CA ASN G 359 -15.41 -12.85 -6.46
C ASN G 359 -14.22 -13.52 -7.19
N LYS G 360 -14.48 -14.71 -7.72
CA LYS G 360 -13.39 -15.56 -8.21
C LYS G 360 -12.61 -14.89 -9.34
N GLU G 361 -13.32 -14.29 -10.30
CA GLU G 361 -12.65 -13.65 -11.43
C GLU G 361 -11.75 -12.51 -10.97
N LYS G 362 -12.23 -11.71 -10.01
CA LYS G 362 -11.42 -10.60 -9.52
C LYS G 362 -10.20 -11.10 -8.75
N GLN G 363 -10.37 -12.15 -7.94
CA GLN G 363 -9.21 -12.72 -7.26
C GLN G 363 -8.17 -13.21 -8.25
N ASN G 364 -8.61 -13.92 -9.29
CA ASN G 364 -7.68 -14.42 -10.30
C ASN G 364 -6.98 -13.28 -11.01
N GLU G 365 -7.72 -12.23 -11.36
CA GLU G 365 -7.12 -11.08 -12.03
C GLU G 365 -6.09 -10.39 -11.16
N ILE G 366 -6.43 -10.17 -9.89
CA ILE G 366 -5.49 -9.51 -8.98
C ILE G 366 -4.24 -10.36 -8.79
N CYS G 367 -4.41 -11.68 -8.70
CA CYS G 367 -3.24 -12.56 -8.56
C CYS G 367 -2.36 -12.50 -9.79
N GLN G 368 -2.95 -12.60 -10.99
CA GLN G 368 -2.15 -12.60 -12.20
C GLN G 368 -1.51 -11.23 -12.46
N GLN G 369 -2.06 -10.15 -11.90
CA GLN G 369 -1.39 -8.86 -11.98
C GLN G 369 -0.39 -8.62 -10.85
N LEU G 370 -0.45 -9.40 -9.78
CA LEU G 370 0.55 -9.31 -8.71
C LEU G 370 1.66 -10.33 -8.83
N ARG G 371 1.66 -11.15 -9.88
CA ARG G 371 2.81 -12.04 -10.11
C ARG G 371 4.14 -11.29 -10.11
N MET G 372 4.19 -10.10 -10.71
CA MET G 372 5.46 -9.40 -10.86
C MET G 372 6.08 -9.07 -9.50
N TYR G 373 5.25 -8.74 -8.51
CA TYR G 373 5.78 -8.41 -7.19
C TYR G 373 6.44 -9.59 -6.51
N GLU G 374 6.27 -10.81 -7.05
CA GLU G 374 7.02 -11.95 -6.53
C GLU G 374 8.52 -11.78 -6.68
N ARG G 375 8.96 -10.85 -7.56
CA ARG G 375 10.38 -10.59 -7.69
C ARG G 375 10.97 -10.01 -6.41
N PHE G 376 10.25 -9.07 -5.79
CA PHE G 376 10.77 -8.43 -4.57
C PHE G 376 10.80 -9.40 -3.41
N ARG G 377 9.69 -10.11 -3.16
CA ARG G 377 9.61 -11.11 -2.11
C ARG G 377 8.86 -12.30 -2.69
N PRO G 378 9.37 -13.52 -2.51
CA PRO G 378 8.69 -14.69 -3.06
C PRO G 378 7.42 -15.10 -2.31
N GLU G 379 6.95 -14.29 -1.37
CA GLU G 379 5.74 -14.58 -0.60
C GLU G 379 4.84 -13.35 -0.52
N VAL G 380 4.87 -12.50 -1.54
CA VAL G 380 4.01 -11.33 -1.54
C VAL G 380 2.54 -11.72 -1.66
N VAL G 381 2.23 -12.72 -2.48
CA VAL G 381 0.86 -13.13 -2.72
C VAL G 381 0.59 -14.57 -2.28
N GLU G 382 1.61 -15.43 -2.19
CA GLU G 382 1.37 -16.82 -1.86
C GLU G 382 0.95 -16.98 -0.40
N GLU G 383 1.82 -16.60 0.53
CA GLU G 383 1.51 -16.78 1.94
C GLU G 383 0.31 -15.94 2.37
N LEU G 384 0.13 -14.76 1.78
CA LEU G 384 -1.07 -13.97 2.07
C LEU G 384 -2.32 -14.73 1.65
N TYR G 385 -2.30 -15.33 0.46
CA TYR G 385 -3.44 -16.11 0.00
C TYR G 385 -3.72 -17.29 0.91
N ASN G 386 -2.67 -18.03 1.29
CA ASN G 386 -2.87 -19.20 2.15
C ASN G 386 -3.42 -18.79 3.51
N SER G 387 -2.86 -17.73 4.11
CA SER G 387 -3.32 -17.29 5.42
C SER G 387 -4.76 -16.80 5.37
N THR G 388 -5.11 -16.01 4.34
CA THR G 388 -6.48 -15.51 4.25
C THR G 388 -7.47 -16.65 4.00
N LEU G 389 -7.09 -17.61 3.16
CA LEU G 389 -7.97 -18.75 2.90
C LEU G 389 -8.15 -19.59 4.16
N ARG G 390 -7.08 -19.82 4.91
CA ARG G 390 -7.21 -20.62 6.13
C ARG G 390 -7.98 -19.89 7.21
N VAL G 391 -7.92 -18.56 7.23
CA VAL G 391 -8.74 -17.79 8.17
C VAL G 391 -10.20 -17.85 7.77
N LEU G 392 -10.49 -17.72 6.47
CA LEU G 392 -11.87 -17.79 6.00
C LEU G 392 -12.46 -19.18 6.18
N ALA G 393 -11.62 -20.22 6.13
CA ALA G 393 -12.09 -21.60 6.23
C ALA G 393 -12.74 -21.91 7.58
N LEU G 394 -12.50 -21.11 8.61
CA LEU G 394 -13.15 -21.32 9.90
C LEU G 394 -14.57 -20.77 9.95
N THR G 395 -14.99 -20.00 8.95
CA THR G 395 -16.32 -19.40 8.94
C THR G 395 -17.37 -20.25 8.24
N ASN G 396 -16.97 -21.33 7.57
CA ASN G 396 -17.95 -22.16 6.86
C ASN G 396 -18.76 -22.98 7.86
N PRO G 397 -20.03 -23.24 7.56
CA PRO G 397 -20.90 -24.06 8.42
C PRO G 397 -20.44 -25.52 8.50
N ASN G 407 -27.21 -25.77 17.36
CA ASN G 407 -28.39 -25.57 18.20
C ASN G 407 -28.94 -24.16 18.03
N GLU G 408 -28.09 -23.24 17.59
CA GLU G 408 -28.49 -21.85 17.40
C GLU G 408 -29.47 -21.74 16.24
N SER G 409 -30.50 -20.91 16.42
CA SER G 409 -31.47 -20.59 15.37
C SER G 409 -31.64 -19.08 15.35
N ARG G 410 -31.04 -18.43 14.35
CA ARG G 410 -30.98 -16.98 14.30
C ARG G 410 -31.83 -16.48 13.14
N SER G 411 -32.79 -15.60 13.44
CA SER G 411 -33.58 -14.89 12.44
C SER G 411 -33.22 -13.42 12.51
N PHE G 412 -32.98 -12.81 11.34
CA PHE G 412 -32.49 -11.44 11.26
C PHE G 412 -33.57 -10.45 10.82
N GLY G 413 -34.82 -10.74 11.14
CA GLY G 413 -35.90 -9.82 10.82
C GLY G 413 -37.29 -10.38 11.04
N LEU G 414 -38.28 -9.49 11.05
CA LEU G 414 -39.67 -9.91 11.17
C LEU G 414 -40.29 -10.29 9.84
N SER G 415 -39.57 -10.11 8.74
CA SER G 415 -40.06 -10.43 7.40
C SER G 415 -39.06 -11.33 6.68
N VAL G 416 -39.57 -12.06 5.69
CA VAL G 416 -38.73 -12.95 4.90
C VAL G 416 -37.70 -12.17 4.09
N GLU G 417 -37.95 -10.88 3.81
CA GLU G 417 -37.01 -10.09 3.04
C GLU G 417 -35.66 -9.98 3.72
N ASP G 418 -35.66 -9.72 5.04
CA ASP G 418 -34.39 -9.63 5.77
C ASP G 418 -33.65 -10.95 5.74
N ASP G 419 -34.37 -12.07 5.92
CA ASP G 419 -33.72 -13.37 5.91
C ASP G 419 -33.11 -13.69 4.56
N LEU G 420 -33.83 -13.39 3.47
CA LEU G 420 -33.30 -13.68 2.15
C LEU G 420 -32.14 -12.75 1.79
N ALA G 421 -32.18 -11.51 2.29
CA ALA G 421 -31.06 -10.60 2.08
C ALA G 421 -29.83 -11.08 2.84
N PHE G 422 -30.02 -11.61 4.04
CA PHE G 422 -28.89 -12.13 4.81
C PHE G 422 -28.34 -13.42 4.20
N ASN G 423 -29.22 -14.24 3.61
CA ASN G 423 -28.79 -15.52 3.07
C ASN G 423 -27.82 -15.36 1.90
N VAL G 424 -28.10 -14.40 1.01
CA VAL G 424 -27.29 -14.25 -0.19
C VAL G 424 -25.91 -13.65 0.08
N LEU G 425 -25.67 -13.18 1.30
CA LEU G 425 -24.39 -12.59 1.64
C LEU G 425 -23.30 -13.66 1.71
N PRO G 426 -22.04 -13.28 1.53
CA PRO G 426 -20.95 -14.25 1.63
C PRO G 426 -20.84 -14.86 3.02
N THR G 427 -20.19 -16.02 3.08
CA THR G 427 -20.12 -16.76 4.34
C THR G 427 -19.35 -15.98 5.41
N PHE G 428 -18.27 -15.29 5.02
CA PHE G 428 -17.54 -14.47 5.98
C PHE G 428 -18.39 -13.29 6.44
N ILE G 429 -19.09 -12.64 5.51
CA ILE G 429 -19.98 -11.54 5.88
C ILE G 429 -21.11 -12.04 6.76
N GLN G 430 -21.65 -13.22 6.45
CA GLN G 430 -22.71 -13.81 7.27
C GLN G 430 -22.22 -14.09 8.69
N ASN G 431 -21.01 -14.65 8.81
CA ASN G 431 -20.46 -14.91 10.13
C ASN G 431 -20.22 -13.62 10.90
N LEU G 432 -19.69 -12.59 10.23
CA LEU G 432 -19.45 -11.31 10.89
C LEU G 432 -20.76 -10.68 11.36
N ILE G 433 -21.81 -10.76 10.54
CA ILE G 433 -23.10 -10.20 10.93
C ILE G 433 -23.68 -10.98 12.11
N ARG G 434 -23.58 -12.31 12.06
CA ARG G 434 -24.12 -13.12 13.15
C ARG G 434 -23.40 -12.83 14.46
N LYS G 435 -22.08 -12.64 14.40
CA LYS G 435 -21.32 -12.36 15.61
C LYS G 435 -21.49 -10.94 16.11
N CYS G 436 -21.70 -9.98 15.21
CA CYS G 436 -21.74 -8.58 15.60
C CYS G 436 -23.14 -8.08 15.93
N VAL G 437 -24.19 -8.73 15.42
CA VAL G 437 -25.56 -8.29 15.63
C VAL G 437 -26.17 -9.15 16.73
N ALA G 438 -26.54 -8.51 17.84
CA ALA G 438 -27.19 -9.20 18.94
C ALA G 438 -28.69 -9.34 18.67
N PRO G 439 -29.33 -10.36 19.22
CA PRO G 439 -30.78 -10.52 19.03
C PRO G 439 -31.59 -9.53 19.85
N GLU G 440 -32.71 -9.12 19.27
CA GLU G 440 -33.64 -8.26 20.00
C GLU G 440 -34.21 -8.98 21.22
N SER G 441 -34.58 -10.25 21.05
CA SER G 441 -35.17 -11.05 22.13
C SER G 441 -34.58 -12.45 22.04
N LEU G 442 -33.61 -12.74 22.91
CA LEU G 442 -33.02 -14.07 22.95
C LEU G 442 -34.02 -15.06 23.52
N THR G 443 -33.85 -16.34 23.16
CA THR G 443 -34.69 -17.42 23.67
C THR G 443 -33.74 -18.52 24.16
N ILE G 444 -33.45 -18.52 25.45
CA ILE G 444 -32.46 -19.41 26.03
C ILE G 444 -33.19 -20.43 26.92
N GLY G 445 -32.77 -21.69 26.80
CA GLY G 445 -33.45 -22.76 27.52
C GLY G 445 -34.91 -22.85 27.16
N THR G 446 -35.77 -22.46 28.09
CA THR G 446 -37.20 -22.41 27.87
C THR G 446 -37.78 -21.03 28.15
N GLU G 447 -36.95 -20.00 28.28
CA GLU G 447 -37.44 -18.67 28.61
C GLU G 447 -36.87 -17.63 27.64
N ASP G 448 -37.64 -16.58 27.44
CA ASP G 448 -37.27 -15.49 26.54
C ASP G 448 -36.71 -14.32 27.34
N LEU G 449 -35.59 -13.77 26.87
CA LEU G 449 -34.94 -12.62 27.48
C LEU G 449 -34.97 -11.49 26.48
N GLN G 450 -35.82 -10.50 26.71
CA GLN G 450 -35.98 -9.37 25.79
C GLN G 450 -34.87 -8.37 26.05
N LEU G 451 -33.79 -8.47 25.27
CA LEU G 451 -32.67 -7.56 25.42
C LEU G 451 -33.08 -6.13 25.07
N ARG G 452 -33.81 -5.95 23.98
CA ARG G 452 -34.32 -4.65 23.59
C ARG G 452 -35.67 -4.83 22.90
N ASN G 453 -36.50 -3.80 22.99
CA ASN G 453 -37.85 -3.86 22.44
C ASN G 453 -37.92 -3.42 20.98
N ALA G 454 -36.89 -2.77 20.45
CA ALA G 454 -36.87 -2.31 19.08
C ALA G 454 -35.53 -2.61 18.44
N ASN G 455 -35.55 -2.84 17.13
CA ASN G 455 -34.33 -3.12 16.39
C ASN G 455 -33.48 -1.86 16.27
N THR G 456 -32.18 -2.07 16.04
CA THR G 456 -31.24 -0.98 15.88
C THR G 456 -30.51 -1.01 14.54
N CYS G 457 -30.34 -2.18 13.94
CA CYS G 457 -29.69 -2.31 12.65
C CYS G 457 -30.59 -3.13 11.72
N ARG G 458 -30.45 -2.89 10.43
CA ARG G 458 -31.26 -3.56 9.43
C ARG G 458 -30.36 -4.25 8.41
N ILE G 459 -30.92 -5.26 7.75
CA ILE G 459 -30.21 -6.02 6.73
C ILE G 459 -31.04 -5.96 5.45
N THR G 460 -30.49 -5.32 4.42
CA THR G 460 -31.15 -5.23 3.12
C THR G 460 -30.17 -5.62 2.02
N SER G 461 -30.56 -5.38 0.76
CA SER G 461 -29.67 -5.69 -0.35
C SER G 461 -28.37 -4.88 -0.28
N GLU G 462 -28.42 -3.70 0.34
CA GLU G 462 -27.21 -2.90 0.50
C GLU G 462 -26.27 -3.46 1.56
N GLY G 463 -26.75 -4.41 2.38
CA GLY G 463 -25.95 -4.99 3.43
C GLY G 463 -26.54 -4.70 4.80
N LEU G 464 -25.66 -4.62 5.80
CA LEU G 464 -26.05 -4.30 7.16
C LEU G 464 -25.88 -2.80 7.38
N LEU G 465 -26.98 -2.11 7.68
CA LEU G 465 -27.00 -0.67 7.85
C LEU G 465 -27.54 -0.30 9.22
N ALA G 466 -27.18 0.90 9.66
CA ALA G 466 -27.75 1.50 10.87
C ALA G 466 -28.91 2.39 10.43
N SER G 467 -30.05 1.75 10.18
CA SER G 467 -31.19 2.44 9.58
C SER G 467 -31.75 3.52 10.52
N VAL G 468 -31.86 3.21 11.81
CA VAL G 468 -32.44 4.16 12.75
C VAL G 468 -31.46 5.30 13.00
N ARG G 469 -31.99 6.51 13.12
CA ARG G 469 -31.17 7.71 13.34
C ARG G 469 -30.94 7.96 14.82
N LEU G 470 -30.47 6.95 15.54
CA LEU G 470 -30.16 7.11 16.95
C LEU G 470 -28.93 7.97 17.13
N TYR G 471 -28.92 8.75 18.21
CA TYR G 471 -27.80 9.62 18.51
C TYR G 471 -26.63 8.81 19.03
N ASN G 472 -25.45 9.03 18.45
CA ASN G 472 -24.24 8.34 18.84
C ASN G 472 -23.35 9.30 19.63
N SER G 473 -23.12 8.98 20.90
CA SER G 473 -22.30 9.79 21.79
C SER G 473 -21.05 9.02 22.21
N VAL G 474 -20.47 8.26 21.29
CA VAL G 474 -19.29 7.45 21.56
C VAL G 474 -18.10 8.09 20.85
N GLN G 475 -16.97 8.14 21.54
CA GLN G 475 -15.73 8.65 20.96
C GLN G 475 -14.93 7.48 20.42
N PRO G 476 -14.73 7.37 19.11
CA PRO G 476 -13.96 6.23 18.57
C PRO G 476 -12.54 6.23 19.11
N LYS G 477 -12.04 5.03 19.39
CA LYS G 477 -10.69 4.86 19.90
C LYS G 477 -9.65 4.74 18.79
N TYR G 478 -10.07 4.69 17.53
CA TYR G 478 -9.14 4.69 16.41
C TYR G 478 -9.47 5.72 15.33
N LEU G 479 -10.74 6.04 15.10
CA LEU G 479 -11.12 7.06 14.13
C LEU G 479 -11.30 8.41 14.84
N TYR G 480 -10.21 8.85 15.49
CA TYR G 480 -10.22 10.09 16.26
C TYR G 480 -9.31 11.17 15.72
N GLY G 481 -8.29 10.82 14.93
CA GLY G 481 -7.37 11.82 14.43
C GLY G 481 -8.03 12.72 13.39
N VAL G 482 -7.65 13.99 13.42
CA VAL G 482 -8.15 14.99 12.48
C VAL G 482 -6.98 15.84 12.01
N ASN G 483 -7.17 16.50 10.87
CA ASN G 483 -6.16 17.40 10.32
C ASN G 483 -6.18 18.69 11.14
N GLU G 484 -5.33 18.73 12.18
CA GLU G 484 -5.30 19.90 13.06
C GLU G 484 -4.65 21.10 12.38
N ASN G 485 -3.79 20.86 11.39
CA ASN G 485 -3.01 21.95 10.81
C ASN G 485 -3.89 22.95 10.07
N ARG G 486 -4.78 22.47 9.19
CA ARG G 486 -5.55 23.44 8.42
C ARG G 486 -6.77 23.90 9.21
N LEU G 487 -7.60 24.69 8.55
CA LEU G 487 -8.75 25.35 9.16
C LEU G 487 -10.05 24.80 8.58
N GLN G 488 -11.05 24.62 9.44
CA GLN G 488 -12.37 24.16 9.04
C GLN G 488 -13.43 25.03 9.69
N ILE G 489 -14.58 25.15 9.03
CA ILE G 489 -15.69 25.99 9.46
C ILE G 489 -16.94 25.14 9.62
N ARG G 490 -17.59 25.25 10.78
CA ARG G 490 -18.85 24.56 11.02
C ARG G 490 -19.64 25.34 12.07
N ASN G 491 -20.94 25.09 12.10
CA ASN G 491 -21.86 25.75 13.04
C ASN G 491 -22.27 24.72 14.09
N VAL G 492 -21.51 24.66 15.18
CA VAL G 492 -21.77 23.72 16.26
C VAL G 492 -22.76 24.32 17.26
N LEU G 493 -23.31 23.48 18.12
CA LEU G 493 -24.15 23.92 19.22
C LEU G 493 -23.28 24.23 20.43
N GLN G 494 -23.64 25.27 21.17
CA GLN G 494 -22.84 25.72 22.30
C GLN G 494 -23.71 25.89 23.54
N PHE G 495 -23.11 25.56 24.70
CA PHE G 495 -23.70 25.82 26.00
C PHE G 495 -22.91 26.91 26.72
N GLN G 496 -23.44 27.33 27.86
CA GLN G 496 -22.83 28.42 28.60
C GLN G 496 -21.52 27.99 29.25
N GLY G 497 -21.52 26.83 29.90
CA GLY G 497 -20.35 26.37 30.62
C GLY G 497 -20.45 26.64 32.12
N ASN G 498 -21.66 26.72 32.63
CA ASN G 498 -21.91 26.96 34.04
C ASN G 498 -22.34 25.66 34.72
N ALA G 499 -21.76 25.40 35.90
CA ALA G 499 -22.05 24.16 36.60
C ALA G 499 -23.54 24.06 36.97
N ASN G 500 -24.11 25.15 37.47
CA ASN G 500 -25.53 25.14 37.83
C ASN G 500 -26.42 25.02 36.59
N ALA G 501 -26.06 25.72 35.52
CA ALA G 501 -26.87 25.67 34.31
C ALA G 501 -26.80 24.30 33.65
N LEU G 502 -25.61 23.73 33.54
CA LEU G 502 -25.41 22.44 32.89
C LEU G 502 -25.61 21.26 33.82
N GLN G 503 -25.91 21.50 35.10
CA GLN G 503 -26.10 20.45 36.08
C GLN G 503 -24.88 19.53 36.16
N GLN G 504 -23.69 20.15 36.16
CA GLN G 504 -22.45 19.37 36.24
C GLN G 504 -22.34 18.59 37.53
N LYS G 505 -23.05 19.00 38.58
CA LYS G 505 -23.01 18.28 39.85
C LYS G 505 -23.59 16.88 39.74
N LEU G 506 -24.31 16.58 38.66
CA LEU G 506 -24.82 15.24 38.41
C LEU G 506 -23.80 14.34 37.74
N SER G 507 -22.60 14.85 37.43
CA SER G 507 -21.58 14.03 36.79
C SER G 507 -21.07 12.92 37.70
N ARG G 508 -21.19 13.09 39.03
CA ARG G 508 -20.76 12.05 39.96
C ARG G 508 -21.65 10.82 39.91
N TYR G 509 -22.87 10.94 39.37
CA TYR G 509 -23.76 9.81 39.26
C TYR G 509 -23.26 8.86 38.17
N GLU G 510 -23.76 7.62 38.21
CA GLU G 510 -23.38 6.64 37.19
C GLU G 510 -23.88 7.11 35.83
N LEU G 511 -23.00 7.05 34.83
CA LEU G 511 -23.28 7.58 33.51
C LEU G 511 -23.93 6.52 32.63
N TYR G 512 -25.04 6.90 32.00
CA TYR G 512 -25.70 6.04 31.01
C TYR G 512 -25.11 6.37 29.65
N GLN G 513 -24.23 5.51 29.15
CA GLN G 513 -23.56 5.76 27.88
C GLN G 513 -24.55 5.69 26.73
N ILE G 514 -24.55 6.70 25.88
CA ILE G 514 -25.45 6.74 24.72
C ILE G 514 -24.69 6.05 23.58
N ASN G 515 -24.77 4.72 23.57
CA ASN G 515 -24.15 3.90 22.54
C ASN G 515 -25.22 3.40 21.57
N ILE G 516 -24.75 2.81 20.48
CA ILE G 516 -25.65 2.22 19.48
C ILE G 516 -25.19 0.79 19.23
N PRO G 517 -25.49 -0.15 20.13
CA PRO G 517 -25.21 -1.56 19.83
C PRO G 517 -26.19 -2.09 18.80
N LEU G 518 -25.72 -3.07 18.02
CA LEU G 518 -26.51 -3.63 16.94
C LEU G 518 -27.45 -4.70 17.51
N PHE G 519 -28.74 -4.41 17.52
CA PHE G 519 -29.77 -5.35 17.97
C PHE G 519 -30.77 -5.54 16.85
N LEU G 520 -30.98 -6.80 16.45
CA LEU G 520 -31.90 -7.10 15.35
C LEU G 520 -32.28 -8.57 15.40
N GLY G 521 -33.55 -8.84 15.18
CA GLY G 521 -34.03 -10.20 15.05
C GLY G 521 -34.06 -10.97 16.37
N LYS G 522 -34.20 -12.28 16.23
CA LYS G 522 -34.31 -13.18 17.37
C LYS G 522 -33.27 -14.28 17.27
N GLN G 523 -32.86 -14.79 18.42
CA GLN G 523 -31.94 -15.91 18.50
C GLN G 523 -32.54 -16.96 19.42
N ILE G 524 -32.31 -18.22 19.09
CA ILE G 524 -32.79 -19.35 19.89
C ILE G 524 -31.60 -20.25 20.20
N ILE G 525 -31.33 -20.42 21.50
CA ILE G 525 -30.25 -21.29 21.97
C ILE G 525 -30.91 -22.34 22.86
N SER G 526 -30.99 -23.57 22.37
CA SER G 526 -31.60 -24.67 23.12
C SER G 526 -30.76 -25.92 22.92
N THR G 527 -30.28 -26.49 24.01
CA THR G 527 -29.44 -27.68 23.95
C THR G 527 -29.33 -28.33 25.33
N LEU H 249 -30.99 23.59 52.22
CA LEU H 249 -31.32 22.24 52.68
C LEU H 249 -30.13 21.30 52.48
N ARG H 250 -29.57 20.83 53.60
CA ARG H 250 -28.48 19.87 53.52
C ARG H 250 -28.95 18.55 52.91
N ASN H 251 -30.14 18.10 53.29
CA ASN H 251 -30.72 16.87 52.75
C ASN H 251 -31.99 17.22 52.00
N PHE H 252 -32.05 16.80 50.73
CA PHE H 252 -33.18 17.12 49.86
C PHE H 252 -34.23 16.02 49.80
N CYS H 253 -33.98 14.88 50.45
CA CYS H 253 -34.93 13.78 50.42
C CYS H 253 -36.19 14.15 51.20
N VAL H 254 -37.36 13.88 50.61
CA VAL H 254 -38.61 14.18 51.29
C VAL H 254 -38.81 13.26 52.49
N PHE H 255 -38.29 12.05 52.43
CA PHE H 255 -38.39 11.10 53.53
C PHE H 255 -37.28 11.26 54.56
N SER H 256 -36.38 12.24 54.36
CA SER H 256 -35.28 12.43 55.31
C SER H 256 -35.79 12.85 56.68
N SER H 257 -36.83 13.67 56.72
CA SER H 257 -37.38 14.15 57.99
C SER H 257 -38.11 13.07 58.77
N VAL H 258 -38.34 11.90 58.17
CA VAL H 258 -39.04 10.82 58.86
C VAL H 258 -38.15 10.26 59.96
N LYS H 259 -38.61 10.33 61.20
CA LYS H 259 -37.91 9.81 62.36
C LYS H 259 -38.91 9.05 63.22
N PRO H 260 -38.44 8.09 64.02
CA PRO H 260 -39.34 7.41 64.96
C PRO H 260 -39.97 8.43 65.91
N LEU H 261 -41.29 8.31 66.08
CA LEU H 261 -42.03 9.28 66.88
C LEU H 261 -41.97 9.01 68.37
N ASP H 262 -41.38 7.91 68.79
CA ASP H 262 -41.19 7.63 70.21
C ASP H 262 -40.02 8.45 70.75
N PHE H 263 -39.72 8.26 72.04
CA PHE H 263 -38.63 8.98 72.70
C PHE H 263 -37.32 8.31 72.32
N CYS H 264 -36.74 8.75 71.21
CA CYS H 264 -35.48 8.22 70.71
C CYS H 264 -34.38 9.25 70.99
N ASP H 265 -33.36 8.83 71.73
CA ASP H 265 -32.25 9.74 72.04
C ASP H 265 -31.46 10.12 70.79
N GLN H 266 -31.18 9.14 69.94
CA GLN H 266 -30.43 9.37 68.72
C GLN H 266 -31.04 8.58 67.58
N TYR H 267 -30.88 9.09 66.35
CA TYR H 267 -31.37 8.42 65.16
C TYR H 267 -30.55 8.87 63.96
N SER H 268 -30.25 7.92 63.08
CA SER H 268 -29.51 8.19 61.86
C SER H 268 -30.43 7.95 60.67
N SER H 269 -30.55 8.96 59.81
CA SER H 269 -31.41 8.84 58.64
C SER H 269 -30.84 7.79 57.68
N PRO H 270 -31.69 6.93 57.12
CA PRO H 270 -31.21 5.92 56.16
C PRO H 270 -30.98 6.45 54.76
N CYS H 271 -30.99 7.76 54.56
CA CYS H 271 -30.78 8.32 53.23
C CYS H 271 -29.37 8.04 52.73
N SER H 272 -29.26 7.84 51.43
CA SER H 272 -27.96 7.54 50.83
C SER H 272 -27.09 8.79 50.79
N SER H 273 -25.82 8.58 50.40
CA SER H 273 -24.87 9.69 50.34
C SER H 273 -25.21 10.69 49.24
N ASP H 274 -26.07 10.34 48.30
CA ASP H 274 -26.45 11.21 47.21
C ASP H 274 -27.66 12.09 47.55
N ALA H 275 -28.17 12.01 48.78
CA ALA H 275 -29.31 12.83 49.17
C ALA H 275 -28.96 14.29 49.34
N THR H 276 -27.68 14.65 49.34
CA THR H 276 -27.26 16.03 49.56
C THR H 276 -27.29 16.87 48.29
N VAL H 277 -27.47 16.28 47.12
CA VAL H 277 -27.48 17.02 45.87
C VAL H 277 -28.93 17.34 45.50
N ASP H 278 -29.12 18.47 44.82
CA ASP H 278 -30.45 18.92 44.40
C ASP H 278 -30.61 18.58 42.92
N ASP H 279 -30.97 17.33 42.64
CA ASP H 279 -31.16 16.85 41.28
C ASP H 279 -32.61 16.95 40.82
N GLY H 280 -33.51 17.49 41.65
CA GLY H 280 -34.91 17.61 41.31
C GLY H 280 -35.77 16.43 41.72
N TRP H 281 -35.17 15.28 42.01
CA TRP H 281 -35.94 14.14 42.48
C TRP H 281 -36.56 14.42 43.85
N PHE H 282 -35.81 15.07 44.73
CA PHE H 282 -36.19 15.28 46.13
C PHE H 282 -36.41 13.97 46.87
N VAL H 283 -35.89 12.87 46.33
CA VAL H 283 -35.87 11.58 46.99
C VAL H 283 -34.48 10.98 46.80
N CYS H 284 -33.92 10.46 47.88
CA CYS H 284 -32.60 9.83 47.77
C CYS H 284 -32.71 8.52 46.99
N GLU H 285 -31.56 8.05 46.50
CA GLU H 285 -31.55 6.82 45.72
C GLU H 285 -32.05 5.64 46.54
N TYR H 286 -31.70 5.60 47.82
CA TYR H 286 -32.18 4.52 48.68
C TYR H 286 -33.70 4.52 48.78
N HIS H 287 -34.30 5.68 49.03
CA HIS H 287 -35.75 5.75 49.15
C HIS H 287 -36.42 5.54 47.80
N ALA H 288 -35.81 6.02 46.71
CA ALA H 288 -36.37 5.80 45.38
C ALA H 288 -36.39 4.31 45.05
N SER H 289 -35.33 3.59 45.39
CA SER H 289 -35.31 2.15 45.16
C SER H 289 -36.26 1.41 46.09
N ARG H 290 -36.38 1.87 47.34
CA ARG H 290 -37.22 1.18 48.32
C ARG H 290 -38.70 1.32 47.98
N PHE H 291 -39.12 2.53 47.61
CA PHE H 291 -40.52 2.83 47.36
C PHE H 291 -40.89 2.74 45.89
N PHE H 292 -40.20 3.49 45.03
CA PHE H 292 -40.54 3.57 43.62
C PHE H 292 -39.75 2.60 42.76
N LYS H 293 -38.86 1.80 43.35
CA LYS H 293 -38.10 0.77 42.64
C LYS H 293 -37.30 1.36 41.48
N MET H 294 -36.66 2.51 41.71
CA MET H 294 -35.83 3.15 40.71
C MET H 294 -34.47 3.49 41.31
N GLU H 295 -33.45 3.48 40.46
CA GLU H 295 -32.15 4.03 40.78
C GLU H 295 -31.87 5.23 39.90
N LYS H 296 -30.82 5.97 40.23
CA LYS H 296 -30.51 7.21 39.54
C LYS H 296 -29.37 7.01 38.54
N LEU H 297 -29.53 7.62 37.36
CA LEU H 297 -28.51 7.58 36.32
C LEU H 297 -28.35 8.98 35.74
N ALA H 298 -27.15 9.25 35.21
CA ALA H 298 -26.85 10.52 34.58
C ALA H 298 -26.81 10.36 33.06
N LEU H 299 -27.33 11.36 32.35
CA LEU H 299 -27.41 11.35 30.90
C LEU H 299 -26.74 12.60 30.38
N ALA H 300 -25.61 12.44 29.69
CA ALA H 300 -24.82 13.57 29.22
C ALA H 300 -25.15 13.84 27.75
N ILE H 301 -25.57 15.07 27.46
CA ILE H 301 -25.85 15.52 26.12
C ILE H 301 -24.72 16.46 25.69
N PRO H 302 -23.89 16.08 24.73
CA PRO H 302 -22.81 16.98 24.29
C PRO H 302 -23.26 17.95 23.21
N ASP H 303 -22.95 19.24 23.41
CA ASP H 303 -23.32 20.24 22.41
C ASP H 303 -22.41 20.20 21.19
N GLY H 304 -21.14 19.84 21.37
CA GLY H 304 -20.17 19.82 20.29
C GLY H 304 -18.94 20.66 20.54
N THR H 305 -18.87 21.40 21.65
CA THR H 305 -17.70 22.19 21.98
C THR H 305 -16.98 21.69 23.23
N GLY H 306 -17.52 20.68 23.91
CA GLY H 306 -16.88 20.16 25.11
C GLY H 306 -17.82 20.13 26.31
N ASN H 307 -18.67 21.15 26.41
CA ASN H 307 -19.62 21.20 27.53
C ASN H 307 -20.67 20.12 27.38
N ASN H 308 -21.05 19.52 28.51
CA ASN H 308 -22.04 18.45 28.55
C ASN H 308 -23.19 18.86 29.44
N TYR H 309 -24.41 18.75 28.93
CA TYR H 309 -25.62 19.03 29.70
C TYR H 309 -26.06 17.71 30.34
N TYR H 310 -26.04 17.67 31.67
CA TYR H 310 -26.37 16.46 32.41
C TYR H 310 -27.83 16.48 32.84
N ARG H 311 -28.54 15.41 32.53
CA ARG H 311 -29.94 15.25 32.92
C ARG H 311 -30.10 13.95 33.69
N THR H 312 -30.76 14.02 34.84
CA THR H 312 -31.02 12.82 35.62
C THR H 312 -32.08 11.96 34.95
N VAL H 313 -31.98 10.65 35.16
CA VAL H 313 -32.90 9.69 34.57
C VAL H 313 -33.06 8.52 35.54
N GLY H 314 -34.23 7.89 35.49
CA GLY H 314 -34.52 6.76 36.35
C GLY H 314 -34.21 5.44 35.68
N LYS H 315 -33.51 4.56 36.38
CA LYS H 315 -33.24 3.21 35.95
C LYS H 315 -34.18 2.27 36.68
N SER H 316 -34.95 1.49 35.92
CA SER H 316 -35.95 0.61 36.51
C SER H 316 -35.30 -0.61 37.15
N LEU H 317 -35.74 -0.93 38.36
CA LEU H 317 -35.30 -2.13 39.07
C LEU H 317 -36.30 -3.27 38.94
N VAL H 318 -37.34 -3.12 38.13
CA VAL H 318 -38.35 -4.15 37.96
C VAL H 318 -37.82 -5.23 37.02
N ASP H 319 -37.84 -6.47 37.49
CA ASP H 319 -37.38 -7.59 36.68
C ASP H 319 -38.45 -7.98 35.66
N ASP H 320 -38.01 -8.71 34.64
CA ASP H 320 -38.94 -9.17 33.60
C ASP H 320 -39.94 -10.18 34.14
N LYS H 321 -39.58 -10.90 35.21
CA LYS H 321 -40.49 -11.87 35.79
C LYS H 321 -41.62 -11.20 36.59
N ALA H 322 -41.44 -9.95 37.00
CA ALA H 322 -42.46 -9.26 37.76
C ALA H 322 -43.70 -9.03 36.88
N GLU H 323 -44.87 -9.13 37.50
CA GLU H 323 -46.13 -9.00 36.78
C GLU H 323 -47.12 -8.20 37.62
N GLY H 324 -48.01 -7.48 36.93
CA GLY H 324 -49.07 -6.78 37.61
C GLY H 324 -48.56 -5.64 38.47
N ILE H 325 -48.97 -5.65 39.75
CA ILE H 325 -48.65 -4.57 40.67
C ILE H 325 -47.13 -4.46 40.87
N GLU H 326 -46.41 -5.56 40.67
CA GLU H 326 -44.96 -5.52 40.82
C GLU H 326 -44.29 -4.69 39.73
N ARG H 327 -44.99 -4.39 38.64
CA ARG H 327 -44.45 -3.59 37.56
C ARG H 327 -44.74 -2.10 37.70
N ILE H 328 -45.45 -1.70 38.75
CA ILE H 328 -45.79 -0.29 38.96
C ILE H 328 -44.59 0.41 39.58
N LEU H 329 -43.95 1.28 38.81
CA LEU H 329 -42.79 2.02 39.32
C LEU H 329 -43.22 3.13 40.27
N ILE H 330 -44.03 4.06 39.77
CA ILE H 330 -44.56 5.16 40.57
C ILE H 330 -46.07 5.01 40.65
N PRO H 331 -46.63 4.60 41.78
CA PRO H 331 -48.08 4.49 41.88
C PRO H 331 -48.75 5.85 41.78
N SER H 332 -49.92 5.87 41.15
CA SER H 332 -50.71 7.07 41.04
C SER H 332 -51.56 7.27 42.29
N GLN H 333 -52.23 8.42 42.36
CA GLN H 333 -53.08 8.72 43.51
C GLN H 333 -54.29 7.78 43.61
N ASN H 334 -54.58 7.02 42.55
CA ASN H 334 -55.72 6.12 42.58
C ASN H 334 -55.45 4.90 43.48
N ASN H 335 -54.26 4.31 43.38
CA ASN H 335 -53.96 3.06 44.06
C ASN H 335 -52.57 3.09 44.70
N TYR H 336 -52.18 4.24 45.24
CA TYR H 336 -50.86 4.32 45.88
C TYR H 336 -50.85 3.62 47.23
N GLU H 337 -51.99 3.58 47.92
CA GLU H 337 -52.04 2.93 49.24
C GLU H 337 -51.71 1.45 49.14
N THR H 338 -52.28 0.76 48.15
CA THR H 338 -52.03 -0.67 48.01
C THR H 338 -50.62 -0.95 47.49
N VAL H 339 -50.14 -0.11 46.57
CA VAL H 339 -48.82 -0.35 45.99
C VAL H 339 -47.73 -0.13 47.03
N LEU H 340 -47.82 0.97 47.78
CA LEU H 340 -46.80 1.33 48.76
C LEU H 340 -47.02 0.68 50.11
N ASN H 341 -48.14 -0.02 50.30
CA ASN H 341 -48.49 -0.64 51.57
C ASN H 341 -48.48 0.39 52.70
N LEU H 342 -49.33 1.41 52.53
CA LEU H 342 -49.36 2.51 53.47
C LEU H 342 -49.84 2.06 54.85
N SER H 343 -50.79 1.12 54.89
CA SER H 343 -51.32 0.65 56.17
C SER H 343 -50.23 0.02 57.03
N LEU H 344 -49.35 -0.76 56.41
CA LEU H 344 -48.27 -1.39 57.16
C LEU H 344 -47.17 -0.39 57.52
N LEU H 345 -47.01 0.66 56.71
CA LEU H 345 -45.96 1.63 56.95
C LEU H 345 -46.20 2.38 58.26
N GLY H 346 -45.12 2.94 58.81
CA GLY H 346 -45.19 3.70 60.03
C GLY H 346 -45.95 4.99 59.86
N PRO H 347 -46.39 5.58 60.96
CA PRO H 347 -47.20 6.81 60.86
C PRO H 347 -46.48 7.96 60.20
N ALA H 348 -45.17 8.10 60.41
CA ALA H 348 -44.44 9.20 59.79
C ALA H 348 -44.38 9.04 58.28
N GLU H 349 -44.02 7.85 57.81
CA GLU H 349 -43.98 7.60 56.37
C GLU H 349 -45.37 7.70 55.76
N ARG H 350 -46.38 7.21 56.49
CA ARG H 350 -47.75 7.30 56.00
C ARG H 350 -48.19 8.75 55.84
N LEU H 351 -47.87 9.60 56.83
CA LEU H 351 -48.23 11.01 56.74
C LEU H 351 -47.47 11.70 55.61
N VAL H 352 -46.19 11.36 55.44
CA VAL H 352 -45.41 11.96 54.37
C VAL H 352 -45.98 11.59 53.01
N PHE H 353 -46.35 10.31 52.84
CA PHE H 353 -46.95 9.89 51.57
C PHE H 353 -48.31 10.54 51.35
N TYR H 354 -49.09 10.72 52.43
CA TYR H 354 -50.38 11.39 52.30
C TYR H 354 -50.19 12.83 51.85
N MET H 355 -49.20 13.53 52.41
CA MET H 355 -48.93 14.90 51.97
C MET H 355 -48.40 14.94 50.54
N ILE H 356 -47.62 13.93 50.15
CA ILE H 356 -47.08 13.89 48.79
C ILE H 356 -48.20 13.75 47.77
N TYR H 357 -49.17 12.89 48.04
CA TYR H 357 -50.26 12.64 47.12
C TYR H 357 -51.45 13.58 47.32
N ASP H 358 -51.33 14.53 48.26
CA ASP H 358 -52.33 15.59 48.45
C ASP H 358 -53.71 15.01 48.77
N ASN H 359 -53.79 14.34 49.91
CA ASN H 359 -55.04 13.80 50.44
C ASN H 359 -55.32 14.52 51.76
N LYS H 360 -56.02 15.66 51.67
CA LYS H 360 -56.13 16.58 52.79
C LYS H 360 -56.80 15.91 54.00
N GLU H 361 -57.89 15.18 53.77
CA GLU H 361 -58.60 14.56 54.87
C GLU H 361 -57.72 13.54 55.59
N LYS H 362 -56.95 12.75 54.83
CA LYS H 362 -56.08 11.76 55.45
C LYS H 362 -54.94 12.44 56.22
N GLN H 363 -54.37 13.51 55.69
CA GLN H 363 -53.35 14.24 56.44
C GLN H 363 -53.92 14.77 57.75
N ASN H 364 -55.12 15.36 57.71
CA ASN H 364 -55.73 15.89 58.92
C ASN H 364 -56.00 14.77 59.93
N GLU H 365 -56.49 13.63 59.45
CA GLU H 365 -56.77 12.52 60.35
C GLU H 365 -55.49 11.98 60.99
N ILE H 366 -54.43 11.82 60.20
CA ILE H 366 -53.18 11.31 60.74
C ILE H 366 -52.61 12.30 61.76
N CYS H 367 -52.72 13.61 61.48
CA CYS H 367 -52.23 14.60 62.43
C CYS H 367 -53.00 14.55 63.74
N GLN H 368 -54.34 14.51 63.66
CA GLN H 368 -55.14 14.50 64.87
C GLN H 368 -55.01 13.20 65.65
N GLN H 369 -54.60 12.11 64.99
CA GLN H 369 -54.28 10.89 65.73
C GLN H 369 -52.84 10.83 66.21
N LEU H 370 -51.95 11.67 65.68
CA LEU H 370 -50.57 11.73 66.19
C LEU H 370 -50.35 12.87 67.19
N ARG H 371 -51.39 13.61 67.55
CA ARG H 371 -51.26 14.59 68.62
C ARG H 371 -50.67 13.99 69.90
N MET H 372 -51.08 12.77 70.26
CA MET H 372 -50.66 12.19 71.53
C MET H 372 -49.14 12.00 71.59
N TYR H 373 -48.52 11.67 70.46
CA TYR H 373 -47.07 11.47 70.43
C TYR H 373 -46.31 12.77 70.69
N GLU H 374 -46.99 13.92 70.68
CA GLU H 374 -46.33 15.16 71.08
C GLU H 374 -45.88 15.13 72.53
N ARG H 375 -46.41 14.20 73.33
CA ARG H 375 -45.96 14.07 74.72
C ARG H 375 -44.50 13.64 74.79
N PHE H 376 -44.11 12.67 73.95
CA PHE H 376 -42.74 12.18 73.98
C PHE H 376 -41.75 13.22 73.48
N ARG H 377 -42.03 13.82 72.33
CA ARG H 377 -41.20 14.87 71.77
C ARG H 377 -42.14 15.94 71.23
N PRO H 378 -41.90 17.21 71.54
CA PRO H 378 -42.79 18.28 71.05
C PRO H 378 -42.63 18.60 69.58
N GLU H 379 -41.86 17.81 68.82
CA GLU H 379 -41.66 18.03 67.40
C GLU H 379 -41.80 16.74 66.61
N VAL H 380 -42.65 15.82 67.10
CA VAL H 380 -42.87 14.57 66.39
C VAL H 380 -43.58 14.80 65.07
N VAL H 381 -44.55 15.70 65.05
CA VAL H 381 -45.34 15.96 63.85
C VAL H 381 -45.19 17.38 63.33
N GLU H 382 -44.80 18.35 64.18
CA GLU H 382 -44.73 19.74 63.73
C GLU H 382 -43.57 19.95 62.76
N GLU H 383 -42.34 19.71 63.22
CA GLU H 383 -41.18 19.95 62.36
C GLU H 383 -41.17 19.04 61.15
N LEU H 384 -41.66 17.80 61.30
CA LEU H 384 -41.79 16.92 60.15
C LEU H 384 -42.73 17.51 59.11
N TYR H 385 -43.87 18.04 59.55
CA TYR H 385 -44.82 18.66 58.65
C TYR H 385 -44.20 19.87 57.95
N ASN H 386 -43.53 20.74 58.72
CA ASN H 386 -42.94 21.93 58.11
C ASN H 386 -41.85 21.55 57.10
N SER H 387 -40.98 20.60 57.44
CA SER H 387 -39.92 20.20 56.53
C SER H 387 -40.47 19.57 55.27
N THR H 388 -41.47 18.69 55.41
CA THR H 388 -42.04 18.04 54.23
C THR H 388 -42.75 19.06 53.34
N LEU H 389 -43.49 20.00 53.96
CA LEU H 389 -44.17 21.02 53.17
C LEU H 389 -43.17 21.92 52.45
N ARG H 390 -42.09 22.30 53.12
CA ARG H 390 -41.11 23.17 52.47
C ARG H 390 -40.34 22.43 51.38
N VAL H 391 -40.17 21.11 51.52
CA VAL H 391 -39.54 20.33 50.46
C VAL H 391 -40.49 20.22 49.26
N LEU H 392 -41.77 19.99 49.52
CA LEU H 392 -42.75 19.88 48.44
C LEU H 392 -42.95 21.22 47.74
N ALA H 393 -42.76 22.33 48.45
CA ALA H 393 -42.99 23.65 47.89
C ALA H 393 -42.04 23.98 46.75
N LEU H 394 -40.93 23.28 46.61
CA LEU H 394 -40.02 23.51 45.49
C LEU H 394 -40.47 22.83 44.21
N THR H 395 -41.48 21.96 44.27
CA THR H 395 -41.93 21.22 43.09
C THR H 395 -43.06 21.92 42.35
N ASN H 396 -43.64 22.98 42.91
CA ASN H 396 -44.73 23.66 42.24
C ASN H 396 -44.22 24.46 41.04
N PRO H 397 -45.02 24.58 39.97
CA PRO H 397 -44.64 25.35 38.78
C PRO H 397 -44.54 26.85 39.07
N ASN H 407 -39.06 27.00 29.36
CA ASN H 407 -38.73 26.74 27.97
C ASN H 407 -38.96 25.27 27.62
N GLU H 408 -38.94 24.42 28.64
CA GLU H 408 -39.13 22.99 28.43
C GLU H 408 -40.56 22.70 28.01
N SER H 409 -40.71 21.78 27.05
CA SER H 409 -42.02 21.31 26.59
C SER H 409 -41.95 19.79 26.55
N ARG H 410 -42.56 19.13 27.53
CA ARG H 410 -42.45 17.70 27.70
C ARG H 410 -43.80 17.04 27.41
N SER H 411 -43.79 16.09 26.48
CA SER H 411 -44.94 15.24 26.20
C SER H 411 -44.59 13.81 26.59
N PHE H 412 -45.52 13.17 27.31
CA PHE H 412 -45.26 11.85 27.89
C PHE H 412 -45.98 10.73 27.13
N GLY H 413 -46.20 10.91 25.84
CA GLY H 413 -46.81 9.86 25.05
C GLY H 413 -47.21 10.29 23.65
N LEU H 414 -47.50 9.31 22.78
CA LEU H 414 -47.97 9.60 21.44
C LEU H 414 -49.47 9.83 21.38
N SER H 415 -50.18 9.65 22.48
CA SER H 415 -51.63 9.83 22.53
C SER H 415 -51.99 10.76 23.68
N VAL H 416 -53.17 11.38 23.56
CA VAL H 416 -53.65 12.30 24.58
C VAL H 416 -53.93 11.57 25.90
N GLU H 417 -54.14 10.26 25.86
CA GLU H 417 -54.42 9.51 27.07
C GLU H 417 -53.26 9.58 28.06
N ASP H 418 -52.03 9.41 27.55
CA ASP H 418 -50.86 9.50 28.43
C ASP H 418 -50.73 10.88 29.03
N ASP H 419 -50.94 11.92 28.22
CA ASP H 419 -50.83 13.29 28.73
C ASP H 419 -51.87 13.57 29.81
N LEU H 420 -53.11 13.13 29.60
CA LEU H 420 -54.15 13.39 30.59
C LEU H 420 -53.93 12.57 31.85
N ALA H 421 -53.38 11.36 31.70
CA ALA H 421 -53.04 10.56 32.87
C ALA H 421 -51.92 11.20 33.67
N PHE H 422 -50.94 11.79 32.99
CA PHE H 422 -49.85 12.47 33.69
C PHE H 422 -50.32 13.76 34.34
N ASN H 423 -51.29 14.44 33.71
CA ASN H 423 -51.74 15.73 34.23
C ASN H 423 -52.43 15.59 35.59
N VAL H 424 -53.26 14.56 35.75
CA VAL H 424 -54.02 14.41 36.98
C VAL H 424 -53.18 13.97 38.17
N LEU H 425 -51.92 13.60 37.95
CA LEU H 425 -51.06 13.17 39.03
C LEU H 425 -50.68 14.36 39.92
N PRO H 426 -50.32 14.08 41.18
CA PRO H 426 -49.91 15.17 42.08
C PRO H 426 -48.65 15.87 41.59
N THR H 427 -48.46 17.09 42.08
CA THR H 427 -47.34 17.91 41.60
C THR H 427 -46.00 17.29 41.94
N PHE H 428 -45.87 16.69 43.13
CA PHE H 428 -44.62 16.01 43.47
C PHE H 428 -44.41 14.79 42.58
N ILE H 429 -45.47 14.01 42.35
CA ILE H 429 -45.36 12.85 41.47
C ILE H 429 -45.04 13.30 40.05
N GLN H 430 -45.66 14.39 39.61
CA GLN H 430 -45.37 14.91 38.27
C GLN H 430 -43.91 15.34 38.15
N ASN H 431 -43.39 16.03 39.15
CA ASN H 431 -41.99 16.43 39.13
C ASN H 431 -41.06 15.22 39.14
N LEU H 432 -41.38 14.21 39.94
CA LEU H 432 -40.55 13.01 39.99
C LEU H 432 -40.56 12.29 38.65
N ILE H 433 -41.73 12.19 38.01
CA ILE H 433 -41.81 11.53 36.71
C ILE H 433 -41.04 12.33 35.66
N ARG H 434 -41.17 13.66 35.67
CA ARG H 434 -40.46 14.48 34.71
C ARG H 434 -38.95 14.35 34.87
N LYS H 435 -38.48 14.29 36.12
CA LYS H 435 -37.04 14.18 36.36
C LYS H 435 -36.52 12.78 36.09
N CYS H 436 -37.33 11.74 36.31
CA CYS H 436 -36.84 10.37 36.22
C CYS H 436 -37.03 9.75 34.84
N VAL H 437 -37.97 10.26 34.04
CA VAL H 437 -38.26 9.70 32.73
C VAL H 437 -37.57 10.56 31.68
N ALA H 438 -36.64 9.96 30.95
CA ALA H 438 -35.95 10.66 29.87
C ALA H 438 -36.79 10.63 28.59
N PRO H 439 -36.63 11.62 27.72
CA PRO H 439 -37.38 11.61 26.47
C PRO H 439 -36.85 10.61 25.46
N GLU H 440 -37.77 10.04 24.68
CA GLU H 440 -37.38 9.14 23.60
C GLU H 440 -36.55 9.88 22.56
N SER H 441 -36.97 11.10 22.20
CA SER H 441 -36.29 11.90 21.18
C SER H 441 -36.29 13.35 21.66
N LEU H 442 -35.15 13.79 22.18
CA LEU H 442 -35.01 15.17 22.62
C LEU H 442 -34.98 16.10 21.41
N THR H 443 -35.37 17.35 21.63
CA THR H 443 -35.33 18.38 20.59
C THR H 443 -34.64 19.59 21.19
N ILE H 444 -33.32 19.71 20.94
CA ILE H 444 -32.51 20.74 21.57
C ILE H 444 -32.08 21.73 20.49
N GLY H 445 -32.15 23.01 20.82
CA GLY H 445 -31.85 24.06 19.85
C GLY H 445 -32.76 23.98 18.64
N THR H 446 -32.19 23.56 17.51
CA THR H 446 -32.96 23.35 16.29
C THR H 446 -32.79 21.94 15.73
N GLU H 447 -32.24 21.01 16.51
CA GLU H 447 -32.00 19.66 16.04
C GLU H 447 -32.55 18.63 17.01
N ASP H 448 -32.93 17.48 16.46
CA ASP H 448 -33.51 16.39 17.21
C ASP H 448 -32.45 15.34 17.49
N LEU H 449 -32.39 14.87 18.73
CA LEU H 449 -31.45 13.85 19.17
C LEU H 449 -32.28 12.65 19.62
N GLN H 450 -32.28 11.58 18.81
CA GLN H 450 -33.09 10.40 19.10
C GLN H 450 -32.33 9.53 20.08
N LEU H 451 -32.63 9.69 21.37
CA LEU H 451 -31.96 8.91 22.40
C LEU H 451 -32.29 7.42 22.26
N ARG H 452 -33.57 7.10 22.03
CA ARG H 452 -33.99 5.73 21.80
C ARG H 452 -35.16 5.73 20.84
N ASN H 453 -35.30 4.63 20.10
CA ASN H 453 -36.34 4.52 19.08
C ASN H 453 -37.65 3.99 19.61
N ALA H 454 -37.67 3.40 20.81
CA ALA H 454 -38.88 2.85 21.40
C ALA H 454 -38.98 3.25 22.86
N ASN H 455 -40.21 3.39 23.34
CA ASN H 455 -40.43 3.73 24.73
C ASN H 455 -40.09 2.56 25.65
N THR H 456 -39.83 2.88 26.91
CA THR H 456 -39.50 1.88 27.92
C THR H 456 -40.45 1.91 29.11
N CYS H 457 -41.05 3.05 29.43
CA CYS H 457 -42.00 3.16 30.52
C CYS H 457 -43.27 3.81 30.00
N ARG H 458 -44.38 3.51 30.66
CA ARG H 458 -45.67 4.03 30.26
C ARG H 458 -46.34 4.73 31.44
N ILE H 459 -47.25 5.63 31.13
CA ILE H 459 -47.99 6.39 32.13
C ILE H 459 -49.48 6.18 31.87
N THR H 460 -50.15 5.53 32.82
CA THR H 460 -51.59 5.29 32.73
C THR H 460 -52.26 5.69 34.04
N SER H 461 -53.53 5.34 34.20
CA SER H 461 -54.24 5.66 35.44
C SER H 461 -53.59 4.99 36.65
N GLU H 462 -52.93 3.85 36.45
CA GLU H 462 -52.23 3.19 37.55
C GLU H 462 -50.95 3.92 37.95
N GLY H 463 -50.48 4.85 37.13
CA GLY H 463 -49.26 5.58 37.40
C GLY H 463 -48.21 5.33 36.34
N LEU H 464 -46.94 5.40 36.76
CA LEU H 464 -45.81 5.13 35.88
C LEU H 464 -45.40 3.67 36.06
N LEU H 465 -45.49 2.90 34.97
CA LEU H 465 -45.20 1.48 34.98
C LEU H 465 -44.11 1.14 33.97
N ALA H 466 -43.44 0.02 34.21
CA ALA H 466 -42.49 -0.55 33.26
C ALA H 466 -43.25 -1.58 32.42
N SER H 467 -44.00 -1.07 31.44
CA SER H 467 -44.91 -1.92 30.67
C SER H 467 -44.16 -2.97 29.87
N VAL H 468 -43.05 -2.60 29.22
CA VAL H 468 -42.31 -3.54 28.39
C VAL H 468 -41.59 -4.55 29.27
N ARG H 469 -41.57 -5.81 28.82
CA ARG H 469 -40.93 -6.90 29.56
C ARG H 469 -39.45 -7.02 29.20
N LEU H 470 -38.73 -5.93 29.29
CA LEU H 470 -37.29 -5.96 29.02
C LEU H 470 -36.56 -6.68 30.14
N TYR H 471 -35.49 -7.39 29.77
CA TYR H 471 -34.69 -8.12 30.73
C TYR H 471 -33.84 -7.16 31.55
N ASN H 472 -33.90 -7.30 32.87
CA ASN H 472 -33.14 -6.46 33.79
C ASN H 472 -31.99 -7.27 34.35
N SER H 473 -30.76 -6.85 34.04
CA SER H 473 -29.55 -7.50 34.50
C SER H 473 -28.75 -6.59 35.42
N VAL H 474 -29.45 -5.84 36.27
CA VAL H 474 -28.83 -4.90 37.19
C VAL H 474 -28.95 -5.46 38.60
N GLN H 475 -27.87 -5.35 39.37
CA GLN H 475 -27.88 -5.77 40.76
C GLN H 475 -28.18 -4.56 41.63
N PRO H 476 -29.31 -4.52 42.33
CA PRO H 476 -29.62 -3.36 43.17
C PRO H 476 -28.57 -3.17 44.26
N LYS H 477 -28.25 -1.91 44.52
CA LYS H 477 -27.28 -1.58 45.57
C LYS H 477 -27.90 -1.42 46.94
N TYR H 478 -29.23 -1.50 47.05
CA TYR H 478 -29.91 -1.47 48.33
C TYR H 478 -30.91 -2.60 48.53
N LEU H 479 -31.58 -3.07 47.48
CA LEU H 479 -32.51 -4.19 47.59
C LEU H 479 -31.79 -5.49 47.23
N TYR H 480 -30.74 -5.77 48.00
CA TYR H 480 -29.91 -6.96 47.76
C TYR H 480 -29.94 -7.97 48.89
N GLY H 481 -30.30 -7.57 50.12
CA GLY H 481 -30.32 -8.51 51.21
C GLY H 481 -31.44 -9.53 51.08
N VAL H 482 -31.14 -10.76 51.51
CA VAL H 482 -32.09 -11.86 51.48
C VAL H 482 -31.98 -12.62 52.80
N ASN H 483 -33.03 -13.38 53.11
CA ASN H 483 -33.06 -14.20 54.32
C ASN H 483 -32.18 -15.42 54.08
N GLU H 484 -30.90 -15.31 54.44
CA GLU H 484 -29.96 -16.41 54.19
C GLU H 484 -30.20 -17.58 55.14
N ASN H 485 -30.81 -17.32 56.30
CA ASN H 485 -30.93 -18.37 57.32
C ASN H 485 -31.85 -19.50 56.87
N ARG H 486 -33.05 -19.17 56.38
CA ARG H 486 -33.96 -20.24 56.03
C ARG H 486 -33.65 -20.78 54.62
N LEU H 487 -34.50 -21.70 54.19
CA LEU H 487 -34.33 -22.42 52.94
C LEU H 487 -35.42 -22.05 51.94
N GLN H 488 -35.04 -21.92 50.67
CA GLN H 488 -35.95 -21.62 49.59
C GLN H 488 -35.69 -22.55 48.42
N ILE H 489 -36.72 -22.81 47.64
CA ILE H 489 -36.66 -23.74 46.50
C ILE H 489 -37.09 -23.00 45.24
N ARG H 490 -36.27 -23.10 44.19
CA ARG H 490 -36.60 -22.54 42.89
C ARG H 490 -35.88 -23.33 41.81
N ASN H 491 -36.37 -23.21 40.59
CA ASN H 491 -35.80 -23.89 39.42
C ASN H 491 -35.10 -22.83 38.55
N VAL H 492 -33.81 -22.64 38.81
CA VAL H 492 -33.01 -21.65 38.08
C VAL H 492 -32.42 -22.29 36.83
N LEU H 493 -31.93 -21.44 35.93
CA LEU H 493 -31.20 -21.90 34.76
C LEU H 493 -29.72 -22.03 35.10
N GLN H 494 -29.08 -23.05 34.54
CA GLN H 494 -27.69 -23.35 34.86
C GLN H 494 -26.88 -23.51 33.60
N PHE H 495 -25.62 -23.07 33.67
CA PHE H 495 -24.62 -23.29 32.62
C PHE H 495 -23.54 -24.24 33.14
N GLN H 496 -22.67 -24.64 32.23
CA GLN H 496 -21.63 -25.61 32.57
C GLN H 496 -20.58 -25.00 33.49
N GLY H 497 -20.10 -23.81 33.15
CA GLY H 497 -19.03 -23.19 33.91
C GLY H 497 -17.67 -23.37 33.26
N ASN H 498 -17.66 -23.54 31.94
CA ASN H 498 -16.44 -23.71 31.17
C ASN H 498 -16.12 -22.42 30.43
N ALA H 499 -14.85 -22.02 30.48
CA ALA H 499 -14.44 -20.77 29.85
C ALA H 499 -14.67 -20.80 28.34
N ASN H 500 -14.34 -21.92 27.69
CA ASN H 500 -14.55 -22.02 26.24
C ASN H 500 -16.04 -22.08 25.91
N ALA H 501 -16.82 -22.79 26.71
CA ALA H 501 -18.26 -22.91 26.43
C ALA H 501 -18.97 -21.59 26.67
N LEU H 502 -18.66 -20.90 27.76
CA LEU H 502 -19.31 -19.65 28.12
C LEU H 502 -18.65 -18.43 27.49
N GLN H 503 -17.57 -18.62 26.72
CA GLN H 503 -16.85 -17.52 26.09
C GLN H 503 -16.39 -16.50 27.12
N GLN H 504 -15.88 -16.98 28.26
CA GLN H 504 -15.41 -16.09 29.30
C GLN H 504 -14.24 -15.21 28.85
N LYS H 505 -13.52 -15.63 27.81
CA LYS H 505 -12.42 -14.83 27.29
C LYS H 505 -12.88 -13.50 26.72
N LEU H 506 -14.18 -13.35 26.46
CA LEU H 506 -14.73 -12.08 26.00
C LEU H 506 -15.04 -11.13 27.15
N SER H 507 -14.82 -11.54 28.39
CA SER H 507 -15.09 -10.65 29.52
C SER H 507 -14.16 -9.44 29.56
N ARG H 508 -12.99 -9.54 28.95
CA ARG H 508 -12.07 -8.40 28.90
C ARG H 508 -12.59 -7.28 28.02
N TYR H 509 -13.52 -7.56 27.12
CA TYR H 509 -14.10 -6.52 26.28
C TYR H 509 -14.99 -5.60 27.10
N GLU H 510 -15.28 -4.43 26.55
CA GLU H 510 -16.16 -3.49 27.22
C GLU H 510 -17.56 -4.09 27.34
N LEU H 511 -18.13 -4.00 28.54
CA LEU H 511 -19.40 -4.65 28.83
C LEU H 511 -20.56 -3.72 28.52
N TYR H 512 -21.54 -4.24 27.77
CA TYR H 512 -22.78 -3.52 27.50
C TYR H 512 -23.77 -3.89 28.60
N GLN H 513 -23.98 -2.97 29.54
CA GLN H 513 -24.85 -3.23 30.67
C GLN H 513 -26.30 -3.34 30.21
N ILE H 514 -26.97 -4.40 30.62
CA ILE H 514 -28.39 -4.61 30.25
C ILE H 514 -29.20 -3.92 31.35
N ASN H 515 -29.38 -2.61 31.20
CA ASN H 515 -30.17 -1.82 32.11
C ASN H 515 -31.51 -1.48 31.48
N ILE H 516 -32.40 -0.92 32.30
CA ILE H 516 -33.71 -0.49 31.83
C ILE H 516 -33.91 0.97 32.25
N PRO H 517 -33.29 1.93 31.56
CA PRO H 517 -33.60 3.33 31.84
C PRO H 517 -34.98 3.70 31.32
N LEU H 518 -35.61 4.66 31.99
CA LEU H 518 -36.97 5.07 31.65
C LEU H 518 -36.91 6.07 30.50
N PHE H 519 -37.37 5.66 29.32
CA PHE H 519 -37.45 6.52 28.15
C PHE H 519 -38.88 6.53 27.65
N LEU H 520 -39.46 7.72 27.53
CA LEU H 520 -40.84 7.86 27.11
C LEU H 520 -41.10 9.28 26.64
N GLY H 521 -41.82 9.42 25.54
CA GLY H 521 -42.26 10.71 25.07
C GLY H 521 -41.13 11.55 24.47
N LYS H 522 -41.46 12.83 24.31
CA LYS H 522 -40.55 13.79 23.70
C LYS H 522 -40.34 14.98 24.62
N GLN H 523 -39.17 15.60 24.51
CA GLN H 523 -38.85 16.81 25.24
C GLN H 523 -38.35 17.86 24.26
N ILE H 524 -38.69 19.12 24.51
CA ILE H 524 -38.26 20.24 23.68
C ILE H 524 -37.60 21.27 24.59
N ILE H 525 -36.33 21.56 24.31
CA ILE H 525 -35.57 22.55 25.05
C ILE H 525 -35.10 23.59 24.03
N SER H 526 -35.71 24.77 24.07
CA SER H 526 -35.37 25.84 23.15
C SER H 526 -35.36 27.16 23.90
N THR H 527 -34.22 27.84 23.88
CA THR H 527 -34.07 29.11 24.59
C THR H 527 -32.83 29.87 24.11
#